data_9PSX
# 
_entry.id   9PSX 
# 
_audit_conform.dict_name       mmcif_pdbx.dic 
_audit_conform.dict_version    5.406 
_audit_conform.dict_location   http://mmcif.pdb.org/dictionaries/ascii/mmcif_pdbx.dic 
# 
loop_
_database_2.database_id 
_database_2.database_code 
_database_2.pdbx_database_accession 
_database_2.pdbx_DOI 
PDB   9PSX         pdb_00009psx 10.2210/pdb9psx/pdb 
WWPDB D_1000298337 ?            ?                   
# 
_pdbx_audit_revision_history.ordinal             1 
_pdbx_audit_revision_history.data_content_type   'Structure model' 
_pdbx_audit_revision_history.major_revision      1 
_pdbx_audit_revision_history.minor_revision      0 
_pdbx_audit_revision_history.revision_date       2025-10-29 
_pdbx_audit_revision_history.part_number         ? 
# 
_pdbx_audit_revision_details.ordinal             1 
_pdbx_audit_revision_details.revision_ordinal    1 
_pdbx_audit_revision_details.data_content_type   'Structure model' 
_pdbx_audit_revision_details.provider            repository 
_pdbx_audit_revision_details.type                'Initial release' 
_pdbx_audit_revision_details.description         ? 
_pdbx_audit_revision_details.details             ? 
# 
_pdbx_database_status.status_code                     REL 
_pdbx_database_status.status_code_sf                  REL 
_pdbx_database_status.status_code_mr                  ? 
_pdbx_database_status.entry_id                        9PSX 
_pdbx_database_status.recvd_initial_deposition_date   2025-07-27 
_pdbx_database_status.SG_entry                        N 
_pdbx_database_status.deposit_site                    RCSB 
_pdbx_database_status.process_site                    RCSB 
_pdbx_database_status.status_code_cs                  ? 
_pdbx_database_status.status_code_nmr_data            ? 
_pdbx_database_status.methods_development_category    ? 
_pdbx_database_status.pdb_format_compatible           N 
# 
_pdbx_contact_author.id                 2 
_pdbx_contact_author.email              geigerj@msu.edu 
_pdbx_contact_author.name_first         'James H.' 
_pdbx_contact_author.name_last          Geiger 
_pdbx_contact_author.name_mi            ? 
_pdbx_contact_author.role               'principal investigator/group leader' 
_pdbx_contact_author.identifier_ORCID   0000-0002-9443-4488 
# 
loop_
_audit_author.name 
_audit_author.pdbx_ordinal 
_audit_author.identifier_ORCID 
'Ghanbarpour, A.' 1 ? 
'Bingham, C.'     2 ? 
'Geiger, J.H.'    3 ? 
# 
_citation.abstract                  ? 
_citation.abstract_id_CAS           ? 
_citation.book_id_ISBN              ? 
_citation.book_publisher            ? 
_citation.book_publisher_city       ? 
_citation.book_title                ? 
_citation.coordinate_linkage        ? 
_citation.country                   ? 
_citation.database_id_Medline       ? 
_citation.details                   ? 
_citation.id                        primary 
_citation.journal_abbrev            'To Be Published' 
_citation.journal_id_ASTM           ? 
_citation.journal_id_CSD            0353 
_citation.journal_id_ISSN           ? 
_citation.journal_full              ? 
_citation.journal_issue             ? 
_citation.journal_volume            ? 
_citation.language                  ? 
_citation.page_first                ? 
_citation.page_last                 ? 
_citation.title                     'Exploring the Structure-Property Relationships of Protein/Fluorophore Complex' 
_citation.year                      ? 
_citation.database_id_CSD           ? 
_citation.pdbx_database_id_DOI      ? 
_citation.pdbx_database_id_PubMed   ? 
_citation.pdbx_database_id_patent   ? 
_citation.unpublished_flag          ? 
# 
loop_
_citation_author.citation_id 
_citation_author.name 
_citation_author.ordinal 
_citation_author.identifier_ORCID 
primary 'Santos, E.'      1 ? 
primary 'Ghanbarpour, A.' 2 ? 
primary 'Chandra, I.'     3 ? 
primary 'Bingham, C.'     4 ? 
primary 'Vasileiou, C.'   5 ? 
primary 'Geiger, J.H.'    6 ? 
primary 'Borhan, B.'      7 ? 
# 
loop_
_entity.id 
_entity.type 
_entity.src_method 
_entity.pdbx_description 
_entity.formula_weight 
_entity.pdbx_number_of_molecules 
_entity.pdbx_ec 
_entity.pdbx_mutation 
_entity.pdbx_fragment 
_entity.details 
1 polymer     man 'Retinol-binding protein 2'                           15636.464 1   ? Q108K:K40L:T51V:T53S:R58W:Y19W:L117E ? ? 
2 non-polymer syn '(2E)-3-[5-(4-methoxyphenyl)thiophen-2-yl]but-2-enal' 258.335   1   ? ?                                    ? ? 
3 non-polymer syn 'ACETATE ION'                                         59.044    2   ? ?                                    ? ? 
4 water       nat water                                                 18.015    214 ? ?                                    ? ? 
# 
_entity_name_com.entity_id   1 
_entity_name_com.name        'Cellular retinol-binding protein II,CRBP-II' 
# 
_entity_poly.entity_id                      1 
_entity_poly.type                           'polypeptide(L)' 
_entity_poly.nstd_linkage                   no 
_entity_poly.nstd_monomer                   no 
_entity_poly.pdbx_seq_one_letter_code       
;TRDQNGTWEMESNENFEGWMKALDIDFATRKIAVRLTQTLVIDQDGDNFKTKSTSTFWNYDVDFTVGVEFDEYTKSLDNR
HVKALVTWEGDVLVCVQKGEKENRGWKKWIEGDKLYEELTCGDQVCRQVFKKK
;
_entity_poly.pdbx_seq_one_letter_code_can   
;TRDQNGTWEMESNENFEGWMKALDIDFATRKIAVRLTQTLVIDQDGDNFKTKSTSTFWNYDVDFTVGVEFDEYTKSLDNR
HVKALVTWEGDVLVCVQKGEKENRGWKKWIEGDKLYEELTCGDQVCRQVFKKK
;
_entity_poly.pdbx_strand_id                 A 
_entity_poly.pdbx_target_identifier         ? 
# 
loop_
_pdbx_entity_nonpoly.entity_id 
_pdbx_entity_nonpoly.name 
_pdbx_entity_nonpoly.comp_id 
2 '(2E)-3-[5-(4-methoxyphenyl)thiophen-2-yl]but-2-enal' A1CKW 
3 'ACETATE ION'                                         ACT   
4 water                                                 HOH   
# 
loop_
_entity_poly_seq.entity_id 
_entity_poly_seq.num 
_entity_poly_seq.mon_id 
_entity_poly_seq.hetero 
1 1   THR n 
1 2   ARG n 
1 3   ASP n 
1 4   GLN n 
1 5   ASN n 
1 6   GLY n 
1 7   THR n 
1 8   TRP n 
1 9   GLU n 
1 10  MET n 
1 11  GLU n 
1 12  SER n 
1 13  ASN n 
1 14  GLU n 
1 15  ASN n 
1 16  PHE n 
1 17  GLU n 
1 18  GLY n 
1 19  TRP n 
1 20  MET n 
1 21  LYS n 
1 22  ALA n 
1 23  LEU n 
1 24  ASP n 
1 25  ILE n 
1 26  ASP n 
1 27  PHE n 
1 28  ALA n 
1 29  THR n 
1 30  ARG n 
1 31  LYS n 
1 32  ILE n 
1 33  ALA n 
1 34  VAL n 
1 35  ARG n 
1 36  LEU n 
1 37  THR n 
1 38  GLN n 
1 39  THR n 
1 40  LEU n 
1 41  VAL n 
1 42  ILE n 
1 43  ASP n 
1 44  GLN n 
1 45  ASP n 
1 46  GLY n 
1 47  ASP n 
1 48  ASN n 
1 49  PHE n 
1 50  LYS n 
1 51  THR n 
1 52  LYS n 
1 53  SER n 
1 54  THR n 
1 55  SER n 
1 56  THR n 
1 57  PHE n 
1 58  TRP n 
1 59  ASN n 
1 60  TYR n 
1 61  ASP n 
1 62  VAL n 
1 63  ASP n 
1 64  PHE n 
1 65  THR n 
1 66  VAL n 
1 67  GLY n 
1 68  VAL n 
1 69  GLU n 
1 70  PHE n 
1 71  ASP n 
1 72  GLU n 
1 73  TYR n 
1 74  THR n 
1 75  LYS n 
1 76  SER n 
1 77  LEU n 
1 78  ASP n 
1 79  ASN n 
1 80  ARG n 
1 81  HIS n 
1 82  VAL n 
1 83  LYS n 
1 84  ALA n 
1 85  LEU n 
1 86  VAL n 
1 87  THR n 
1 88  TRP n 
1 89  GLU n 
1 90  GLY n 
1 91  ASP n 
1 92  VAL n 
1 93  LEU n 
1 94  VAL n 
1 95  CYS n 
1 96  VAL n 
1 97  GLN n 
1 98  LYS n 
1 99  GLY n 
1 100 GLU n 
1 101 LYS n 
1 102 GLU n 
1 103 ASN n 
1 104 ARG n 
1 105 GLY n 
1 106 TRP n 
1 107 LYS n 
1 108 LYS n 
1 109 TRP n 
1 110 ILE n 
1 111 GLU n 
1 112 GLY n 
1 113 ASP n 
1 114 LYS n 
1 115 LEU n 
1 116 TYR n 
1 117 GLU n 
1 118 GLU n 
1 119 LEU n 
1 120 THR n 
1 121 CYS n 
1 122 GLY n 
1 123 ASP n 
1 124 GLN n 
1 125 VAL n 
1 126 CYS n 
1 127 ARG n 
1 128 GLN n 
1 129 VAL n 
1 130 PHE n 
1 131 LYS n 
1 132 LYS n 
1 133 LYS n 
# 
_entity_src_gen.entity_id                          1 
_entity_src_gen.pdbx_src_id                        1 
_entity_src_gen.pdbx_alt_source_flag               sample 
_entity_src_gen.pdbx_seq_type                      'Biological sequence' 
_entity_src_gen.pdbx_beg_seq_num                   1 
_entity_src_gen.pdbx_end_seq_num                   133 
_entity_src_gen.gene_src_common_name               human 
_entity_src_gen.gene_src_genus                     ? 
_entity_src_gen.pdbx_gene_src_gene                 'RBP2, CRBP2' 
_entity_src_gen.gene_src_species                   ? 
_entity_src_gen.gene_src_strain                    ? 
_entity_src_gen.gene_src_tissue                    ? 
_entity_src_gen.gene_src_tissue_fraction           ? 
_entity_src_gen.gene_src_details                   ? 
_entity_src_gen.pdbx_gene_src_fragment             ? 
_entity_src_gen.pdbx_gene_src_scientific_name      'Homo sapiens' 
_entity_src_gen.pdbx_gene_src_ncbi_taxonomy_id     9606 
_entity_src_gen.pdbx_gene_src_variant              ? 
_entity_src_gen.pdbx_gene_src_cell_line            ? 
_entity_src_gen.pdbx_gene_src_atcc                 ? 
_entity_src_gen.pdbx_gene_src_organ                ? 
_entity_src_gen.pdbx_gene_src_organelle            ? 
_entity_src_gen.pdbx_gene_src_cell                 ? 
_entity_src_gen.pdbx_gene_src_cellular_location    ? 
_entity_src_gen.host_org_common_name               ? 
_entity_src_gen.pdbx_host_org_scientific_name      'Escherichia coli' 
_entity_src_gen.pdbx_host_org_ncbi_taxonomy_id     562 
_entity_src_gen.host_org_genus                     ? 
_entity_src_gen.pdbx_host_org_gene                 ? 
_entity_src_gen.pdbx_host_org_organ                ? 
_entity_src_gen.host_org_species                   ? 
_entity_src_gen.pdbx_host_org_tissue               ? 
_entity_src_gen.pdbx_host_org_tissue_fraction      ? 
_entity_src_gen.pdbx_host_org_strain               ? 
_entity_src_gen.pdbx_host_org_variant              ? 
_entity_src_gen.pdbx_host_org_cell_line            ? 
_entity_src_gen.pdbx_host_org_atcc                 ? 
_entity_src_gen.pdbx_host_org_culture_collection   ? 
_entity_src_gen.pdbx_host_org_cell                 ? 
_entity_src_gen.pdbx_host_org_organelle            ? 
_entity_src_gen.pdbx_host_org_cellular_location    ? 
_entity_src_gen.pdbx_host_org_vector_type          ? 
_entity_src_gen.pdbx_host_org_vector               ? 
_entity_src_gen.host_org_details                   ? 
_entity_src_gen.expression_system_id               ? 
_entity_src_gen.plasmid_name                       ? 
_entity_src_gen.plasmid_details                    ? 
_entity_src_gen.pdbx_description                   ? 
# 
loop_
_chem_comp.id 
_chem_comp.type 
_chem_comp.mon_nstd_flag 
_chem_comp.name 
_chem_comp.pdbx_synonyms 
_chem_comp.formula 
_chem_comp.formula_weight 
A1CKW non-polymer         . '(2E)-3-[5-(4-methoxyphenyl)thiophen-2-yl]but-2-enal' ? 'C15 H14 O2 S'   258.335 
ACT   non-polymer         . 'ACETATE ION'                                         ? 'C2 H3 O2 -1'    59.044  
ALA   'L-peptide linking' y ALANINE                                               ? 'C3 H7 N O2'     89.093  
ARG   'L-peptide linking' y ARGININE                                              ? 'C6 H15 N4 O2 1' 175.209 
ASN   'L-peptide linking' y ASPARAGINE                                            ? 'C4 H8 N2 O3'    132.118 
ASP   'L-peptide linking' y 'ASPARTIC ACID'                                       ? 'C4 H7 N O4'     133.103 
CYS   'L-peptide linking' y CYSTEINE                                              ? 'C3 H7 N O2 S'   121.158 
GLN   'L-peptide linking' y GLUTAMINE                                             ? 'C5 H10 N2 O3'   146.144 
GLU   'L-peptide linking' y 'GLUTAMIC ACID'                                       ? 'C5 H9 N O4'     147.129 
GLY   'peptide linking'   y GLYCINE                                               ? 'C2 H5 N O2'     75.067  
HIS   'L-peptide linking' y HISTIDINE                                             ? 'C6 H10 N3 O2 1' 156.162 
HOH   non-polymer         . WATER                                                 ? 'H2 O'           18.015  
ILE   'L-peptide linking' y ISOLEUCINE                                            ? 'C6 H13 N O2'    131.173 
LEU   'L-peptide linking' y LEUCINE                                               ? 'C6 H13 N O2'    131.173 
LYS   'L-peptide linking' y LYSINE                                                ? 'C6 H15 N2 O2 1' 147.195 
MET   'L-peptide linking' y METHIONINE                                            ? 'C5 H11 N O2 S'  149.211 
PHE   'L-peptide linking' y PHENYLALANINE                                         ? 'C9 H11 N O2'    165.189 
SER   'L-peptide linking' y SERINE                                                ? 'C3 H7 N O3'     105.093 
THR   'L-peptide linking' y THREONINE                                             ? 'C4 H9 N O3'     119.119 
TRP   'L-peptide linking' y TRYPTOPHAN                                            ? 'C11 H12 N2 O2'  204.225 
TYR   'L-peptide linking' y TYROSINE                                              ? 'C9 H11 N O3'    181.189 
VAL   'L-peptide linking' y VALINE                                                ? 'C5 H11 N O2'    117.146 
# 
loop_
_pdbx_poly_seq_scheme.asym_id 
_pdbx_poly_seq_scheme.entity_id 
_pdbx_poly_seq_scheme.seq_id 
_pdbx_poly_seq_scheme.mon_id 
_pdbx_poly_seq_scheme.ndb_seq_num 
_pdbx_poly_seq_scheme.pdb_seq_num 
_pdbx_poly_seq_scheme.auth_seq_num 
_pdbx_poly_seq_scheme.pdb_mon_id 
_pdbx_poly_seq_scheme.auth_mon_id 
_pdbx_poly_seq_scheme.pdb_strand_id 
_pdbx_poly_seq_scheme.pdb_ins_code 
_pdbx_poly_seq_scheme.hetero 
A 1 1   THR 1   1   1   THR THR A . n 
A 1 2   ARG 2   2   2   ARG ARG A . n 
A 1 3   ASP 3   3   3   ASP ASP A . n 
A 1 4   GLN 4   4   4   GLN GLN A . n 
A 1 5   ASN 5   5   5   ASN ASN A . n 
A 1 6   GLY 6   6   6   GLY GLY A . n 
A 1 7   THR 7   7   7   THR THR A . n 
A 1 8   TRP 8   8   8   TRP TRP A . n 
A 1 9   GLU 9   9   9   GLU GLU A . n 
A 1 10  MET 10  10  10  MET MET A . n 
A 1 11  GLU 11  11  11  GLU GLU A . n 
A 1 12  SER 12  12  12  SER SER A . n 
A 1 13  ASN 13  13  13  ASN ASN A . n 
A 1 14  GLU 14  14  14  GLU GLU A . n 
A 1 15  ASN 15  15  15  ASN ASN A . n 
A 1 16  PHE 16  16  16  PHE PHE A . n 
A 1 17  GLU 17  17  17  GLU GLU A . n 
A 1 18  GLY 18  18  18  GLY GLY A . n 
A 1 19  TRP 19  19  19  TRP TRP A . n 
A 1 20  MET 20  20  20  MET MET A . n 
A 1 21  LYS 21  21  21  LYS LYS A . n 
A 1 22  ALA 22  22  22  ALA ALA A . n 
A 1 23  LEU 23  23  23  LEU LEU A . n 
A 1 24  ASP 24  24  24  ASP ASP A . n 
A 1 25  ILE 25  25  25  ILE ILE A . n 
A 1 26  ASP 26  26  26  ASP ASP A . n 
A 1 27  PHE 27  27  27  PHE PHE A . n 
A 1 28  ALA 28  28  28  ALA ALA A . n 
A 1 29  THR 29  29  29  THR THR A . n 
A 1 30  ARG 30  30  30  ARG ARG A . n 
A 1 31  LYS 31  31  31  LYS LYS A . n 
A 1 32  ILE 32  32  32  ILE ILE A . n 
A 1 33  ALA 33  33  33  ALA ALA A . n 
A 1 34  VAL 34  34  34  VAL VAL A . n 
A 1 35  ARG 35  35  35  ARG ARG A . n 
A 1 36  LEU 36  36  36  LEU LEU A . n 
A 1 37  THR 37  37  37  THR THR A . n 
A 1 38  GLN 38  38  38  GLN GLN A . n 
A 1 39  THR 39  39  39  THR THR A . n 
A 1 40  LEU 40  40  40  LEU LEU A . n 
A 1 41  VAL 41  41  41  VAL VAL A . n 
A 1 42  ILE 42  42  42  ILE ILE A . n 
A 1 43  ASP 43  43  43  ASP ASP A . n 
A 1 44  GLN 44  44  44  GLN GLN A . n 
A 1 45  ASP 45  45  45  ASP ASP A . n 
A 1 46  GLY 46  46  46  GLY GLY A . n 
A 1 47  ASP 47  47  47  ASP ASP A . n 
A 1 48  ASN 48  48  48  ASN ASN A . n 
A 1 49  PHE 49  49  49  PHE PHE A . n 
A 1 50  LYS 50  50  50  LYS LYS A . n 
A 1 51  THR 51  51  51  THR THR A . n 
A 1 52  LYS 52  52  52  LYS LYS A . n 
A 1 53  SER 53  53  53  SER SER A . n 
A 1 54  THR 54  54  54  THR THR A . n 
A 1 55  SER 55  55  55  SER SER A . n 
A 1 56  THR 56  56  56  THR THR A . n 
A 1 57  PHE 57  57  57  PHE PHE A . n 
A 1 58  TRP 58  58  58  TRP TRP A . n 
A 1 59  ASN 59  59  59  ASN ASN A . n 
A 1 60  TYR 60  60  60  TYR TYR A . n 
A 1 61  ASP 61  61  61  ASP ASP A . n 
A 1 62  VAL 62  62  62  VAL VAL A . n 
A 1 63  ASP 63  63  63  ASP ASP A . n 
A 1 64  PHE 64  64  64  PHE PHE A . n 
A 1 65  THR 65  65  65  THR THR A . n 
A 1 66  VAL 66  66  66  VAL VAL A . n 
A 1 67  GLY 67  67  67  GLY GLY A . n 
A 1 68  VAL 68  68  68  VAL VAL A . n 
A 1 69  GLU 69  69  69  GLU GLU A . n 
A 1 70  PHE 70  70  70  PHE PHE A . n 
A 1 71  ASP 71  71  71  ASP ASP A . n 
A 1 72  GLU 72  72  72  GLU GLU A . n 
A 1 73  TYR 73  73  73  TYR TYR A . n 
A 1 74  THR 74  74  74  THR THR A . n 
A 1 75  LYS 75  75  75  LYS LYS A . n 
A 1 76  SER 76  76  76  SER SER A . n 
A 1 77  LEU 77  77  77  LEU LEU A . n 
A 1 78  ASP 78  78  78  ASP ASP A . n 
A 1 79  ASN 79  79  79  ASN ASN A . n 
A 1 80  ARG 80  80  80  ARG ARG A . n 
A 1 81  HIS 81  81  81  HIS HIS A . n 
A 1 82  VAL 82  82  82  VAL VAL A . n 
A 1 83  LYS 83  83  83  LYS LYS A . n 
A 1 84  ALA 84  84  84  ALA ALA A . n 
A 1 85  LEU 85  85  85  LEU LEU A . n 
A 1 86  VAL 86  86  86  VAL VAL A . n 
A 1 87  THR 87  87  87  THR THR A . n 
A 1 88  TRP 88  88  88  TRP TRP A . n 
A 1 89  GLU 89  89  89  GLU GLU A . n 
A 1 90  GLY 90  90  90  GLY GLY A . n 
A 1 91  ASP 91  91  91  ASP ASP A . n 
A 1 92  VAL 92  92  92  VAL VAL A . n 
A 1 93  LEU 93  93  93  LEU LEU A . n 
A 1 94  VAL 94  94  94  VAL VAL A . n 
A 1 95  CYS 95  95  95  CYS CYS A . n 
A 1 96  VAL 96  96  96  VAL VAL A . n 
A 1 97  GLN 97  97  97  GLN GLN A . n 
A 1 98  LYS 98  98  98  LYS LYS A . n 
A 1 99  GLY 99  99  99  GLY GLY A . n 
A 1 100 GLU 100 100 100 GLU GLU A . n 
A 1 101 LYS 101 101 101 LYS LYS A . n 
A 1 102 GLU 102 102 102 GLU GLU A . n 
A 1 103 ASN 103 103 103 ASN ASN A . n 
A 1 104 ARG 104 104 104 ARG ARG A . n 
A 1 105 GLY 105 105 105 GLY GLY A . n 
A 1 106 TRP 106 106 106 TRP TRP A . n 
A 1 107 LYS 107 107 107 LYS LYS A . n 
A 1 108 LYS 108 108 108 LYS LYS A . n 
A 1 109 TRP 109 109 109 TRP TRP A . n 
A 1 110 ILE 110 110 110 ILE ILE A . n 
A 1 111 GLU 111 111 111 GLU GLU A . n 
A 1 112 GLY 112 112 112 GLY GLY A . n 
A 1 113 ASP 113 113 113 ASP ASP A . n 
A 1 114 LYS 114 114 114 LYS LYS A . n 
A 1 115 LEU 115 115 115 LEU LEU A . n 
A 1 116 TYR 116 116 116 TYR TYR A . n 
A 1 117 GLU 117 117 117 GLU GLU A . n 
A 1 118 GLU 118 118 118 GLU GLU A . n 
A 1 119 LEU 119 119 119 LEU LEU A . n 
A 1 120 THR 120 120 120 THR THR A . n 
A 1 121 CYS 121 121 121 CYS CYS A . n 
A 1 122 GLY 122 122 122 GLY GLY A . n 
A 1 123 ASP 123 123 123 ASP ASP A . n 
A 1 124 GLN 124 124 124 GLN GLN A . n 
A 1 125 VAL 125 125 125 VAL VAL A . n 
A 1 126 CYS 126 126 126 CYS CYS A . n 
A 1 127 ARG 127 127 127 ARG ARG A . n 
A 1 128 GLN 128 128 128 GLN GLN A . n 
A 1 129 VAL 129 129 129 VAL VAL A . n 
A 1 130 PHE 130 130 130 PHE PHE A . n 
A 1 131 LYS 131 131 131 LYS LYS A . n 
A 1 132 LYS 132 132 132 LYS LYS A . n 
A 1 133 LYS 133 133 133 LYS LYS A . n 
# 
_pdbx_entity_instance_feature.ordinal        1 
_pdbx_entity_instance_feature.comp_id        A1CKW 
_pdbx_entity_instance_feature.asym_id        ? 
_pdbx_entity_instance_feature.seq_num        ? 
_pdbx_entity_instance_feature.auth_comp_id   A1CKW 
_pdbx_entity_instance_feature.auth_asym_id   ? 
_pdbx_entity_instance_feature.auth_seq_num   ? 
_pdbx_entity_instance_feature.feature_type   'SUBJECT OF INVESTIGATION' 
_pdbx_entity_instance_feature.details        ? 
# 
loop_
_pdbx_nonpoly_scheme.asym_id 
_pdbx_nonpoly_scheme.entity_id 
_pdbx_nonpoly_scheme.mon_id 
_pdbx_nonpoly_scheme.ndb_seq_num 
_pdbx_nonpoly_scheme.pdb_seq_num 
_pdbx_nonpoly_scheme.auth_seq_num 
_pdbx_nonpoly_scheme.pdb_mon_id 
_pdbx_nonpoly_scheme.auth_mon_id 
_pdbx_nonpoly_scheme.pdb_strand_id 
_pdbx_nonpoly_scheme.pdb_ins_code 
B 2 A1CKW 1   201 201 A1CKW TF4 A . 
C 3 ACT   1   202 4   ACT   ACT A . 
D 3 ACT   1   203 7   ACT   ACT A . 
E 4 HOH   1   301 61  HOH   HOH A . 
E 4 HOH   2   302 139 HOH   HOH A . 
E 4 HOH   3   303 127 HOH   HOH A . 
E 4 HOH   4   304 155 HOH   HOH A . 
E 4 HOH   5   305 161 HOH   HOH A . 
E 4 HOH   6   306 157 HOH   HOH A . 
E 4 HOH   7   307 93  HOH   HOH A . 
E 4 HOH   8   308 98  HOH   HOH A . 
E 4 HOH   9   309 74  HOH   HOH A . 
E 4 HOH   10  310 146 HOH   HOH A . 
E 4 HOH   11  311 66  HOH   HOH A . 
E 4 HOH   12  312 85  HOH   HOH A . 
E 4 HOH   13  313 204 HOH   HOH A . 
E 4 HOH   14  314 109 HOH   HOH A . 
E 4 HOH   15  315 111 HOH   HOH A . 
E 4 HOH   16  316 49  HOH   HOH A . 
E 4 HOH   17  317 54  HOH   HOH A . 
E 4 HOH   18  318 144 HOH   HOH A . 
E 4 HOH   19  319 21  HOH   HOH A . 
E 4 HOH   20  320 73  HOH   HOH A . 
E 4 HOH   21  321 121 HOH   HOH A . 
E 4 HOH   22  322 34  HOH   HOH A . 
E 4 HOH   23  323 165 HOH   HOH A . 
E 4 HOH   24  324 96  HOH   HOH A . 
E 4 HOH   25  325 2   HOH   HOH A . 
E 4 HOH   26  326 104 HOH   HOH A . 
E 4 HOH   27  327 67  HOH   HOH A . 
E 4 HOH   28  328 105 HOH   HOH A . 
E 4 HOH   29  329 147 HOH   HOH A . 
E 4 HOH   30  330 226 HOH   HOH A . 
E 4 HOH   31  331 47  HOH   HOH A . 
E 4 HOH   32  332 44  HOH   HOH A . 
E 4 HOH   33  333 28  HOH   HOH A . 
E 4 HOH   34  334 82  HOH   HOH A . 
E 4 HOH   35  335 35  HOH   HOH A . 
E 4 HOH   36  336 137 HOH   HOH A . 
E 4 HOH   37  337 7   HOH   HOH A . 
E 4 HOH   38  338 129 HOH   HOH A . 
E 4 HOH   39  339 55  HOH   HOH A . 
E 4 HOH   40  340 33  HOH   HOH A . 
E 4 HOH   41  341 217 HOH   HOH A . 
E 4 HOH   42  342 133 HOH   HOH A . 
E 4 HOH   43  343 4   HOH   HOH A . 
E 4 HOH   44  344 30  HOH   HOH A . 
E 4 HOH   45  345 69  HOH   HOH A . 
E 4 HOH   46  346 115 HOH   HOH A . 
E 4 HOH   47  347 29  HOH   HOH A . 
E 4 HOH   48  348 106 HOH   HOH A . 
E 4 HOH   49  349 90  HOH   HOH A . 
E 4 HOH   50  350 25  HOH   HOH A . 
E 4 HOH   51  351 22  HOH   HOH A . 
E 4 HOH   52  352 163 HOH   HOH A . 
E 4 HOH   53  353 209 HOH   HOH A . 
E 4 HOH   54  354 14  HOH   HOH A . 
E 4 HOH   55  355 20  HOH   HOH A . 
E 4 HOH   56  356 80  HOH   HOH A . 
E 4 HOH   57  357 123 HOH   HOH A . 
E 4 HOH   58  358 78  HOH   HOH A . 
E 4 HOH   59  359 1   HOH   HOH A . 
E 4 HOH   60  360 222 HOH   HOH A . 
E 4 HOH   61  361 87  HOH   HOH A . 
E 4 HOH   62  362 168 HOH   HOH A . 
E 4 HOH   63  363 126 HOH   HOH A . 
E 4 HOH   64  364 36  HOH   HOH A . 
E 4 HOH   65  365 31  HOH   HOH A . 
E 4 HOH   66  366 114 HOH   HOH A . 
E 4 HOH   67  367 8   HOH   HOH A . 
E 4 HOH   68  368 118 HOH   HOH A . 
E 4 HOH   69  369 23  HOH   HOH A . 
E 4 HOH   70  370 76  HOH   HOH A . 
E 4 HOH   71  371 110 HOH   HOH A . 
E 4 HOH   72  372 6   HOH   HOH A . 
E 4 HOH   73  373 32  HOH   HOH A . 
E 4 HOH   74  374 167 HOH   HOH A . 
E 4 HOH   75  375 94  HOH   HOH A . 
E 4 HOH   76  376 166 HOH   HOH A . 
E 4 HOH   77  377 219 HOH   HOH A . 
E 4 HOH   78  378 152 HOH   HOH A . 
E 4 HOH   79  379 39  HOH   HOH A . 
E 4 HOH   80  380 88  HOH   HOH A . 
E 4 HOH   81  381 198 HOH   HOH A . 
E 4 HOH   82  382 99  HOH   HOH A . 
E 4 HOH   83  383 17  HOH   HOH A . 
E 4 HOH   84  384 19  HOH   HOH A . 
E 4 HOH   85  385 5   HOH   HOH A . 
E 4 HOH   86  386 201 HOH   HOH A . 
E 4 HOH   87  387 58  HOH   HOH A . 
E 4 HOH   88  388 196 HOH   HOH A . 
E 4 HOH   89  389 41  HOH   HOH A . 
E 4 HOH   90  390 60  HOH   HOH A . 
E 4 HOH   91  391 68  HOH   HOH A . 
E 4 HOH   92  392 37  HOH   HOH A . 
E 4 HOH   93  393 10  HOH   HOH A . 
E 4 HOH   94  394 135 HOH   HOH A . 
E 4 HOH   95  395 77  HOH   HOH A . 
E 4 HOH   96  396 24  HOH   HOH A . 
E 4 HOH   97  397 125 HOH   HOH A . 
E 4 HOH   98  398 151 HOH   HOH A . 
E 4 HOH   99  399 71  HOH   HOH A . 
E 4 HOH   100 400 38  HOH   HOH A . 
E 4 HOH   101 401 83  HOH   HOH A . 
E 4 HOH   102 402 141 HOH   HOH A . 
E 4 HOH   103 403 62  HOH   HOH A . 
E 4 HOH   104 404 107 HOH   HOH A . 
E 4 HOH   105 405 48  HOH   HOH A . 
E 4 HOH   106 406 15  HOH   HOH A . 
E 4 HOH   107 407 86  HOH   HOH A . 
E 4 HOH   108 408 18  HOH   HOH A . 
E 4 HOH   109 409 27  HOH   HOH A . 
E 4 HOH   110 410 200 HOH   HOH A . 
E 4 HOH   111 411 124 HOH   HOH A . 
E 4 HOH   112 412 64  HOH   HOH A . 
E 4 HOH   113 413 117 HOH   HOH A . 
E 4 HOH   114 414 51  HOH   HOH A . 
E 4 HOH   115 415 11  HOH   HOH A . 
E 4 HOH   116 416 225 HOH   HOH A . 
E 4 HOH   117 417 13  HOH   HOH A . 
E 4 HOH   118 418 193 HOH   HOH A . 
E 4 HOH   119 419 9   HOH   HOH A . 
E 4 HOH   120 420 142 HOH   HOH A . 
E 4 HOH   121 421 57  HOH   HOH A . 
E 4 HOH   122 422 176 HOH   HOH A . 
E 4 HOH   123 423 92  HOH   HOH A . 
E 4 HOH   124 424 218 HOH   HOH A . 
E 4 HOH   125 425 221 HOH   HOH A . 
E 4 HOH   126 426 130 HOH   HOH A . 
E 4 HOH   127 427 128 HOH   HOH A . 
E 4 HOH   128 428 102 HOH   HOH A . 
E 4 HOH   129 429 171 HOH   HOH A . 
E 4 HOH   130 430 26  HOH   HOH A . 
E 4 HOH   131 431 202 HOH   HOH A . 
E 4 HOH   132 432 173 HOH   HOH A . 
E 4 HOH   133 433 3   HOH   HOH A . 
E 4 HOH   134 434 172 HOH   HOH A . 
E 4 HOH   135 435 185 HOH   HOH A . 
E 4 HOH   136 436 16  HOH   HOH A . 
E 4 HOH   137 437 131 HOH   HOH A . 
E 4 HOH   138 438 103 HOH   HOH A . 
E 4 HOH   139 439 72  HOH   HOH A . 
E 4 HOH   140 440 195 HOH   HOH A . 
E 4 HOH   141 441 181 HOH   HOH A . 
E 4 HOH   142 442 89  HOH   HOH A . 
E 4 HOH   143 443 52  HOH   HOH A . 
E 4 HOH   144 444 197 HOH   HOH A . 
E 4 HOH   145 445 178 HOH   HOH A . 
E 4 HOH   146 446 59  HOH   HOH A . 
E 4 HOH   147 447 42  HOH   HOH A . 
E 4 HOH   148 448 220 HOH   HOH A . 
E 4 HOH   149 449 79  HOH   HOH A . 
E 4 HOH   150 450 101 HOH   HOH A . 
E 4 HOH   151 451 184 HOH   HOH A . 
E 4 HOH   152 452 40  HOH   HOH A . 
E 4 HOH   153 453 63  HOH   HOH A . 
E 4 HOH   154 454 191 HOH   HOH A . 
E 4 HOH   155 455 186 HOH   HOH A . 
E 4 HOH   156 456 153 HOH   HOH A . 
E 4 HOH   157 457 177 HOH   HOH A . 
E 4 HOH   158 458 136 HOH   HOH A . 
E 4 HOH   159 459 227 HOH   HOH A . 
E 4 HOH   160 460 162 HOH   HOH A . 
E 4 HOH   161 461 122 HOH   HOH A . 
E 4 HOH   162 462 140 HOH   HOH A . 
E 4 HOH   163 463 169 HOH   HOH A . 
E 4 HOH   164 464 46  HOH   HOH A . 
E 4 HOH   165 465 159 HOH   HOH A . 
E 4 HOH   166 466 113 HOH   HOH A . 
E 4 HOH   167 467 189 HOH   HOH A . 
E 4 HOH   168 468 150 HOH   HOH A . 
E 4 HOH   169 469 164 HOH   HOH A . 
E 4 HOH   170 470 212 HOH   HOH A . 
E 4 HOH   171 471 116 HOH   HOH A . 
E 4 HOH   172 472 95  HOH   HOH A . 
E 4 HOH   173 473 194 HOH   HOH A . 
E 4 HOH   174 474 183 HOH   HOH A . 
E 4 HOH   175 475 120 HOH   HOH A . 
E 4 HOH   176 476 216 HOH   HOH A . 
E 4 HOH   177 477 205 HOH   HOH A . 
E 4 HOH   178 478 210 HOH   HOH A . 
E 4 HOH   179 479 56  HOH   HOH A . 
E 4 HOH   180 480 97  HOH   HOH A . 
E 4 HOH   181 481 211 HOH   HOH A . 
E 4 HOH   182 482 45  HOH   HOH A . 
E 4 HOH   183 483 179 HOH   HOH A . 
E 4 HOH   184 484 81  HOH   HOH A . 
E 4 HOH   185 485 149 HOH   HOH A . 
E 4 HOH   186 486 224 HOH   HOH A . 
E 4 HOH   187 487 208 HOH   HOH A . 
E 4 HOH   188 488 112 HOH   HOH A . 
E 4 HOH   189 489 223 HOH   HOH A . 
E 4 HOH   190 490 65  HOH   HOH A . 
E 4 HOH   191 491 70  HOH   HOH A . 
E 4 HOH   192 492 214 HOH   HOH A . 
E 4 HOH   193 493 91  HOH   HOH A . 
E 4 HOH   194 494 100 HOH   HOH A . 
E 4 HOH   195 495 50  HOH   HOH A . 
E 4 HOH   196 496 156 HOH   HOH A . 
E 4 HOH   197 497 188 HOH   HOH A . 
E 4 HOH   198 498 75  HOH   HOH A . 
E 4 HOH   199 499 145 HOH   HOH A . 
E 4 HOH   200 500 12  HOH   HOH A . 
E 4 HOH   201 501 182 HOH   HOH A . 
E 4 HOH   202 502 143 HOH   HOH A . 
E 4 HOH   203 503 84  HOH   HOH A . 
E 4 HOH   204 504 148 HOH   HOH A . 
E 4 HOH   205 505 213 HOH   HOH A . 
E 4 HOH   206 506 134 HOH   HOH A . 
E 4 HOH   207 507 158 HOH   HOH A . 
E 4 HOH   208 508 174 HOH   HOH A . 
E 4 HOH   209 509 207 HOH   HOH A . 
E 4 HOH   210 510 43  HOH   HOH A . 
E 4 HOH   211 511 108 HOH   HOH A . 
E 4 HOH   212 512 160 HOH   HOH A . 
E 4 HOH   213 513 53  HOH   HOH A . 
E 4 HOH   214 514 170 HOH   HOH A . 
# 
loop_
_software.citation_id 
_software.classification 
_software.compiler_name 
_software.compiler_version 
_software.contact_author 
_software.contact_author_email 
_software.date 
_software.description 
_software.dependencies 
_software.hardware 
_software.language 
_software.location 
_software.mods 
_software.name 
_software.os 
_software.os_version 
_software.type 
_software.version 
_software.pdbx_reference_DOI 
_software.pdbx_ordinal 
? refinement       ? ? ? ? ? ? ? ? ? ? ? PHENIX   ? ? ? 1.21.2_5419 ? 1 
? 'model building' ? ? ? ? ? ? ? ? ? ? ? Coot     ? ? ? .           ? 2 
? 'data scaling'   ? ? ? ? ? ? ? ? ? ? ? HKL-2000 ? ? ? .           ? 3 
? phasing          ? ? ? ? ? ? ? ? ? ? ? PHASER   ? ? ? .           ? 4 
? 'data reduction' ? ? ? ? ? ? ? ? ? ? ? HKL-2000 ? ? ? .           ? 5 
# 
_cell.angle_alpha                  90.000 
_cell.angle_alpha_esd              ? 
_cell.angle_beta                   90.384 
_cell.angle_beta_esd               ? 
_cell.angle_gamma                  90.000 
_cell.angle_gamma_esd              ? 
_cell.entry_id                     9PSX 
_cell.details                      ? 
_cell.formula_units_Z              ? 
_cell.length_a                     29.541 
_cell.length_a_esd                 ? 
_cell.length_b                     66.450 
_cell.length_b_esd                 ? 
_cell.length_c                     63.861 
_cell.length_c_esd                 ? 
_cell.volume                       125356.292 
_cell.volume_esd                   ? 
_cell.Z_PDB                        4 
_cell.reciprocal_angle_alpha       ? 
_cell.reciprocal_angle_beta        ? 
_cell.reciprocal_angle_gamma       ? 
_cell.reciprocal_angle_alpha_esd   ? 
_cell.reciprocal_angle_beta_esd    ? 
_cell.reciprocal_angle_gamma_esd   ? 
_cell.reciprocal_length_a          ? 
_cell.reciprocal_length_b          ? 
_cell.reciprocal_length_c          ? 
_cell.reciprocal_length_a_esd      ? 
_cell.reciprocal_length_b_esd      ? 
_cell.reciprocal_length_c_esd      ? 
_cell.pdbx_unique_axis             ? 
_cell.pdbx_esd_method              ? 
# 
_symmetry.entry_id                         9PSX 
_symmetry.cell_setting                     ? 
_symmetry.Int_Tables_number                5 
_symmetry.space_group_name_Hall            'C 2y' 
_symmetry.space_group_name_H-M             'C 1 2 1' 
_symmetry.pdbx_full_space_group_name_H-M   ? 
# 
_exptl.absorpt_coefficient_mu     ? 
_exptl.absorpt_correction_T_max   ? 
_exptl.absorpt_correction_T_min   ? 
_exptl.absorpt_correction_type    ? 
_exptl.absorpt_process_details    ? 
_exptl.entry_id                   9PSX 
_exptl.crystals_number            1 
_exptl.details                    ? 
_exptl.method                     'X-RAY DIFFRACTION' 
_exptl.method_details             ? 
# 
_exptl_crystal.colour                       ? 
_exptl_crystal.density_diffrn               ? 
_exptl_crystal.density_Matthews             2.00 
_exptl_crystal.density_method               ? 
_exptl_crystal.density_percent_sol          38.63 
_exptl_crystal.description                  ? 
_exptl_crystal.F_000                        ? 
_exptl_crystal.id                           1 
_exptl_crystal.preparation                  ? 
_exptl_crystal.size_max                     ? 
_exptl_crystal.size_mid                     ? 
_exptl_crystal.size_min                     ? 
_exptl_crystal.size_rad                     ? 
_exptl_crystal.colour_lustre                ? 
_exptl_crystal.colour_modifier              ? 
_exptl_crystal.colour_primary               ? 
_exptl_crystal.density_meas                 ? 
_exptl_crystal.density_meas_esd             ? 
_exptl_crystal.density_meas_gt              ? 
_exptl_crystal.density_meas_lt              ? 
_exptl_crystal.density_meas_temp            ? 
_exptl_crystal.density_meas_temp_esd        ? 
_exptl_crystal.density_meas_temp_gt         ? 
_exptl_crystal.density_meas_temp_lt         ? 
_exptl_crystal.pdbx_crystal_image_url       ? 
_exptl_crystal.pdbx_crystal_image_format    ? 
_exptl_crystal.pdbx_mosaicity               ? 
_exptl_crystal.pdbx_mosaicity_esd           ? 
_exptl_crystal.pdbx_mosaic_method           ? 
_exptl_crystal.pdbx_mosaic_block_size       ? 
_exptl_crystal.pdbx_mosaic_block_size_esd   ? 
# 
_exptl_crystal_grow.apparatus       ? 
_exptl_crystal_grow.atmosphere      ? 
_exptl_crystal_grow.crystal_id      1 
_exptl_crystal_grow.details         ? 
_exptl_crystal_grow.method          'VAPOR DIFFUSION, HANGING DROP' 
_exptl_crystal_grow.method_ref      ? 
_exptl_crystal_grow.pH              ? 
_exptl_crystal_grow.pressure        ? 
_exptl_crystal_grow.pressure_esd    ? 
_exptl_crystal_grow.seeding         ? 
_exptl_crystal_grow.seeding_ref     ? 
_exptl_crystal_grow.temp_details    ? 
_exptl_crystal_grow.temp_esd        ? 
_exptl_crystal_grow.time            ? 
_exptl_crystal_grow.pdbx_details    'PEG4000, ammonium acetate, 100 mM sodium acetate, pH 4.0 - 4.8' 
_exptl_crystal_grow.pdbx_pH_range   ? 
_exptl_crystal_grow.temp            298 
# 
_diffrn.ambient_environment              ? 
_diffrn.ambient_temp                     100 
_diffrn.ambient_temp_details             ? 
_diffrn.ambient_temp_esd                 ? 
_diffrn.crystal_id                       1 
_diffrn.crystal_support                  ? 
_diffrn.crystal_treatment                ? 
_diffrn.details                          ? 
_diffrn.id                               1 
_diffrn.ambient_pressure                 ? 
_diffrn.ambient_pressure_esd             ? 
_diffrn.ambient_pressure_gt              ? 
_diffrn.ambient_pressure_lt              ? 
_diffrn.ambient_temp_gt                  ? 
_diffrn.ambient_temp_lt                  ? 
_diffrn.pdbx_serial_crystal_experiment   N 
# 
_diffrn_detector.details                      ? 
_diffrn_detector.detector                     PIXEL 
_diffrn_detector.diffrn_id                    1 
_diffrn_detector.type                         'DECTRIS EIGER X 9M' 
_diffrn_detector.area_resol_mean              ? 
_diffrn_detector.dtime                        ? 
_diffrn_detector.pdbx_frames_total            ? 
_diffrn_detector.pdbx_collection_time_total   ? 
_diffrn_detector.pdbx_collection_date         2017-12-19 
_diffrn_detector.pdbx_frequency               ? 
_diffrn_detector.id                           ? 
_diffrn_detector.number_of_axes               ? 
# 
_diffrn_radiation.collimation                      ? 
_diffrn_radiation.diffrn_id                        1 
_diffrn_radiation.filter_edge                      ? 
_diffrn_radiation.inhomogeneity                    ? 
_diffrn_radiation.monochromator                    ? 
_diffrn_radiation.polarisn_norm                    ? 
_diffrn_radiation.polarisn_ratio                   ? 
_diffrn_radiation.probe                            ? 
_diffrn_radiation.type                             ? 
_diffrn_radiation.xray_symbol                      ? 
_diffrn_radiation.wavelength_id                    1 
_diffrn_radiation.pdbx_monochromatic_or_laue_m_l   M 
_diffrn_radiation.pdbx_wavelength_list             ? 
_diffrn_radiation.pdbx_wavelength                  ? 
_diffrn_radiation.pdbx_diffrn_protocol             'SINGLE WAVELENGTH' 
_diffrn_radiation.pdbx_analyzer                    ? 
_diffrn_radiation.pdbx_scattering_type             x-ray 
# 
_diffrn_radiation_wavelength.id           1 
_diffrn_radiation_wavelength.wavelength   1.127 
_diffrn_radiation_wavelength.wt           1.0 
# 
_diffrn_source.current                     ? 
_diffrn_source.details                     ? 
_diffrn_source.diffrn_id                   1 
_diffrn_source.power                       ? 
_diffrn_source.size                        ? 
_diffrn_source.source                      SYNCHROTRON 
_diffrn_source.target                      ? 
_diffrn_source.type                        'APS BEAMLINE 21-ID-D' 
_diffrn_source.voltage                     ? 
_diffrn_source.take-off_angle              ? 
_diffrn_source.pdbx_wavelength_list        1.127 
_diffrn_source.pdbx_wavelength             ? 
_diffrn_source.pdbx_synchrotron_beamline   21-ID-D 
_diffrn_source.pdbx_synchrotron_site       APS 
# 
_reflns.B_iso_Wilson_estimate                          ? 
_reflns.entry_id                                       9PSX 
_reflns.data_reduction_details                         ? 
_reflns.data_reduction_method                          ? 
_reflns.d_resolution_high                              1.28 
_reflns.d_resolution_low                               29.47 
_reflns.details                                        ? 
_reflns.limit_h_max                                    ? 
_reflns.limit_h_min                                    ? 
_reflns.limit_k_max                                    ? 
_reflns.limit_k_min                                    ? 
_reflns.limit_l_max                                    ? 
_reflns.limit_l_min                                    ? 
_reflns.number_all                                     ? 
_reflns.number_obs                                     30407 
_reflns.observed_criterion                             ? 
_reflns.observed_criterion_F_max                       ? 
_reflns.observed_criterion_F_min                       ? 
_reflns.observed_criterion_I_max                       ? 
_reflns.observed_criterion_I_min                       ? 
_reflns.observed_criterion_sigma_F                     ? 
_reflns.observed_criterion_sigma_I                     ? 
_reflns.percent_possible_obs                           96.91 
_reflns.R_free_details                                 ? 
_reflns.Rmerge_F_all                                   ? 
_reflns.Rmerge_F_obs                                   ? 
_reflns.Friedel_coverage                               ? 
_reflns.number_gt                                      ? 
_reflns.threshold_expression                           ? 
_reflns.pdbx_redundancy                                2.7 
_reflns.pdbx_netI_over_av_sigmaI                       ? 
_reflns.pdbx_netI_over_sigmaI                          17.2 
_reflns.pdbx_res_netI_over_av_sigmaI_2                 ? 
_reflns.pdbx_res_netI_over_sigmaI_2                    ? 
_reflns.pdbx_chi_squared                               ? 
_reflns.pdbx_scaling_rejects                           ? 
_reflns.pdbx_d_res_high_opt                            ? 
_reflns.pdbx_d_res_low_opt                             ? 
_reflns.pdbx_d_res_opt_method                          ? 
_reflns.phase_calculation_details                      ? 
_reflns.pdbx_Rrim_I_all                                ? 
_reflns.pdbx_Rpim_I_all                                ? 
_reflns.pdbx_d_opt                                     ? 
_reflns.pdbx_number_measured_all                       ? 
_reflns.pdbx_diffrn_id                                 1 
_reflns.pdbx_ordinal                                   1 
_reflns.pdbx_CC_half                                   ? 
_reflns.pdbx_CC_star                                   ? 
_reflns.pdbx_R_split                                   ? 
_reflns.pdbx_Rmerge_I_obs                              0.080 
_reflns.pdbx_Rmerge_I_all                              ? 
_reflns.pdbx_Rsym_value                                ? 
_reflns.pdbx_CC_split_method                           ? 
_reflns.pdbx_aniso_diffraction_limit_axis_1_ortho[1]   ? 
_reflns.pdbx_aniso_diffraction_limit_axis_1_ortho[2]   ? 
_reflns.pdbx_aniso_diffraction_limit_axis_1_ortho[3]   ? 
_reflns.pdbx_aniso_diffraction_limit_axis_2_ortho[1]   ? 
_reflns.pdbx_aniso_diffraction_limit_axis_2_ortho[2]   ? 
_reflns.pdbx_aniso_diffraction_limit_axis_2_ortho[3]   ? 
_reflns.pdbx_aniso_diffraction_limit_axis_3_ortho[1]   ? 
_reflns.pdbx_aniso_diffraction_limit_axis_3_ortho[2]   ? 
_reflns.pdbx_aniso_diffraction_limit_axis_3_ortho[3]   ? 
_reflns.pdbx_aniso_diffraction_limit_1                 ? 
_reflns.pdbx_aniso_diffraction_limit_2                 ? 
_reflns.pdbx_aniso_diffraction_limit_3                 ? 
_reflns.pdbx_aniso_B_tensor_eigenvector_1_ortho[1]     ? 
_reflns.pdbx_aniso_B_tensor_eigenvector_1_ortho[2]     ? 
_reflns.pdbx_aniso_B_tensor_eigenvector_1_ortho[3]     ? 
_reflns.pdbx_aniso_B_tensor_eigenvector_2_ortho[1]     ? 
_reflns.pdbx_aniso_B_tensor_eigenvector_2_ortho[2]     ? 
_reflns.pdbx_aniso_B_tensor_eigenvector_2_ortho[3]     ? 
_reflns.pdbx_aniso_B_tensor_eigenvector_3_ortho[1]     ? 
_reflns.pdbx_aniso_B_tensor_eigenvector_3_ortho[2]     ? 
_reflns.pdbx_aniso_B_tensor_eigenvector_3_ortho[3]     ? 
_reflns.pdbx_aniso_B_tensor_eigenvalue_1               ? 
_reflns.pdbx_aniso_B_tensor_eigenvalue_2               ? 
_reflns.pdbx_aniso_B_tensor_eigenvalue_3               ? 
_reflns.pdbx_orthogonalization_convention              ? 
_reflns.pdbx_percent_possible_ellipsoidal              ? 
_reflns.pdbx_percent_possible_spherical                ? 
_reflns.pdbx_percent_possible_ellipsoidal_anomalous    ? 
_reflns.pdbx_percent_possible_spherical_anomalous      ? 
_reflns.pdbx_redundancy_anomalous                      ? 
_reflns.pdbx_CC_half_anomalous                         ? 
_reflns.pdbx_absDiff_over_sigma_anomalous              ? 
_reflns.pdbx_percent_possible_anomalous                ? 
_reflns.pdbx_observed_signal_threshold                 ? 
_reflns.pdbx_signal_type                               ? 
_reflns.pdbx_signal_details                            ? 
_reflns.pdbx_signal_software_id                        ? 
# 
_reflns_shell.d_res_high                                    1.28 
_reflns_shell.d_res_low                                     1.33 
_reflns_shell.meanI_over_sigI_all                           ? 
_reflns_shell.meanI_over_sigI_obs                           ? 
_reflns_shell.number_measured_all                           ? 
_reflns_shell.number_measured_obs                           ? 
_reflns_shell.number_possible                               ? 
_reflns_shell.number_unique_all                             ? 
_reflns_shell.number_unique_obs                             2898 
_reflns_shell.percent_possible_obs                          ? 
_reflns_shell.Rmerge_F_all                                  ? 
_reflns_shell.Rmerge_F_obs                                  ? 
_reflns_shell.meanI_over_sigI_gt                            ? 
_reflns_shell.meanI_over_uI_all                             ? 
_reflns_shell.meanI_over_uI_gt                              ? 
_reflns_shell.number_measured_gt                            ? 
_reflns_shell.number_unique_gt                              ? 
_reflns_shell.percent_possible_gt                           ? 
_reflns_shell.Rmerge_F_gt                                   ? 
_reflns_shell.Rmerge_I_gt                                   ? 
_reflns_shell.pdbx_redundancy                               ? 
_reflns_shell.pdbx_chi_squared                              ? 
_reflns_shell.pdbx_netI_over_sigmaI_all                     ? 
_reflns_shell.pdbx_netI_over_sigmaI_obs                     ? 
_reflns_shell.pdbx_Rrim_I_all                               ? 
_reflns_shell.pdbx_Rpim_I_all                               ? 
_reflns_shell.pdbx_rejects                                  ? 
_reflns_shell.pdbx_ordinal                                  1 
_reflns_shell.pdbx_diffrn_id                                1 
_reflns_shell.pdbx_CC_half                                  ? 
_reflns_shell.pdbx_CC_star                                  ? 
_reflns_shell.pdbx_R_split                                  ? 
_reflns_shell.percent_possible_all                          ? 
_reflns_shell.Rmerge_I_all                                  ? 
_reflns_shell.Rmerge_I_obs                                  0.534 
_reflns_shell.pdbx_Rsym_value                               ? 
_reflns_shell.pdbx_percent_possible_ellipsoidal             ? 
_reflns_shell.pdbx_percent_possible_spherical               ? 
_reflns_shell.pdbx_percent_possible_ellipsoidal_anomalous   ? 
_reflns_shell.pdbx_percent_possible_spherical_anomalous     ? 
_reflns_shell.pdbx_redundancy_anomalous                     ? 
_reflns_shell.pdbx_CC_half_anomalous                        ? 
_reflns_shell.pdbx_absDiff_over_sigma_anomalous             ? 
_reflns_shell.pdbx_percent_possible_anomalous               ? 
# 
_refine.aniso_B[1][1]                            ? 
_refine.aniso_B[1][2]                            ? 
_refine.aniso_B[1][3]                            ? 
_refine.aniso_B[2][2]                            ? 
_refine.aniso_B[2][3]                            ? 
_refine.aniso_B[3][3]                            ? 
_refine.B_iso_max                                ? 
_refine.B_iso_mean                               13.99 
_refine.B_iso_min                                ? 
_refine.correlation_coeff_Fo_to_Fc               ? 
_refine.correlation_coeff_Fo_to_Fc_free          ? 
_refine.details                                  ? 
_refine.diff_density_max                         ? 
_refine.diff_density_max_esd                     ? 
_refine.diff_density_min                         ? 
_refine.diff_density_min_esd                     ? 
_refine.diff_density_rms                         ? 
_refine.diff_density_rms_esd                     ? 
_refine.entry_id                                 9PSX 
_refine.pdbx_refine_id                           'X-RAY DIFFRACTION' 
_refine.ls_abs_structure_details                 ? 
_refine.ls_abs_structure_Flack                   ? 
_refine.ls_abs_structure_Flack_esd               ? 
_refine.ls_abs_structure_Rogers                  ? 
_refine.ls_abs_structure_Rogers_esd              ? 
_refine.ls_d_res_high                            1.29 
_refine.ls_d_res_low                             29.47 
_refine.ls_extinction_coef                       ? 
_refine.ls_extinction_coef_esd                   ? 
_refine.ls_extinction_expression                 ? 
_refine.ls_extinction_method                     ? 
_refine.ls_goodness_of_fit_all                   ? 
_refine.ls_goodness_of_fit_all_esd               ? 
_refine.ls_goodness_of_fit_obs                   ? 
_refine.ls_goodness_of_fit_obs_esd               ? 
_refine.ls_hydrogen_treatment                    ? 
_refine.ls_matrix_type                           ? 
_refine.ls_number_constraints                    ? 
_refine.ls_number_parameters                     ? 
_refine.ls_number_reflns_all                     ? 
_refine.ls_number_reflns_obs                     29886 
_refine.ls_number_reflns_R_free                  1970 
_refine.ls_number_reflns_R_work                  27916 
_refine.ls_number_restraints                     ? 
_refine.ls_percent_reflns_obs                    95.29 
_refine.ls_percent_reflns_R_free                 6.59 
_refine.ls_R_factor_all                          ? 
_refine.ls_R_factor_obs                          0.1751 
_refine.ls_R_factor_R_free                       0.1864 
_refine.ls_R_factor_R_free_error                 ? 
_refine.ls_R_factor_R_free_error_details         ? 
_refine.ls_R_factor_R_work                       0.1743 
_refine.ls_R_Fsqd_factor_obs                     ? 
_refine.ls_R_I_factor_obs                        ? 
_refine.ls_redundancy_reflns_all                 ? 
_refine.ls_redundancy_reflns_obs                 ? 
_refine.ls_restrained_S_all                      ? 
_refine.ls_restrained_S_obs                      ? 
_refine.ls_shift_over_esd_max                    ? 
_refine.ls_shift_over_esd_mean                   ? 
_refine.ls_structure_factor_coef                 ? 
_refine.ls_weighting_details                     ? 
_refine.ls_weighting_scheme                      ? 
_refine.ls_wR_factor_all                         ? 
_refine.ls_wR_factor_obs                         ? 
_refine.ls_wR_factor_R_free                      ? 
_refine.ls_wR_factor_R_work                      ? 
_refine.occupancy_max                            ? 
_refine.occupancy_min                            ? 
_refine.solvent_model_details                    'FLAT BULK SOLVENT MODEL' 
_refine.solvent_model_param_bsol                 ? 
_refine.solvent_model_param_ksol                 ? 
_refine.correlation_coeff_I_to_Fcsqd_work        ? 
_refine.correlation_coeff_I_to_Fcsqd_free        ? 
_refine.pdbx_R_complete                          ? 
_refine.ls_R_factor_gt                           ? 
_refine.ls_goodness_of_fit_gt                    ? 
_refine.ls_goodness_of_fit_ref                   ? 
_refine.ls_shift_over_su_max                     ? 
_refine.ls_shift_over_su_max_lt                  ? 
_refine.ls_shift_over_su_mean                    ? 
_refine.ls_shift_over_su_mean_lt                 ? 
_refine.pdbx_ls_sigma_I                          ? 
_refine.pdbx_ls_sigma_F                          1.43 
_refine.pdbx_ls_sigma_Fsqd                       ? 
_refine.pdbx_data_cutoff_high_absF               ? 
_refine.pdbx_data_cutoff_high_rms_absF           ? 
_refine.pdbx_data_cutoff_low_absF                ? 
_refine.pdbx_isotropic_thermal_model             ? 
_refine.pdbx_ls_cross_valid_method               'FREE R-VALUE' 
_refine.pdbx_method_to_determine_struct          'MOLECULAR REPLACEMENT' 
_refine.pdbx_starting_model                      ? 
_refine.pdbx_stereochemistry_target_values       'GeoStd + Monomer Library + CDL v1.2' 
_refine.pdbx_R_Free_selection_details            ? 
_refine.pdbx_stereochem_target_val_spec_case     ? 
_refine.pdbx_overall_ESU_R                       ? 
_refine.pdbx_overall_ESU_R_Free                  ? 
_refine.pdbx_solvent_vdw_probe_radii             1.1100 
_refine.pdbx_solvent_ion_probe_radii             ? 
_refine.pdbx_solvent_shrinkage_radii             0.9000 
_refine.pdbx_real_space_R                        ? 
_refine.pdbx_density_correlation                 ? 
_refine.pdbx_pd_number_of_powder_patterns        ? 
_refine.pdbx_pd_number_of_points                 ? 
_refine.pdbx_pd_meas_number_of_points            ? 
_refine.pdbx_pd_proc_ls_prof_R_factor            ? 
_refine.pdbx_pd_proc_ls_prof_wR_factor           ? 
_refine.pdbx_pd_Marquardt_correlation_coeff      ? 
_refine.pdbx_pd_Fsqrd_R_factor                   ? 
_refine.pdbx_pd_ls_matrix_band_width             ? 
_refine.pdbx_overall_phase_error                 18.1804 
_refine.pdbx_overall_SU_R_free_Cruickshank_DPI   ? 
_refine.pdbx_overall_SU_R_free_Blow_DPI          ? 
_refine.pdbx_overall_SU_R_Blow_DPI               ? 
_refine.pdbx_TLS_residual_ADP_flag               ? 
_refine.pdbx_diffrn_id                           1 
_refine.overall_SU_B                             ? 
_refine.overall_SU_ML                            0.1058 
_refine.overall_SU_R_Cruickshank_DPI             ? 
_refine.overall_SU_R_free                        ? 
_refine.overall_FOM_free_R_set                   ? 
_refine.overall_FOM_work_R_set                   ? 
_refine.pdbx_average_fsc_overall                 ? 
_refine.pdbx_average_fsc_work                    ? 
_refine.pdbx_average_fsc_free                    ? 
# 
_refine_hist.pdbx_refine_id                   'X-RAY DIFFRACTION' 
_refine_hist.cycle_id                         LAST 
_refine_hist.details                          ? 
_refine_hist.d_res_high                       1.29 
_refine_hist.d_res_low                        29.47 
_refine_hist.number_atoms_solvent             214 
_refine_hist.number_atoms_total               1338 
_refine_hist.number_reflns_all                ? 
_refine_hist.number_reflns_obs                ? 
_refine_hist.number_reflns_R_free             ? 
_refine_hist.number_reflns_R_work             ? 
_refine_hist.R_factor_all                     ? 
_refine_hist.R_factor_obs                     ? 
_refine_hist.R_factor_R_free                  ? 
_refine_hist.R_factor_R_work                  ? 
_refine_hist.pdbx_number_residues_total       ? 
_refine_hist.pdbx_B_iso_mean_ligand           ? 
_refine_hist.pdbx_B_iso_mean_solvent          ? 
_refine_hist.pdbx_number_atoms_protein        1099 
_refine_hist.pdbx_number_atoms_nucleic_acid   0 
_refine_hist.pdbx_number_atoms_ligand         25 
_refine_hist.pdbx_number_atoms_lipid          ? 
_refine_hist.pdbx_number_atoms_carb           ? 
_refine_hist.pdbx_pseudo_atom_details         ? 
# 
loop_
_refine_ls_restr.pdbx_refine_id 
_refine_ls_restr.criterion 
_refine_ls_restr.dev_ideal 
_refine_ls_restr.dev_ideal_target 
_refine_ls_restr.number 
_refine_ls_restr.rejects 
_refine_ls_restr.type 
_refine_ls_restr.weight 
_refine_ls_restr.pdbx_Zscore 
_refine_ls_restr.pdbx_restraint_function 
'X-RAY DIFFRACTION' ? 0.0116  ? 1150 ? f_bond_d           ? ? ? 
'X-RAY DIFFRACTION' ? 1.1888  ? 1550 ? f_angle_d          ? ? ? 
'X-RAY DIFFRACTION' ? 0.4072  ? 162  ? f_chiral_restr     ? ? ? 
'X-RAY DIFFRACTION' ? 0.0056  ? 199  ? f_plane_restr      ? ? ? 
'X-RAY DIFFRACTION' ? 25.5967 ? 415  ? f_dihedral_angle_d ? ? ? 
# 
loop_
_refine_ls_shell.pdbx_refine_id 
_refine_ls_shell.d_res_high 
_refine_ls_shell.d_res_low 
_refine_ls_shell.number_reflns_all 
_refine_ls_shell.number_reflns_obs 
_refine_ls_shell.number_reflns_R_free 
_refine_ls_shell.number_reflns_R_work 
_refine_ls_shell.percent_reflns_obs 
_refine_ls_shell.percent_reflns_R_free 
_refine_ls_shell.R_factor_all 
_refine_ls_shell.R_factor_obs 
_refine_ls_shell.R_factor_R_free_error 
_refine_ls_shell.R_factor_R_work 
_refine_ls_shell.redundancy_reflns_all 
_refine_ls_shell.redundancy_reflns_obs 
_refine_ls_shell.wR_factor_all 
_refine_ls_shell.wR_factor_obs 
_refine_ls_shell.wR_factor_R_free 
_refine_ls_shell.wR_factor_R_work 
_refine_ls_shell.pdbx_R_complete 
_refine_ls_shell.correlation_coeff_Fo_to_Fc 
_refine_ls_shell.correlation_coeff_Fo_to_Fc_free 
_refine_ls_shell.correlation_coeff_I_to_Fcsqd_work 
_refine_ls_shell.correlation_coeff_I_to_Fcsqd_free 
_refine_ls_shell.pdbx_total_number_of_bins_used 
_refine_ls_shell.pdbx_phase_error 
_refine_ls_shell.pdbx_fsc_work 
_refine_ls_shell.pdbx_fsc_free 
_refine_ls_shell.R_factor_R_free 
'X-RAY DIFFRACTION' 1.29 1.32  . . 122 1803 87.58 . . . . 0.2211 . . . . . . . . . . . . . . . 0.1968 
'X-RAY DIFFRACTION' 1.32 1.35  . . 143 1995 94.19 . . . . 0.2140 . . . . . . . . . . . . . . . 0.2355 
'X-RAY DIFFRACTION' 1.35 1.39  . . 136 1973 95.26 . . . . 0.2110 . . . . . . . . . . . . . . . 0.2252 
'X-RAY DIFFRACTION' 1.39 1.44  . . 142 1980 95.41 . . . . 0.2104 . . . . . . . . . . . . . . . 0.2162 
'X-RAY DIFFRACTION' 1.44 1.49  . . 143 1990 95.39 . . . . 0.1968 . . . . . . . . . . . . . . . 0.2105 
'X-RAY DIFFRACTION' 1.49 1.55  . . 136 2000 96.17 . . . . 0.1844 . . . . . . . . . . . . . . . 0.1999 
'X-RAY DIFFRACTION' 1.55 1.62  . . 139 2034 96.75 . . . . 0.1848 . . . . . . . . . . . . . . . 0.2022 
'X-RAY DIFFRACTION' 1.62 1.70  . . 143 2023 96.96 . . . . 0.1806 . . . . . . . . . . . . . . . 0.1760 
'X-RAY DIFFRACTION' 1.70 1.81  . . 142 2011 96.03 . . . . 0.1880 . . . . . . . . . . . . . . . 0.2214 
'X-RAY DIFFRACTION' 1.81 1.95  . . 134 1814 87.32 . . . . 0.1764 . . . . . . . . . . . . . . . 0.2075 
'X-RAY DIFFRACTION' 1.95 2.15  . . 139 1987 93.95 . . . . 0.1683 . . . . . . . . . . . . . . . 0.1789 
'X-RAY DIFFRACTION' 2.15 2.46  . . 150 2087 99.73 . . . . 0.1720 . . . . . . . . . . . . . . . 0.1937 
'X-RAY DIFFRACTION' 2.46 3.10  . . 148 2083 99.69 . . . . 0.1790 . . . . . . . . . . . . . . . 0.1762 
'X-RAY DIFFRACTION' 3.10 29.47 . . 153 2136 99.57 . . . . 0.1436 . . . . . . . . . . . . . . . 0.1548 
# 
_struct.entry_id                     9PSX 
_struct.title                        'Q108K:K40L:T51V:T53S:R58W:Y19W:L117E mutant of hCRBPII bound to fluorophore TD-1V-3' 
_struct.pdbx_model_details           ? 
_struct.pdbx_formula_weight          ? 
_struct.pdbx_formula_weight_method   ? 
_struct.pdbx_model_type_details      ? 
_struct.pdbx_CASP_flag               N 
# 
_struct_keywords.entry_id        9PSX 
_struct_keywords.text            
'human cellular retinol binding protein II, hCRBPII, fluorescent protein, engineered protein, RETINOL BINDING PROTEIN' 
_struct_keywords.pdbx_keywords   'RETINOL BINDING PROTEIN' 
# 
loop_
_struct_asym.id 
_struct_asym.pdbx_blank_PDB_chainid_flag 
_struct_asym.pdbx_modified 
_struct_asym.entity_id 
_struct_asym.details 
A N N 1 ? 
B N N 2 ? 
C N N 3 ? 
D N N 3 ? 
E N N 4 ? 
# 
_struct_ref.id                         1 
_struct_ref.db_name                    UNP 
_struct_ref.db_code                    RET2_HUMAN 
_struct_ref.pdbx_db_accession          P50120 
_struct_ref.pdbx_db_isoform            ? 
_struct_ref.entity_id                  1 
_struct_ref.pdbx_seq_one_letter_code   
;TRDQNGTWEMESNENFEGYMKALDIDFATRKIAVRLTQTKVIDQDGDNFKTKTTSTFRNYDVDFTVGVEFDEYTKSLDNR
HVKALVTWEGDVLVCVQKGEKENRGWKQWIEGDKLYLELTCGDQVCRQVFKKK
;
_struct_ref.pdbx_align_begin           2 
# 
_struct_ref_seq.align_id                      1 
_struct_ref_seq.ref_id                        1 
_struct_ref_seq.pdbx_PDB_id_code              9PSX 
_struct_ref_seq.pdbx_strand_id                A 
_struct_ref_seq.seq_align_beg                 1 
_struct_ref_seq.pdbx_seq_align_beg_ins_code   ? 
_struct_ref_seq.seq_align_end                 133 
_struct_ref_seq.pdbx_seq_align_end_ins_code   ? 
_struct_ref_seq.pdbx_db_accession             P50120 
_struct_ref_seq.db_align_beg                  2 
_struct_ref_seq.pdbx_db_align_beg_ins_code    ? 
_struct_ref_seq.db_align_end                  134 
_struct_ref_seq.pdbx_db_align_end_ins_code    ? 
_struct_ref_seq.pdbx_auth_seq_align_beg       1 
_struct_ref_seq.pdbx_auth_seq_align_end       133 
# 
loop_
_struct_ref_seq_dif.align_id 
_struct_ref_seq_dif.pdbx_pdb_id_code 
_struct_ref_seq_dif.mon_id 
_struct_ref_seq_dif.pdbx_pdb_strand_id 
_struct_ref_seq_dif.seq_num 
_struct_ref_seq_dif.pdbx_pdb_ins_code 
_struct_ref_seq_dif.pdbx_seq_db_name 
_struct_ref_seq_dif.pdbx_seq_db_accession_code 
_struct_ref_seq_dif.db_mon_id 
_struct_ref_seq_dif.pdbx_seq_db_seq_num 
_struct_ref_seq_dif.details 
_struct_ref_seq_dif.pdbx_auth_seq_num 
_struct_ref_seq_dif.pdbx_ordinal 
1 9PSX TRP A 19  ? UNP P50120 TYR 20  conflict 19  1 
1 9PSX LEU A 40  ? UNP P50120 LYS 41  conflict 40  2 
1 9PSX SER A 53  ? UNP P50120 THR 54  conflict 53  3 
1 9PSX TRP A 58  ? UNP P50120 ARG 59  conflict 58  4 
1 9PSX LYS A 108 ? UNP P50120 GLN 109 conflict 108 5 
1 9PSX GLU A 117 ? UNP P50120 LEU 118 conflict 117 6 
# 
_pdbx_struct_assembly.id                   1 
_pdbx_struct_assembly.details              author_and_software_defined_assembly 
_pdbx_struct_assembly.method_details       PISA 
_pdbx_struct_assembly.oligomeric_details   monomeric 
_pdbx_struct_assembly.oligomeric_count     1 
# 
loop_
_pdbx_struct_assembly_prop.biol_id 
_pdbx_struct_assembly_prop.type 
_pdbx_struct_assembly_prop.value 
_pdbx_struct_assembly_prop.details 
1 'ABSA (A^2)' 450  ? 
1 MORE         -2   ? 
1 'SSA (A^2)'  7010 ? 
# 
_pdbx_struct_assembly_gen.assembly_id       1 
_pdbx_struct_assembly_gen.oper_expression   1 
_pdbx_struct_assembly_gen.asym_id_list      A,B,C,D,E 
# 
_pdbx_struct_assembly_auth_evidence.id                     1 
_pdbx_struct_assembly_auth_evidence.assembly_id            1 
_pdbx_struct_assembly_auth_evidence.experimental_support   'gel filtration' 
_pdbx_struct_assembly_auth_evidence.details                ? 
# 
_pdbx_struct_oper_list.id                   1 
_pdbx_struct_oper_list.type                 'identity operation' 
_pdbx_struct_oper_list.name                 1_555 
_pdbx_struct_oper_list.symmetry_operation   x,y,z 
_pdbx_struct_oper_list.matrix[1][1]         1.0000000000 
_pdbx_struct_oper_list.matrix[1][2]         0.0000000000 
_pdbx_struct_oper_list.matrix[1][3]         0.0000000000 
_pdbx_struct_oper_list.vector[1]            0.0000000000 
_pdbx_struct_oper_list.matrix[2][1]         0.0000000000 
_pdbx_struct_oper_list.matrix[2][2]         1.0000000000 
_pdbx_struct_oper_list.matrix[2][3]         0.0000000000 
_pdbx_struct_oper_list.vector[2]            0.0000000000 
_pdbx_struct_oper_list.matrix[3][1]         0.0000000000 
_pdbx_struct_oper_list.matrix[3][2]         0.0000000000 
_pdbx_struct_oper_list.matrix[3][3]         1.0000000000 
_pdbx_struct_oper_list.vector[3]            0.0000000000 
# 
loop_
_struct_conf.conf_type_id 
_struct_conf.id 
_struct_conf.pdbx_PDB_helix_id 
_struct_conf.beg_label_comp_id 
_struct_conf.beg_label_asym_id 
_struct_conf.beg_label_seq_id 
_struct_conf.pdbx_beg_PDB_ins_code 
_struct_conf.end_label_comp_id 
_struct_conf.end_label_asym_id 
_struct_conf.end_label_seq_id 
_struct_conf.pdbx_end_PDB_ins_code 
_struct_conf.beg_auth_comp_id 
_struct_conf.beg_auth_asym_id 
_struct_conf.beg_auth_seq_id 
_struct_conf.end_auth_comp_id 
_struct_conf.end_auth_asym_id 
_struct_conf.end_auth_seq_id 
_struct_conf.pdbx_PDB_helix_class 
_struct_conf.details 
_struct_conf.pdbx_PDB_helix_length 
HELX_P HELX_P1 AA1 ASN A 15 ? LEU A 23 ? ASN A 15 LEU A 23 1 ? 9 
HELX_P HELX_P2 AA2 ASP A 26 ? VAL A 34 ? ASP A 26 VAL A 34 1 ? 9 
# 
_struct_conf_type.id          HELX_P 
_struct_conf_type.criteria    ? 
_struct_conf_type.reference   ? 
# 
_struct_conn.id                            covale1 
_struct_conn.conn_type_id                  covale 
_struct_conn.pdbx_leaving_atom_flag        one 
_struct_conn.pdbx_PDB_id                   ? 
_struct_conn.ptnr1_label_asym_id           A 
_struct_conn.ptnr1_label_comp_id           LYS 
_struct_conn.ptnr1_label_seq_id            108 
_struct_conn.ptnr1_label_atom_id           NZ 
_struct_conn.pdbx_ptnr1_label_alt_id       ? 
_struct_conn.pdbx_ptnr1_PDB_ins_code       ? 
_struct_conn.pdbx_ptnr1_standard_comp_id   ? 
_struct_conn.ptnr1_symmetry                1_555 
_struct_conn.ptnr2_label_asym_id           B 
_struct_conn.ptnr2_label_comp_id           A1CKW 
_struct_conn.ptnr2_label_seq_id            . 
_struct_conn.ptnr2_label_atom_id           C14 
_struct_conn.pdbx_ptnr2_label_alt_id       ? 
_struct_conn.pdbx_ptnr2_PDB_ins_code       ? 
_struct_conn.ptnr1_auth_asym_id            A 
_struct_conn.ptnr1_auth_comp_id            LYS 
_struct_conn.ptnr1_auth_seq_id             108 
_struct_conn.ptnr2_auth_asym_id            A 
_struct_conn.ptnr2_auth_comp_id            A1CKW 
_struct_conn.ptnr2_auth_seq_id             201 
_struct_conn.ptnr2_symmetry                1_555 
_struct_conn.pdbx_ptnr3_label_atom_id      ? 
_struct_conn.pdbx_ptnr3_label_seq_id       ? 
_struct_conn.pdbx_ptnr3_label_comp_id      ? 
_struct_conn.pdbx_ptnr3_label_asym_id      ? 
_struct_conn.pdbx_ptnr3_label_alt_id       ? 
_struct_conn.pdbx_ptnr3_PDB_ins_code       ? 
_struct_conn.details                       ? 
_struct_conn.pdbx_dist_value               1.578 
_struct_conn.pdbx_value_order              ? 
_struct_conn.pdbx_role                     ? 
# 
_struct_conn_type.id          covale 
_struct_conn_type.criteria    ? 
_struct_conn_type.reference   ? 
# 
_pdbx_modification_feature.ordinal                            1 
_pdbx_modification_feature.label_comp_id                      A1CKW 
_pdbx_modification_feature.label_asym_id                      B 
_pdbx_modification_feature.label_seq_id                       . 
_pdbx_modification_feature.label_alt_id                       ? 
_pdbx_modification_feature.modified_residue_label_comp_id     LYS 
_pdbx_modification_feature.modified_residue_label_asym_id     A 
_pdbx_modification_feature.modified_residue_label_seq_id      108 
_pdbx_modification_feature.modified_residue_label_alt_id      ? 
_pdbx_modification_feature.auth_comp_id                       A1CKW 
_pdbx_modification_feature.auth_asym_id                       A 
_pdbx_modification_feature.auth_seq_id                        201 
_pdbx_modification_feature.PDB_ins_code                       ? 
_pdbx_modification_feature.symmetry                           1_555 
_pdbx_modification_feature.modified_residue_auth_comp_id      LYS 
_pdbx_modification_feature.modified_residue_auth_asym_id      A 
_pdbx_modification_feature.modified_residue_auth_seq_id       108 
_pdbx_modification_feature.modified_residue_PDB_ins_code      ? 
_pdbx_modification_feature.modified_residue_symmetry          1_555 
_pdbx_modification_feature.comp_id_linking_atom               C14 
_pdbx_modification_feature.modified_residue_id_linking_atom   NZ 
_pdbx_modification_feature.modified_residue_id                LYS 
_pdbx_modification_feature.ref_pcm_id                         1 
_pdbx_modification_feature.ref_comp_id                        A1CKW 
_pdbx_modification_feature.type                               None 
_pdbx_modification_feature.category                           'Covalent chemical modification' 
# 
_struct_sheet.id               AA1 
_struct_sheet.type             ? 
_struct_sheet.number_strands   10 
_struct_sheet.details          ? 
# 
loop_
_struct_sheet_order.sheet_id 
_struct_sheet_order.range_id_1 
_struct_sheet_order.range_id_2 
_struct_sheet_order.offset 
_struct_sheet_order.sense 
AA1 1 2  ? anti-parallel 
AA1 2 3  ? anti-parallel 
AA1 3 4  ? anti-parallel 
AA1 4 5  ? anti-parallel 
AA1 5 6  ? anti-parallel 
AA1 6 7  ? anti-parallel 
AA1 7 8  ? anti-parallel 
AA1 8 9  ? anti-parallel 
AA1 9 10 ? anti-parallel 
# 
loop_
_struct_sheet_range.sheet_id 
_struct_sheet_range.id 
_struct_sheet_range.beg_label_comp_id 
_struct_sheet_range.beg_label_asym_id 
_struct_sheet_range.beg_label_seq_id 
_struct_sheet_range.pdbx_beg_PDB_ins_code 
_struct_sheet_range.end_label_comp_id 
_struct_sheet_range.end_label_asym_id 
_struct_sheet_range.end_label_seq_id 
_struct_sheet_range.pdbx_end_PDB_ins_code 
_struct_sheet_range.beg_auth_comp_id 
_struct_sheet_range.beg_auth_asym_id 
_struct_sheet_range.beg_auth_seq_id 
_struct_sheet_range.end_auth_comp_id 
_struct_sheet_range.end_auth_asym_id 
_struct_sheet_range.end_auth_seq_id 
AA1 1  ASN A 59  ? THR A 65  ? ASN A 59  THR A 65  
AA1 2  ASN A 48  ? THR A 54  ? ASN A 48  THR A 54  
AA1 3  THR A 39  ? ASP A 45  ? THR A 39  ASP A 45  
AA1 4  GLY A 6   ? GLU A 14  ? GLY A 6   GLU A 14  
AA1 5  GLN A 124 ? LYS A 132 ? GLN A 124 LYS A 132 
AA1 6  LYS A 114 ? CYS A 121 ? LYS A 114 CYS A 121 
AA1 7  GLY A 105 ? GLU A 111 ? GLY A 105 GLU A 111 
AA1 8  VAL A 92  ? LYS A 98  ? VAL A 92  LYS A 98  
AA1 9  HIS A 81  ? GLU A 89  ? HIS A 81  GLU A 89  
AA1 10 PHE A 70  ? TYR A 73  ? PHE A 70  TYR A 73  
# 
loop_
_pdbx_struct_sheet_hbond.sheet_id 
_pdbx_struct_sheet_hbond.range_id_1 
_pdbx_struct_sheet_hbond.range_id_2 
_pdbx_struct_sheet_hbond.range_1_label_atom_id 
_pdbx_struct_sheet_hbond.range_1_label_comp_id 
_pdbx_struct_sheet_hbond.range_1_label_asym_id 
_pdbx_struct_sheet_hbond.range_1_label_seq_id 
_pdbx_struct_sheet_hbond.range_1_PDB_ins_code 
_pdbx_struct_sheet_hbond.range_1_auth_atom_id 
_pdbx_struct_sheet_hbond.range_1_auth_comp_id 
_pdbx_struct_sheet_hbond.range_1_auth_asym_id 
_pdbx_struct_sheet_hbond.range_1_auth_seq_id 
_pdbx_struct_sheet_hbond.range_2_label_atom_id 
_pdbx_struct_sheet_hbond.range_2_label_comp_id 
_pdbx_struct_sheet_hbond.range_2_label_asym_id 
_pdbx_struct_sheet_hbond.range_2_label_seq_id 
_pdbx_struct_sheet_hbond.range_2_PDB_ins_code 
_pdbx_struct_sheet_hbond.range_2_auth_atom_id 
_pdbx_struct_sheet_hbond.range_2_auth_comp_id 
_pdbx_struct_sheet_hbond.range_2_auth_asym_id 
_pdbx_struct_sheet_hbond.range_2_auth_seq_id 
AA1 1 2  O TYR A 60  ? O TYR A 60  N SER A 53  ? N SER A 53  
AA1 2 3  O LYS A 50  ? O LYS A 50  N ASP A 43  ? N ASP A 43  
AA1 3 4  O LEU A 40  ? O LEU A 40  N TRP A 8   ? N TRP A 8   
AA1 4 5  N GLU A 11  ? N GLU A 11  O VAL A 129 ? O VAL A 129 
AA1 5 6  O CYS A 126 ? O CYS A 126 N LEU A 119 ? N LEU A 119 
AA1 6 7  O TYR A 116 ? O TYR A 116 N TRP A 109 ? N TRP A 109 
AA1 7 8  O TRP A 106 ? O TRP A 106 N CYS A 95  ? N CYS A 95  
AA1 8 9  O LYS A 98  ? O LYS A 98  N LYS A 83  ? N LYS A 83  
AA1 9 10 O VAL A 82  ? O VAL A 82  N GLU A 72  ? N GLU A 72  
# 
_pdbx_entry_details.entry_id                   9PSX 
_pdbx_entry_details.nonpolymer_details         ? 
_pdbx_entry_details.sequence_details           ? 
_pdbx_entry_details.compound_details           ? 
_pdbx_entry_details.source_details             ? 
_pdbx_entry_details.has_ligand_of_interest     Y 
_pdbx_entry_details.has_protein_modification   Y 
# 
_pdbx_validate_rmsd_bond.id                        1 
_pdbx_validate_rmsd_bond.PDB_model_num             1 
_pdbx_validate_rmsd_bond.auth_atom_id_1            CD 
_pdbx_validate_rmsd_bond.auth_asym_id_1            A 
_pdbx_validate_rmsd_bond.auth_comp_id_1            GLU 
_pdbx_validate_rmsd_bond.auth_seq_id_1             118 
_pdbx_validate_rmsd_bond.PDB_ins_code_1            ? 
_pdbx_validate_rmsd_bond.label_alt_id_1            ? 
_pdbx_validate_rmsd_bond.auth_atom_id_2            OE2 
_pdbx_validate_rmsd_bond.auth_asym_id_2            A 
_pdbx_validate_rmsd_bond.auth_comp_id_2            GLU 
_pdbx_validate_rmsd_bond.auth_seq_id_2             118 
_pdbx_validate_rmsd_bond.PDB_ins_code_2            ? 
_pdbx_validate_rmsd_bond.label_alt_id_2            ? 
_pdbx_validate_rmsd_bond.bond_value                1.166 
_pdbx_validate_rmsd_bond.bond_target_value         1.252 
_pdbx_validate_rmsd_bond.bond_deviation            -0.086 
_pdbx_validate_rmsd_bond.bond_standard_deviation   0.011 
_pdbx_validate_rmsd_bond.linker_flag               N 
# 
_pdbx_validate_torsion.id              1 
_pdbx_validate_torsion.PDB_model_num   1 
_pdbx_validate_torsion.auth_comp_id    LYS 
_pdbx_validate_torsion.auth_asym_id    A 
_pdbx_validate_torsion.auth_seq_id     75 
_pdbx_validate_torsion.PDB_ins_code    ? 
_pdbx_validate_torsion.label_alt_id    ? 
_pdbx_validate_torsion.phi             64.55 
_pdbx_validate_torsion.psi             -140.18 
# 
_pdbx_struct_special_symmetry.id              1 
_pdbx_struct_special_symmetry.PDB_model_num   1 
_pdbx_struct_special_symmetry.auth_asym_id    A 
_pdbx_struct_special_symmetry.auth_comp_id    HOH 
_pdbx_struct_special_symmetry.auth_seq_id     443 
_pdbx_struct_special_symmetry.PDB_ins_code    ? 
_pdbx_struct_special_symmetry.label_asym_id   E 
_pdbx_struct_special_symmetry.label_comp_id   HOH 
_pdbx_struct_special_symmetry.label_seq_id    . 
# 
loop_
_space_group_symop.id 
_space_group_symop.operation_xyz 
1 x,y,z           
2 -x,y,-z         
3 x+1/2,y+1/2,z   
4 -x+1/2,y+1/2,-z 
# 
loop_
_pdbx_distant_solvent_atoms.id 
_pdbx_distant_solvent_atoms.PDB_model_num 
_pdbx_distant_solvent_atoms.auth_atom_id 
_pdbx_distant_solvent_atoms.label_alt_id 
_pdbx_distant_solvent_atoms.auth_asym_id 
_pdbx_distant_solvent_atoms.auth_comp_id 
_pdbx_distant_solvent_atoms.auth_seq_id 
_pdbx_distant_solvent_atoms.PDB_ins_code 
_pdbx_distant_solvent_atoms.neighbor_macromolecule_distance 
_pdbx_distant_solvent_atoms.neighbor_ligand_distance 
1 1 O ? A HOH 513 ? 6.52 . 
2 1 O ? A HOH 514 ? 7.23 . 
# 
loop_
_chem_comp_atom.comp_id 
_chem_comp_atom.atom_id 
_chem_comp_atom.type_symbol 
_chem_comp_atom.pdbx_aromatic_flag 
_chem_comp_atom.pdbx_stereo_config 
_chem_comp_atom.pdbx_ordinal 
A1CKW C01  C Y N 1   
A1CKW C02  C Y N 2   
A1CKW C03  C Y N 3   
A1CKW C04  C Y N 4   
A1CKW C05  C Y N 5   
A1CKW C06  C Y N 6   
A1CKW C07  C Y N 7   
A1CKW C09  C Y N 8   
A1CKW C10  C Y N 9   
A1CKW C11  C Y N 10  
A1CKW C12  C N N 11  
A1CKW C13  C N N 12  
A1CKW C14  C N N 13  
A1CKW C18  C N N 14  
A1CKW C19  C N N 15  
A1CKW O17  O N N 16  
A1CKW S08  S Y N 17  
A1CKW H20  H N N 18  
A1CKW H21  H N N 19  
A1CKW H22  H N N 20  
A1CKW H23  H N N 21  
A1CKW H24  H N N 22  
A1CKW H25  H N N 23  
A1CKW H26  H N N 24  
A1CKW H1   H N N 25  
A1CKW H29  H N N 26  
A1CKW H28  H N N 27  
A1CKW H27  H N N 28  
A1CKW H31  H N N 29  
A1CKW H30  H N N 30  
A1CKW H32  H N N 31  
A1CKW O1   O N N 32  
ACT   C    C N N 33  
ACT   O    O N N 34  
ACT   OXT  O N N 35  
ACT   CH3  C N N 36  
ACT   H1   H N N 37  
ACT   H2   H N N 38  
ACT   H3   H N N 39  
ALA   N    N N N 40  
ALA   CA   C N S 41  
ALA   C    C N N 42  
ALA   O    O N N 43  
ALA   CB   C N N 44  
ALA   OXT  O N N 45  
ALA   H    H N N 46  
ALA   H2   H N N 47  
ALA   HA   H N N 48  
ALA   HB1  H N N 49  
ALA   HB2  H N N 50  
ALA   HB3  H N N 51  
ALA   HXT  H N N 52  
ARG   N    N N N 53  
ARG   CA   C N S 54  
ARG   C    C N N 55  
ARG   O    O N N 56  
ARG   CB   C N N 57  
ARG   CG   C N N 58  
ARG   CD   C N N 59  
ARG   NE   N N N 60  
ARG   CZ   C N N 61  
ARG   NH1  N N N 62  
ARG   NH2  N N N 63  
ARG   OXT  O N N 64  
ARG   H    H N N 65  
ARG   H2   H N N 66  
ARG   HA   H N N 67  
ARG   HB2  H N N 68  
ARG   HB3  H N N 69  
ARG   HG2  H N N 70  
ARG   HG3  H N N 71  
ARG   HD2  H N N 72  
ARG   HD3  H N N 73  
ARG   HE   H N N 74  
ARG   HH11 H N N 75  
ARG   HH12 H N N 76  
ARG   HH21 H N N 77  
ARG   HH22 H N N 78  
ARG   HXT  H N N 79  
ASN   N    N N N 80  
ASN   CA   C N S 81  
ASN   C    C N N 82  
ASN   O    O N N 83  
ASN   CB   C N N 84  
ASN   CG   C N N 85  
ASN   OD1  O N N 86  
ASN   ND2  N N N 87  
ASN   OXT  O N N 88  
ASN   H    H N N 89  
ASN   H2   H N N 90  
ASN   HA   H N N 91  
ASN   HB2  H N N 92  
ASN   HB3  H N N 93  
ASN   HD21 H N N 94  
ASN   HD22 H N N 95  
ASN   HXT  H N N 96  
ASP   N    N N N 97  
ASP   CA   C N S 98  
ASP   C    C N N 99  
ASP   O    O N N 100 
ASP   CB   C N N 101 
ASP   CG   C N N 102 
ASP   OD1  O N N 103 
ASP   OD2  O N N 104 
ASP   OXT  O N N 105 
ASP   H    H N N 106 
ASP   H2   H N N 107 
ASP   HA   H N N 108 
ASP   HB2  H N N 109 
ASP   HB3  H N N 110 
ASP   HD2  H N N 111 
ASP   HXT  H N N 112 
CYS   N    N N N 113 
CYS   CA   C N R 114 
CYS   C    C N N 115 
CYS   O    O N N 116 
CYS   CB   C N N 117 
CYS   SG   S N N 118 
CYS   OXT  O N N 119 
CYS   H    H N N 120 
CYS   H2   H N N 121 
CYS   HA   H N N 122 
CYS   HB2  H N N 123 
CYS   HB3  H N N 124 
CYS   HG   H N N 125 
CYS   HXT  H N N 126 
GLN   N    N N N 127 
GLN   CA   C N S 128 
GLN   C    C N N 129 
GLN   O    O N N 130 
GLN   CB   C N N 131 
GLN   CG   C N N 132 
GLN   CD   C N N 133 
GLN   OE1  O N N 134 
GLN   NE2  N N N 135 
GLN   OXT  O N N 136 
GLN   H    H N N 137 
GLN   H2   H N N 138 
GLN   HA   H N N 139 
GLN   HB2  H N N 140 
GLN   HB3  H N N 141 
GLN   HG2  H N N 142 
GLN   HG3  H N N 143 
GLN   HE21 H N N 144 
GLN   HE22 H N N 145 
GLN   HXT  H N N 146 
GLU   N    N N N 147 
GLU   CA   C N S 148 
GLU   C    C N N 149 
GLU   O    O N N 150 
GLU   CB   C N N 151 
GLU   CG   C N N 152 
GLU   CD   C N N 153 
GLU   OE1  O N N 154 
GLU   OE2  O N N 155 
GLU   OXT  O N N 156 
GLU   H    H N N 157 
GLU   H2   H N N 158 
GLU   HA   H N N 159 
GLU   HB2  H N N 160 
GLU   HB3  H N N 161 
GLU   HG2  H N N 162 
GLU   HG3  H N N 163 
GLU   HE2  H N N 164 
GLU   HXT  H N N 165 
GLY   N    N N N 166 
GLY   CA   C N N 167 
GLY   C    C N N 168 
GLY   O    O N N 169 
GLY   OXT  O N N 170 
GLY   H    H N N 171 
GLY   H2   H N N 172 
GLY   HA2  H N N 173 
GLY   HA3  H N N 174 
GLY   HXT  H N N 175 
HIS   N    N N N 176 
HIS   CA   C N S 177 
HIS   C    C N N 178 
HIS   O    O N N 179 
HIS   CB   C N N 180 
HIS   CG   C Y N 181 
HIS   ND1  N Y N 182 
HIS   CD2  C Y N 183 
HIS   CE1  C Y N 184 
HIS   NE2  N Y N 185 
HIS   OXT  O N N 186 
HIS   H    H N N 187 
HIS   H2   H N N 188 
HIS   HA   H N N 189 
HIS   HB2  H N N 190 
HIS   HB3  H N N 191 
HIS   HD1  H N N 192 
HIS   HD2  H N N 193 
HIS   HE1  H N N 194 
HIS   HE2  H N N 195 
HIS   HXT  H N N 196 
HOH   O    O N N 197 
HOH   H1   H N N 198 
HOH   H2   H N N 199 
ILE   N    N N N 200 
ILE   CA   C N S 201 
ILE   C    C N N 202 
ILE   O    O N N 203 
ILE   CB   C N S 204 
ILE   CG1  C N N 205 
ILE   CG2  C N N 206 
ILE   CD1  C N N 207 
ILE   OXT  O N N 208 
ILE   H    H N N 209 
ILE   H2   H N N 210 
ILE   HA   H N N 211 
ILE   HB   H N N 212 
ILE   HG12 H N N 213 
ILE   HG13 H N N 214 
ILE   HG21 H N N 215 
ILE   HG22 H N N 216 
ILE   HG23 H N N 217 
ILE   HD11 H N N 218 
ILE   HD12 H N N 219 
ILE   HD13 H N N 220 
ILE   HXT  H N N 221 
LEU   N    N N N 222 
LEU   CA   C N S 223 
LEU   C    C N N 224 
LEU   O    O N N 225 
LEU   CB   C N N 226 
LEU   CG   C N N 227 
LEU   CD1  C N N 228 
LEU   CD2  C N N 229 
LEU   OXT  O N N 230 
LEU   H    H N N 231 
LEU   H2   H N N 232 
LEU   HA   H N N 233 
LEU   HB2  H N N 234 
LEU   HB3  H N N 235 
LEU   HG   H N N 236 
LEU   HD11 H N N 237 
LEU   HD12 H N N 238 
LEU   HD13 H N N 239 
LEU   HD21 H N N 240 
LEU   HD22 H N N 241 
LEU   HD23 H N N 242 
LEU   HXT  H N N 243 
LYS   N    N N N 244 
LYS   CA   C N S 245 
LYS   C    C N N 246 
LYS   O    O N N 247 
LYS   CB   C N N 248 
LYS   CG   C N N 249 
LYS   CD   C N N 250 
LYS   CE   C N N 251 
LYS   NZ   N N N 252 
LYS   OXT  O N N 253 
LYS   H    H N N 254 
LYS   H2   H N N 255 
LYS   HA   H N N 256 
LYS   HB2  H N N 257 
LYS   HB3  H N N 258 
LYS   HG2  H N N 259 
LYS   HG3  H N N 260 
LYS   HD2  H N N 261 
LYS   HD3  H N N 262 
LYS   HE2  H N N 263 
LYS   HE3  H N N 264 
LYS   HZ1  H N N 265 
LYS   HZ2  H N N 266 
LYS   HZ3  H N N 267 
LYS   HXT  H N N 268 
MET   N    N N N 269 
MET   CA   C N S 270 
MET   C    C N N 271 
MET   O    O N N 272 
MET   CB   C N N 273 
MET   CG   C N N 274 
MET   SD   S N N 275 
MET   CE   C N N 276 
MET   OXT  O N N 277 
MET   H    H N N 278 
MET   H2   H N N 279 
MET   HA   H N N 280 
MET   HB2  H N N 281 
MET   HB3  H N N 282 
MET   HG2  H N N 283 
MET   HG3  H N N 284 
MET   HE1  H N N 285 
MET   HE2  H N N 286 
MET   HE3  H N N 287 
MET   HXT  H N N 288 
PHE   N    N N N 289 
PHE   CA   C N S 290 
PHE   C    C N N 291 
PHE   O    O N N 292 
PHE   CB   C N N 293 
PHE   CG   C Y N 294 
PHE   CD1  C Y N 295 
PHE   CD2  C Y N 296 
PHE   CE1  C Y N 297 
PHE   CE2  C Y N 298 
PHE   CZ   C Y N 299 
PHE   OXT  O N N 300 
PHE   H    H N N 301 
PHE   H2   H N N 302 
PHE   HA   H N N 303 
PHE   HB2  H N N 304 
PHE   HB3  H N N 305 
PHE   HD1  H N N 306 
PHE   HD2  H N N 307 
PHE   HE1  H N N 308 
PHE   HE2  H N N 309 
PHE   HZ   H N N 310 
PHE   HXT  H N N 311 
SER   N    N N N 312 
SER   CA   C N S 313 
SER   C    C N N 314 
SER   O    O N N 315 
SER   CB   C N N 316 
SER   OG   O N N 317 
SER   OXT  O N N 318 
SER   H    H N N 319 
SER   H2   H N N 320 
SER   HA   H N N 321 
SER   HB2  H N N 322 
SER   HB3  H N N 323 
SER   HG   H N N 324 
SER   HXT  H N N 325 
THR   N    N N N 326 
THR   CA   C N S 327 
THR   C    C N N 328 
THR   O    O N N 329 
THR   CB   C N R 330 
THR   OG1  O N N 331 
THR   CG2  C N N 332 
THR   OXT  O N N 333 
THR   H    H N N 334 
THR   H2   H N N 335 
THR   HA   H N N 336 
THR   HB   H N N 337 
THR   HG1  H N N 338 
THR   HG21 H N N 339 
THR   HG22 H N N 340 
THR   HG23 H N N 341 
THR   HXT  H N N 342 
TRP   N    N N N 343 
TRP   CA   C N S 344 
TRP   C    C N N 345 
TRP   O    O N N 346 
TRP   CB   C N N 347 
TRP   CG   C Y N 348 
TRP   CD1  C Y N 349 
TRP   CD2  C Y N 350 
TRP   NE1  N Y N 351 
TRP   CE2  C Y N 352 
TRP   CE3  C Y N 353 
TRP   CZ2  C Y N 354 
TRP   CZ3  C Y N 355 
TRP   CH2  C Y N 356 
TRP   OXT  O N N 357 
TRP   H    H N N 358 
TRP   H2   H N N 359 
TRP   HA   H N N 360 
TRP   HB2  H N N 361 
TRP   HB3  H N N 362 
TRP   HD1  H N N 363 
TRP   HE1  H N N 364 
TRP   HE3  H N N 365 
TRP   HZ2  H N N 366 
TRP   HZ3  H N N 367 
TRP   HH2  H N N 368 
TRP   HXT  H N N 369 
TYR   N    N N N 370 
TYR   CA   C N S 371 
TYR   C    C N N 372 
TYR   O    O N N 373 
TYR   CB   C N N 374 
TYR   CG   C Y N 375 
TYR   CD1  C Y N 376 
TYR   CD2  C Y N 377 
TYR   CE1  C Y N 378 
TYR   CE2  C Y N 379 
TYR   CZ   C Y N 380 
TYR   OH   O N N 381 
TYR   OXT  O N N 382 
TYR   H    H N N 383 
TYR   H2   H N N 384 
TYR   HA   H N N 385 
TYR   HB2  H N N 386 
TYR   HB3  H N N 387 
TYR   HD1  H N N 388 
TYR   HD2  H N N 389 
TYR   HE1  H N N 390 
TYR   HE2  H N N 391 
TYR   HH   H N N 392 
TYR   HXT  H N N 393 
VAL   N    N N N 394 
VAL   CA   C N S 395 
VAL   C    C N N 396 
VAL   O    O N N 397 
VAL   CB   C N N 398 
VAL   CG1  C N N 399 
VAL   CG2  C N N 400 
VAL   OXT  O N N 401 
VAL   H    H N N 402 
VAL   H2   H N N 403 
VAL   HA   H N N 404 
VAL   HB   H N N 405 
VAL   HG11 H N N 406 
VAL   HG12 H N N 407 
VAL   HG13 H N N 408 
VAL   HG21 H N N 409 
VAL   HG22 H N N 410 
VAL   HG23 H N N 411 
VAL   HXT  H N N 412 
# 
loop_
_chem_comp_bond.comp_id 
_chem_comp_bond.atom_id_1 
_chem_comp_bond.atom_id_2 
_chem_comp_bond.value_order 
_chem_comp_bond.pdbx_aromatic_flag 
_chem_comp_bond.pdbx_stereo_config 
_chem_comp_bond.pdbx_ordinal 
A1CKW C01 C02  doub Y N 1   
A1CKW C02 C03  sing Y N 2   
A1CKW C03 C04  doub Y N 3   
A1CKW C04 C05  sing Y N 4   
A1CKW C05 C06  doub Y N 5   
A1CKW C06 C01  sing Y N 6   
A1CKW C05 C07  sing N N 7   
A1CKW C07 S08  sing Y N 8   
A1CKW S08 C09  sing Y N 9   
A1CKW C09 C10  doub Y N 10  
A1CKW C10 C11  sing Y N 11  
A1CKW C11 C07  doub Y N 12  
A1CKW C09 C12  sing N N 13  
A1CKW C12 C13  doub N E 14  
A1CKW C13 C14  sing N N 15  
A1CKW C02 O17  sing N N 16  
A1CKW C12 C18  sing N N 17  
A1CKW O17 C19  sing N N 18  
A1CKW C01 H20  sing N N 19  
A1CKW C03 H21  sing N N 20  
A1CKW C04 H22  sing N N 21  
A1CKW C06 H23  sing N N 22  
A1CKW C10 H24  sing N N 23  
A1CKW C11 H25  sing N N 24  
A1CKW C13 H26  sing N N 25  
A1CKW C14 H1   sing N N 26  
A1CKW C18 H29  sing N N 27  
A1CKW C18 H28  sing N N 28  
A1CKW C18 H27  sing N N 29  
A1CKW C19 H31  sing N N 30  
A1CKW C19 H30  sing N N 31  
A1CKW C19 H32  sing N N 32  
A1CKW C14 O1   doub N N 33  
ACT   C   O    doub N N 34  
ACT   C   OXT  sing N N 35  
ACT   C   CH3  sing N N 36  
ACT   CH3 H1   sing N N 37  
ACT   CH3 H2   sing N N 38  
ACT   CH3 H3   sing N N 39  
ALA   N   CA   sing N N 40  
ALA   N   H    sing N N 41  
ALA   N   H2   sing N N 42  
ALA   CA  C    sing N N 43  
ALA   CA  CB   sing N N 44  
ALA   CA  HA   sing N N 45  
ALA   C   O    doub N N 46  
ALA   C   OXT  sing N N 47  
ALA   CB  HB1  sing N N 48  
ALA   CB  HB2  sing N N 49  
ALA   CB  HB3  sing N N 50  
ALA   OXT HXT  sing N N 51  
ARG   N   CA   sing N N 52  
ARG   N   H    sing N N 53  
ARG   N   H2   sing N N 54  
ARG   CA  C    sing N N 55  
ARG   CA  CB   sing N N 56  
ARG   CA  HA   sing N N 57  
ARG   C   O    doub N N 58  
ARG   C   OXT  sing N N 59  
ARG   CB  CG   sing N N 60  
ARG   CB  HB2  sing N N 61  
ARG   CB  HB3  sing N N 62  
ARG   CG  CD   sing N N 63  
ARG   CG  HG2  sing N N 64  
ARG   CG  HG3  sing N N 65  
ARG   CD  NE   sing N N 66  
ARG   CD  HD2  sing N N 67  
ARG   CD  HD3  sing N N 68  
ARG   NE  CZ   sing N N 69  
ARG   NE  HE   sing N N 70  
ARG   CZ  NH1  sing N N 71  
ARG   CZ  NH2  doub N N 72  
ARG   NH1 HH11 sing N N 73  
ARG   NH1 HH12 sing N N 74  
ARG   NH2 HH21 sing N N 75  
ARG   NH2 HH22 sing N N 76  
ARG   OXT HXT  sing N N 77  
ASN   N   CA   sing N N 78  
ASN   N   H    sing N N 79  
ASN   N   H2   sing N N 80  
ASN   CA  C    sing N N 81  
ASN   CA  CB   sing N N 82  
ASN   CA  HA   sing N N 83  
ASN   C   O    doub N N 84  
ASN   C   OXT  sing N N 85  
ASN   CB  CG   sing N N 86  
ASN   CB  HB2  sing N N 87  
ASN   CB  HB3  sing N N 88  
ASN   CG  OD1  doub N N 89  
ASN   CG  ND2  sing N N 90  
ASN   ND2 HD21 sing N N 91  
ASN   ND2 HD22 sing N N 92  
ASN   OXT HXT  sing N N 93  
ASP   N   CA   sing N N 94  
ASP   N   H    sing N N 95  
ASP   N   H2   sing N N 96  
ASP   CA  C    sing N N 97  
ASP   CA  CB   sing N N 98  
ASP   CA  HA   sing N N 99  
ASP   C   O    doub N N 100 
ASP   C   OXT  sing N N 101 
ASP   CB  CG   sing N N 102 
ASP   CB  HB2  sing N N 103 
ASP   CB  HB3  sing N N 104 
ASP   CG  OD1  doub N N 105 
ASP   CG  OD2  sing N N 106 
ASP   OD2 HD2  sing N N 107 
ASP   OXT HXT  sing N N 108 
CYS   N   CA   sing N N 109 
CYS   N   H    sing N N 110 
CYS   N   H2   sing N N 111 
CYS   CA  C    sing N N 112 
CYS   CA  CB   sing N N 113 
CYS   CA  HA   sing N N 114 
CYS   C   O    doub N N 115 
CYS   C   OXT  sing N N 116 
CYS   CB  SG   sing N N 117 
CYS   CB  HB2  sing N N 118 
CYS   CB  HB3  sing N N 119 
CYS   SG  HG   sing N N 120 
CYS   OXT HXT  sing N N 121 
GLN   N   CA   sing N N 122 
GLN   N   H    sing N N 123 
GLN   N   H2   sing N N 124 
GLN   CA  C    sing N N 125 
GLN   CA  CB   sing N N 126 
GLN   CA  HA   sing N N 127 
GLN   C   O    doub N N 128 
GLN   C   OXT  sing N N 129 
GLN   CB  CG   sing N N 130 
GLN   CB  HB2  sing N N 131 
GLN   CB  HB3  sing N N 132 
GLN   CG  CD   sing N N 133 
GLN   CG  HG2  sing N N 134 
GLN   CG  HG3  sing N N 135 
GLN   CD  OE1  doub N N 136 
GLN   CD  NE2  sing N N 137 
GLN   NE2 HE21 sing N N 138 
GLN   NE2 HE22 sing N N 139 
GLN   OXT HXT  sing N N 140 
GLU   N   CA   sing N N 141 
GLU   N   H    sing N N 142 
GLU   N   H2   sing N N 143 
GLU   CA  C    sing N N 144 
GLU   CA  CB   sing N N 145 
GLU   CA  HA   sing N N 146 
GLU   C   O    doub N N 147 
GLU   C   OXT  sing N N 148 
GLU   CB  CG   sing N N 149 
GLU   CB  HB2  sing N N 150 
GLU   CB  HB3  sing N N 151 
GLU   CG  CD   sing N N 152 
GLU   CG  HG2  sing N N 153 
GLU   CG  HG3  sing N N 154 
GLU   CD  OE1  doub N N 155 
GLU   CD  OE2  sing N N 156 
GLU   OE2 HE2  sing N N 157 
GLU   OXT HXT  sing N N 158 
GLY   N   CA   sing N N 159 
GLY   N   H    sing N N 160 
GLY   N   H2   sing N N 161 
GLY   CA  C    sing N N 162 
GLY   CA  HA2  sing N N 163 
GLY   CA  HA3  sing N N 164 
GLY   C   O    doub N N 165 
GLY   C   OXT  sing N N 166 
GLY   OXT HXT  sing N N 167 
HIS   N   CA   sing N N 168 
HIS   N   H    sing N N 169 
HIS   N   H2   sing N N 170 
HIS   CA  C    sing N N 171 
HIS   CA  CB   sing N N 172 
HIS   CA  HA   sing N N 173 
HIS   C   O    doub N N 174 
HIS   C   OXT  sing N N 175 
HIS   CB  CG   sing N N 176 
HIS   CB  HB2  sing N N 177 
HIS   CB  HB3  sing N N 178 
HIS   CG  ND1  sing Y N 179 
HIS   CG  CD2  doub Y N 180 
HIS   ND1 CE1  doub Y N 181 
HIS   ND1 HD1  sing N N 182 
HIS   CD2 NE2  sing Y N 183 
HIS   CD2 HD2  sing N N 184 
HIS   CE1 NE2  sing Y N 185 
HIS   CE1 HE1  sing N N 186 
HIS   NE2 HE2  sing N N 187 
HIS   OXT HXT  sing N N 188 
HOH   O   H1   sing N N 189 
HOH   O   H2   sing N N 190 
ILE   N   CA   sing N N 191 
ILE   N   H    sing N N 192 
ILE   N   H2   sing N N 193 
ILE   CA  C    sing N N 194 
ILE   CA  CB   sing N N 195 
ILE   CA  HA   sing N N 196 
ILE   C   O    doub N N 197 
ILE   C   OXT  sing N N 198 
ILE   CB  CG1  sing N N 199 
ILE   CB  CG2  sing N N 200 
ILE   CB  HB   sing N N 201 
ILE   CG1 CD1  sing N N 202 
ILE   CG1 HG12 sing N N 203 
ILE   CG1 HG13 sing N N 204 
ILE   CG2 HG21 sing N N 205 
ILE   CG2 HG22 sing N N 206 
ILE   CG2 HG23 sing N N 207 
ILE   CD1 HD11 sing N N 208 
ILE   CD1 HD12 sing N N 209 
ILE   CD1 HD13 sing N N 210 
ILE   OXT HXT  sing N N 211 
LEU   N   CA   sing N N 212 
LEU   N   H    sing N N 213 
LEU   N   H2   sing N N 214 
LEU   CA  C    sing N N 215 
LEU   CA  CB   sing N N 216 
LEU   CA  HA   sing N N 217 
LEU   C   O    doub N N 218 
LEU   C   OXT  sing N N 219 
LEU   CB  CG   sing N N 220 
LEU   CB  HB2  sing N N 221 
LEU   CB  HB3  sing N N 222 
LEU   CG  CD1  sing N N 223 
LEU   CG  CD2  sing N N 224 
LEU   CG  HG   sing N N 225 
LEU   CD1 HD11 sing N N 226 
LEU   CD1 HD12 sing N N 227 
LEU   CD1 HD13 sing N N 228 
LEU   CD2 HD21 sing N N 229 
LEU   CD2 HD22 sing N N 230 
LEU   CD2 HD23 sing N N 231 
LEU   OXT HXT  sing N N 232 
LYS   N   CA   sing N N 233 
LYS   N   H    sing N N 234 
LYS   N   H2   sing N N 235 
LYS   CA  C    sing N N 236 
LYS   CA  CB   sing N N 237 
LYS   CA  HA   sing N N 238 
LYS   C   O    doub N N 239 
LYS   C   OXT  sing N N 240 
LYS   CB  CG   sing N N 241 
LYS   CB  HB2  sing N N 242 
LYS   CB  HB3  sing N N 243 
LYS   CG  CD   sing N N 244 
LYS   CG  HG2  sing N N 245 
LYS   CG  HG3  sing N N 246 
LYS   CD  CE   sing N N 247 
LYS   CD  HD2  sing N N 248 
LYS   CD  HD3  sing N N 249 
LYS   CE  NZ   sing N N 250 
LYS   CE  HE2  sing N N 251 
LYS   CE  HE3  sing N N 252 
LYS   NZ  HZ1  sing N N 253 
LYS   NZ  HZ2  sing N N 254 
LYS   NZ  HZ3  sing N N 255 
LYS   OXT HXT  sing N N 256 
MET   N   CA   sing N N 257 
MET   N   H    sing N N 258 
MET   N   H2   sing N N 259 
MET   CA  C    sing N N 260 
MET   CA  CB   sing N N 261 
MET   CA  HA   sing N N 262 
MET   C   O    doub N N 263 
MET   C   OXT  sing N N 264 
MET   CB  CG   sing N N 265 
MET   CB  HB2  sing N N 266 
MET   CB  HB3  sing N N 267 
MET   CG  SD   sing N N 268 
MET   CG  HG2  sing N N 269 
MET   CG  HG3  sing N N 270 
MET   SD  CE   sing N N 271 
MET   CE  HE1  sing N N 272 
MET   CE  HE2  sing N N 273 
MET   CE  HE3  sing N N 274 
MET   OXT HXT  sing N N 275 
PHE   N   CA   sing N N 276 
PHE   N   H    sing N N 277 
PHE   N   H2   sing N N 278 
PHE   CA  C    sing N N 279 
PHE   CA  CB   sing N N 280 
PHE   CA  HA   sing N N 281 
PHE   C   O    doub N N 282 
PHE   C   OXT  sing N N 283 
PHE   CB  CG   sing N N 284 
PHE   CB  HB2  sing N N 285 
PHE   CB  HB3  sing N N 286 
PHE   CG  CD1  doub Y N 287 
PHE   CG  CD2  sing Y N 288 
PHE   CD1 CE1  sing Y N 289 
PHE   CD1 HD1  sing N N 290 
PHE   CD2 CE2  doub Y N 291 
PHE   CD2 HD2  sing N N 292 
PHE   CE1 CZ   doub Y N 293 
PHE   CE1 HE1  sing N N 294 
PHE   CE2 CZ   sing Y N 295 
PHE   CE2 HE2  sing N N 296 
PHE   CZ  HZ   sing N N 297 
PHE   OXT HXT  sing N N 298 
SER   N   CA   sing N N 299 
SER   N   H    sing N N 300 
SER   N   H2   sing N N 301 
SER   CA  C    sing N N 302 
SER   CA  CB   sing N N 303 
SER   CA  HA   sing N N 304 
SER   C   O    doub N N 305 
SER   C   OXT  sing N N 306 
SER   CB  OG   sing N N 307 
SER   CB  HB2  sing N N 308 
SER   CB  HB3  sing N N 309 
SER   OG  HG   sing N N 310 
SER   OXT HXT  sing N N 311 
THR   N   CA   sing N N 312 
THR   N   H    sing N N 313 
THR   N   H2   sing N N 314 
THR   CA  C    sing N N 315 
THR   CA  CB   sing N N 316 
THR   CA  HA   sing N N 317 
THR   C   O    doub N N 318 
THR   C   OXT  sing N N 319 
THR   CB  OG1  sing N N 320 
THR   CB  CG2  sing N N 321 
THR   CB  HB   sing N N 322 
THR   OG1 HG1  sing N N 323 
THR   CG2 HG21 sing N N 324 
THR   CG2 HG22 sing N N 325 
THR   CG2 HG23 sing N N 326 
THR   OXT HXT  sing N N 327 
TRP   N   CA   sing N N 328 
TRP   N   H    sing N N 329 
TRP   N   H2   sing N N 330 
TRP   CA  C    sing N N 331 
TRP   CA  CB   sing N N 332 
TRP   CA  HA   sing N N 333 
TRP   C   O    doub N N 334 
TRP   C   OXT  sing N N 335 
TRP   CB  CG   sing N N 336 
TRP   CB  HB2  sing N N 337 
TRP   CB  HB3  sing N N 338 
TRP   CG  CD1  doub Y N 339 
TRP   CG  CD2  sing Y N 340 
TRP   CD1 NE1  sing Y N 341 
TRP   CD1 HD1  sing N N 342 
TRP   CD2 CE2  doub Y N 343 
TRP   CD2 CE3  sing Y N 344 
TRP   NE1 CE2  sing Y N 345 
TRP   NE1 HE1  sing N N 346 
TRP   CE2 CZ2  sing Y N 347 
TRP   CE3 CZ3  doub Y N 348 
TRP   CE3 HE3  sing N N 349 
TRP   CZ2 CH2  doub Y N 350 
TRP   CZ2 HZ2  sing N N 351 
TRP   CZ3 CH2  sing Y N 352 
TRP   CZ3 HZ3  sing N N 353 
TRP   CH2 HH2  sing N N 354 
TRP   OXT HXT  sing N N 355 
TYR   N   CA   sing N N 356 
TYR   N   H    sing N N 357 
TYR   N   H2   sing N N 358 
TYR   CA  C    sing N N 359 
TYR   CA  CB   sing N N 360 
TYR   CA  HA   sing N N 361 
TYR   C   O    doub N N 362 
TYR   C   OXT  sing N N 363 
TYR   CB  CG   sing N N 364 
TYR   CB  HB2  sing N N 365 
TYR   CB  HB3  sing N N 366 
TYR   CG  CD1  doub Y N 367 
TYR   CG  CD2  sing Y N 368 
TYR   CD1 CE1  sing Y N 369 
TYR   CD1 HD1  sing N N 370 
TYR   CD2 CE2  doub Y N 371 
TYR   CD2 HD2  sing N N 372 
TYR   CE1 CZ   doub Y N 373 
TYR   CE1 HE1  sing N N 374 
TYR   CE2 CZ   sing Y N 375 
TYR   CE2 HE2  sing N N 376 
TYR   CZ  OH   sing N N 377 
TYR   OH  HH   sing N N 378 
TYR   OXT HXT  sing N N 379 
VAL   N   CA   sing N N 380 
VAL   N   H    sing N N 381 
VAL   N   H2   sing N N 382 
VAL   CA  C    sing N N 383 
VAL   CA  CB   sing N N 384 
VAL   CA  HA   sing N N 385 
VAL   C   O    doub N N 386 
VAL   C   OXT  sing N N 387 
VAL   CB  CG1  sing N N 388 
VAL   CB  CG2  sing N N 389 
VAL   CB  HB   sing N N 390 
VAL   CG1 HG11 sing N N 391 
VAL   CG1 HG12 sing N N 392 
VAL   CG1 HG13 sing N N 393 
VAL   CG2 HG21 sing N N 394 
VAL   CG2 HG22 sing N N 395 
VAL   CG2 HG23 sing N N 396 
VAL   OXT HXT  sing N N 397 
# 
_pdbx_audit_support.funding_organization   
'National Institutes of Health/National Institute of Biomedical Imaging and Bioengineering (NIH/NIBIB)' 
_pdbx_audit_support.country                'United States' 
_pdbx_audit_support.grant_number           ? 
_pdbx_audit_support.ordinal                1 
# 
_pdbx_initial_refinement_model.id               1 
_pdbx_initial_refinement_model.entity_id_list   ? 
_pdbx_initial_refinement_model.type             'experimental model' 
_pdbx_initial_refinement_model.source_name      PDB 
_pdbx_initial_refinement_model.accession_code   4QYP 
_pdbx_initial_refinement_model.details          ? 
# 
_space_group.crystal_system   monoclinic 
_space_group.name_H-M_alt     'C 1 2 1' 
_space_group.IT_number        5 
_space_group.name_Hall        'C 2y' 
_space_group.id               1 
# 
_atom_sites.entry_id                    9PSX 
_atom_sites.Cartn_transf_matrix[1][1]   ? 
_atom_sites.Cartn_transf_matrix[1][2]   ? 
_atom_sites.Cartn_transf_matrix[1][3]   ? 
_atom_sites.Cartn_transf_matrix[2][1]   ? 
_atom_sites.Cartn_transf_matrix[2][2]   ? 
_atom_sites.Cartn_transf_matrix[2][3]   ? 
_atom_sites.Cartn_transf_matrix[3][1]   ? 
_atom_sites.Cartn_transf_matrix[3][2]   ? 
_atom_sites.Cartn_transf_matrix[3][3]   ? 
_atom_sites.Cartn_transf_vector[1]      ? 
_atom_sites.Cartn_transf_vector[2]      ? 
_atom_sites.Cartn_transf_vector[3]      ? 
_atom_sites.Cartn_transform_axes        ? 
_atom_sites.fract_transf_matrix[1][1]   -0.02962619 
_atom_sites.fract_transf_matrix[1][2]   0.01386663 
_atom_sites.fract_transf_matrix[1][3]   0.00871476 
_atom_sites.fract_transf_matrix[2][1]   0.00585073 
_atom_sites.fract_transf_matrix[2][2]   0.01372700 
_atom_sites.fract_transf_matrix[2][3]   -0.00195214 
_atom_sites.fract_transf_matrix[3][1]   -0.00460097 
_atom_sites.fract_transf_matrix[3][2]   -0.00016744 
_atom_sites.fract_transf_matrix[3][3]   -0.01496688 
_atom_sites.fract_transf_vector[1]      0.104779 
_atom_sites.fract_transf_vector[2]      0.258209 
_atom_sites.fract_transf_vector[3]      0.241868 
_atom_sites.solution_primary            ? 
_atom_sites.solution_secondary          ? 
_atom_sites.solution_hydrogens          ? 
_atom_sites.special_details             ? 
# 
loop_
_atom_type.symbol 
C 
H 
N 
O 
S 
# 
loop_
_atom_site.group_PDB 
_atom_site.id 
_atom_site.type_symbol 
_atom_site.label_atom_id 
_atom_site.label_alt_id 
_atom_site.label_comp_id 
_atom_site.label_asym_id 
_atom_site.label_entity_id 
_atom_site.label_seq_id 
_atom_site.pdbx_PDB_ins_code 
_atom_site.Cartn_x 
_atom_site.Cartn_y 
_atom_site.Cartn_z 
_atom_site.occupancy 
_atom_site.B_iso_or_equiv 
_atom_site.pdbx_formal_charge 
_atom_site.auth_seq_id 
_atom_site.auth_comp_id 
_atom_site.auth_asym_id 
_atom_site.auth_atom_id 
_atom_site.pdbx_PDB_model_num 
ATOM   1    N N   . THR   A 1 1   ? 8.15103   -15.49865 -7.58033  1.000 30.75000 ? 1   THR   A N   1 
ATOM   2    C CA  . THR   A 1 1   ? 6.76799   -15.88960 -7.33598  1.000 24.22000 ? 1   THR   A CA  1 
ATOM   3    C C   . THR   A 1 1   ? 5.84665   -14.68117 -7.28912  1.000 20.32000 ? 1   THR   A C   1 
ATOM   4    O O   . THR   A 1 1   ? 6.18877   -13.63135 -6.74481  1.000 22.74000 ? 1   THR   A O   1 
ATOM   5    C CB  . THR   A 1 1   ? 6.61140   -16.70238 -6.02744  1.000 23.54000 ? 1   THR   A CB  1 
ATOM   6    O OG1 . THR   A 1 1   ? 5.22725   -17.02393 -5.81491  1.000 23.68000 ? 1   THR   A OG1 1 
ATOM   7    C CG2 . THR   A 1 1   ? 7.14546   -15.91912 -4.83189  1.000 24.75000 ? 1   THR   A CG2 1 
ATOM   8    N N   . ARG   A 1 2   ? 4.67182   -14.84132 -7.88139  1.000 18.64000 ? 2   ARG   A N   1 
ATOM   9    C CA  . ARG   A 1 2   ? 3.63512   -13.82445 -7.85447  1.000 17.75000 ? 2   ARG   A CA  1 
ATOM   10   C C   . ARG   A 1 2   ? 2.63724   -14.03415 -6.72302  1.000 15.87000 ? 2   ARG   A C   1 
ATOM   11   O O   . ARG   A 1 2   ? 1.72780   -13.21622 -6.55722  1.000 21.02000 ? 2   ARG   A O   1 
ATOM   12   C CB  . ARG   A 1 2   ? 2.90190   -13.78784 -9.20094  1.000 15.62000 ? 2   ARG   A CB  1 
ATOM   13   C CG  . ARG   A 1 2   ? 3.65359   -13.04578 -10.30242 1.000 16.56000 ? 2   ARG   A CG  1 
ATOM   14   C CD  . ARG   A 1 2   ? 2.89216   -13.00101 -11.62984 1.000 13.83000 ? 2   ARG   A CD  1 
ATOM   15   N NE  . ARG   A 1 2   ? 3.65312   -12.26276 -12.63788 1.000 15.11000 ? 2   ARG   A NE  1 
ATOM   16   C CZ  . ARG   A 1 2   ? 3.52196   -12.39514 -13.95411 1.000 15.87000 ? 2   ARG   A CZ  1 
ATOM   17   N NH1 . ARG   A 1 2   ? 2.63771   -13.24265 -14.46166 1.000 23.50000 ? 2   ARG   A NH1 1 
ATOM   18   N NH2 . ARG   A 1 2   ? 4.28700   -11.67590 -14.76754 1.000 17.66000 ? 2   ARG   A NH2 1 
ATOM   19   N N   . ASP   A 1 3   ? 2.78161   -15.09262 -5.93949  1.000 14.43000 ? 3   ASP   A N   1 
ATOM   20   C CA  . ASP   A 1 3   ? 1.79765   -15.41923 -4.91772  1.000 12.97000 ? 3   ASP   A CA  1 
ATOM   21   C C   . ASP   A 1 3   ? 2.12218   -14.63164 -3.65677  1.000 13.40000 ? 3   ASP   A C   1 
ATOM   22   O O   . ASP   A 1 3   ? 3.08779   -14.94129 -2.94784  1.000 15.45000 ? 3   ASP   A O   1 
ATOM   23   C CB  . ASP   A 1 3   ? 1.74597   -16.91971 -4.65383  1.000 16.39000 ? 3   ASP   A CB  1 
ATOM   24   C CG  . ASP   A 1 3   ? 0.52187   -17.31391 -3.85567  1.000 14.83000 ? 3   ASP   A CG  1 
ATOM   25   O OD1 . ASP   A 1 3   ? 0.18483   -16.58583 -2.89914  1.000 14.06000 ? 3   ASP   A OD1 1 
ATOM   26   O OD2 . ASP   A 1 3   ? -0.12877  -18.32452 -4.20095  1.000 19.20000 ? 3   ASP   A OD2 1 
ATOM   27   N N   . GLN   A 1 4   ? 1.29933   -13.62090 -3.37118  1.000 10.73000 ? 4   GLN   A N   1 
ATOM   28   C CA  . GLN   A 1 4   ? 1.49706   -12.73824 -2.23029  1.000 10.50000 ? 4   GLN   A CA  1 
ATOM   29   C C   . GLN   A 1 4   ? 0.48308   -12.98305 -1.11651  1.000 9.19000  ? 4   GLN   A C   1 
ATOM   30   O O   . GLN   A 1 4   ? 0.34848   -12.15802 -0.21284  1.000 9.24000  ? 4   GLN   A O   1 
ATOM   31   C CB  . GLN   A 1 4   ? 1.50747   -11.27229 -2.67571  1.000 9.58000  ? 4   GLN   A CB  1 
ATOM   32   C CG  . GLN   A 1 4   ? 2.60441   -10.97623 -3.68164  1.000 9.91000  ? 4   GLN   A CG  1 
ATOM   33   C CD  . GLN   A 1 4   ? 2.64944   -9.52712  -4.14170  1.000 8.45000  ? 4   GLN   A CD  1 
ATOM   34   O OE1 . GLN   A 1 4   ? 1.79789   -8.71649  -3.78437  1.000 8.63000  ? 4   GLN   A OE1 1 
ATOM   35   N NE2 . GLN   A 1 4   ? 3.66158   -9.20022  -4.93045  1.000 8.73000  ? 4   GLN   A NE2 1 
ATOM   36   N N   . ASN   A 1 5   ? -0.23378  -14.10498 -1.15561  1.000 10.58000 ? 5   ASN   A N   1 
ATOM   37   C CA  . ASN   A 1 5   ? -1.16402  -14.44460 -0.08744  1.000 9.21000  ? 5   ASN   A CA  1 
ATOM   38   C C   . ASN   A 1 5   ? -0.46352  -14.47814 1.25963   1.000 11.30000 ? 5   ASN   A C   1 
ATOM   39   O O   . ASN   A 1 5   ? 0.66559   -14.95912 1.37722   1.000 12.78000 ? 5   ASN   A O   1 
ATOM   40   C CB  . ASN   A 1 5   ? -1.70041  -15.85296 -0.32006  1.000 10.72000 ? 5   ASN   A CB  1 
ATOM   41   C CG  . ASN   A 1 5   ? -2.91875  -15.87210 -1.17675  1.000 8.92000  ? 5   ASN   A CG  1 
ATOM   42   O OD1 . ASN   A 1 5   ? -4.00535  -15.48797 -0.74553  1.000 9.38000  ? 5   ASN   A OD1 1 
ATOM   43   N ND2 . ASN   A 1 5   ? -2.75038  -16.31901 -2.41936  1.000 10.65000 ? 5   ASN   A ND2 1 
ATOM   44   N N   . GLY   A 1 6   ? -1.15227  -14.00519 2.28214   1.000 11.13000 ? 6   GLY   A N   1 
ATOM   45   C CA  . GLY   A 1 6   ? -0.66768  -14.18809 3.63553   1.000 13.04000 ? 6   GLY   A CA  1 
ATOM   46   C C   . GLY   A 1 6   ? -1.11764  -13.07265 4.54920   1.000 10.53000 ? 6   GLY   A C   1 
ATOM   47   O O   . GLY   A 1 6   ? -1.66732  -12.05059 4.12189   1.000 10.36000 ? 6   GLY   A O   1 
ATOM   48   N N   . THR   A 1 7   ? -0.88364  -13.30063 5.83679   1.000 10.42000 ? 7   THR   A N   1 
ATOM   49   C CA  . THR   A 1 7   ? -0.93079  -12.26438 6.85351   1.000 9.78000  ? 7   THR   A CA  1 
ATOM   50   C C   . THR   A 1 7   ? 0.50599   -11.80756 7.06376   1.000 11.09000 ? 7   THR   A C   1 
ATOM   51   O O   . THR   A 1 7   ? 1.35518   -12.58097 7.52385   1.000 13.19000 ? 7   THR   A O   1 
ATOM   52   C CB  . THR   A 1 7   ? -1.53105  -12.81545 8.14066   1.000 10.35000 ? 7   THR   A CB  1 
ATOM   53   O OG1 . THR   A 1 7   ? -2.88969  -13.21021 7.89942   1.000 13.50000 ? 7   THR   A OG1 1 
ATOM   54   C CG2 . THR   A 1 7   ? -1.50963  -11.75357 9.22703   1.000 12.45000 ? 7   THR   A CG2 1 
ATOM   55   N N   . TRP   A 1 8   ? 0.78937   -10.57044 6.69078   1.000 7.54000  ? 8   TRP   A N   1 
ATOM   56   C CA  . TRP   A 1 8   ? 2.14824   -10.04843 6.64804   1.000 7.25000  ? 8   TRP   A CA  1 
ATOM   57   C C   . TRP   A 1 8   ? 2.33278   -9.08626  7.81512   1.000 7.70000  ? 8   TRP   A C   1 
ATOM   58   O O   . TRP   A 1 8   ? 1.55918   -8.13715  7.96907   1.000 9.51000  ? 8   TRP   A O   1 
ATOM   59   C CB  . TRP   A 1 8   ? 2.38423   -9.34902  5.31218   1.000 7.56000  ? 8   TRP   A CB  1 
ATOM   60   C CG  . TRP   A 1 8   ? 2.29838   -10.27338 4.13632   1.000 8.20000  ? 8   TRP   A CG  1 
ATOM   61   C CD1 . TRP   A 1 8   ? 1.21358   -10.48967 3.32658   1.000 8.42000  ? 8   TRP   A CD1 1 
ATOM   62   C CD2 . TRP   A 1 8   ? 3.34034   -11.11588 3.64757   1.000 7.70000  ? 8   TRP   A CD2 1 
ATOM   63   N NE1 . TRP   A 1 8   ? 1.52638   -11.42154 2.35990   1.000 8.86000  ? 8   TRP   A NE1 1 
ATOM   64   C CE2 . TRP   A 1 8   ? 2.82887   -11.81597 2.53412   1.000 7.51000  ? 8   TRP   A CE2 1 
ATOM   65   C CE3 . TRP   A 1 8   ? 4.66573   -11.34011 4.03883   1.000 8.59000  ? 8   TRP   A CE3 1 
ATOM   66   C CZ2 . TRP   A 1 8   ? 3.59940   -12.72200 1.81043   1.000 10.26000 ? 8   TRP   A CZ2 1 
ATOM   67   C CZ3 . TRP   A 1 8   ? 5.42608   -12.24077 3.32239   1.000 10.09000 ? 8   TRP   A CZ3 1 
ATOM   68   C CH2 . TRP   A 1 8   ? 4.89203   -12.92485 2.22303   1.000 10.42000 ? 8   TRP   A CH2 1 
ATOM   69   N N   . GLU   A 1 9   ? 3.33448   -9.34536  8.64840   1.000 8.28000  ? 9   GLU   A N   1 
ATOM   70   C CA  . GLU   A 1 9   ? 3.61530   -8.53263  9.82416   1.000 8.07000  ? 9   GLU   A CA  1 
ATOM   71   C C   . GLU   A 1 9   ? 4.85517   -7.69033  9.58007   1.000 7.16000  ? 9   GLU   A C   1 
ATOM   72   O O   . GLU   A 1 9   ? 5.88960   -8.20336  9.14226   1.000 8.11000  ? 9   GLU   A O   1 
ATOM   73   C CB  . GLU   A 1 9   ? 3.81116   -9.40582  11.06269  1.000 8.80000  ? 9   GLU   A CB  1 
ATOM   74   C CG  . GLU   A 1 9   ? 2.69693   -10.42975 11.26183  1.000 17.71000 ? 9   GLU   A CG  1 
ATOM   75   C CD  . GLU   A 1 9   ? 2.69357   -11.03738 12.65280  1.000 26.06000 ? 9   GLU   A CD  1 
ATOM   76   O OE1 . GLU   A 1 9   ? 1.61791   -11.05740 13.28919  1.000 29.23000 ? 9   GLU   A OE1 1 
ATOM   77   O OE2 . GLU   A 1 9   ? 3.76177   -11.49745 13.10483  1.000 30.31000 ? 9   GLU   A OE2 1 
ATOM   78   N N   . MET   A 1 10  ? 4.75812   -6.40595  9.89476   1.000 7.80000  ? 10  MET   A N   1 
ATOM   79   C CA  . MET   A 1 10  ? 5.82802   -5.48078  9.55446   1.000 8.66000  ? 10  MET   A CA  1 
ATOM   80   C C   . MET   A 1 10  ? 7.09076   -5.79040  10.34468  1.000 8.03000  ? 10  MET   A C   1 
ATOM   81   O O   . MET   A 1 10  ? 7.04107   -6.00934  11.56245  1.000 8.92000  ? 10  MET   A O   1 
ATOM   82   C CB  . MET   A 1 10  ? 5.37600   -4.05309  9.84380   1.000 9.48000  ? 10  MET   A CB  1 
ATOM   83   C CG  . MET   A 1 10  ? 6.49687   -3.03406  9.77659   1.000 9.64000  ? 10  MET   A CG  1 
ATOM   84   S SD  . MET   A 1 10  ? 5.83005   -1.36452  9.87397   1.000 8.11000  ? 10  MET   A SD  1 
ATOM   85   C CE  . MET   A 1 10  ? 5.37094   -1.11269  8.17195   1.000 9.04000  ? 10  MET   A CE  1 
ATOM   86   N N   . GLU   A 1 11  ? 8.22156   -5.83010  9.63864   1.000 7.56000  ? 11  GLU   A N   1 
ATOM   87   C CA  . GLU   A 1 11  ? 9.53755   -5.86897  10.25671  1.000 7.23000  ? 11  GLU   A CA  1 
ATOM   88   C C   . GLU   A 1 11  ? 10.26980  -4.53846  10.18203  1.000 6.41000  ? 11  GLU   A C   1 
ATOM   89   O O   . GLU   A 1 11  ? 11.03411  -4.21031  11.09532  1.000 7.23000  ? 11  GLU   A O   1 
ATOM   90   C CB  . GLU   A 1 11  ? 10.40079  -6.95917  9.60282   1.000 8.63000  ? 11  GLU   A CB  1 
ATOM   91   C CG  . GLU   A 1 11  ? 9.91816   -8.37879  9.89157   1.000 11.52000 ? 11  GLU   A CG  1 
ATOM   92   C CD  . GLU   A 1 11  ? 10.85664  -9.45260  9.37027   1.000 10.64000 ? 11  GLU   A CD  1 
ATOM   93   O OE1 . GLU   A 1 11  ? 11.01761  -10.47974 10.06151  1.000 12.97000 ? 11  GLU   A OE1 1 
ATOM   94   O OE2 . GLU   A 1 11  ? 11.41799  -9.28673  8.27202   1.000 12.91000 ? 11  GLU   A OE2 1 
ATOM   95   N N   . SER   A 1 12  ? 10.03743  -3.75717  9.12838   1.000 7.09000  ? 12  SER   A N   1 
ATOM   96   C CA  . SER   A 1 12  ? 10.80331  -2.54928  8.86269   1.000 8.14000  ? 12  SER   A CA  1 
ATOM   97   C C   . SER   A 1 12  ? 9.91325   -1.53543  8.15927   1.000 6.20000  ? 12  SER   A C   1 
ATOM   98   O O   . SER   A 1 12  ? 9.08693   -1.89456  7.31248   1.000 6.74000  ? 12  SER   A O   1 
ATOM   99   C CB  . SER   A 1 12  ? 12.01438  -2.87973  7.97934   1.000 10.20000 ? 12  SER   A CB  1 
ATOM   100  O OG  . SER   A 1 12  ? 12.84027  -1.74682  7.76718   1.000 10.68000 ? 12  SER   A OG  1 
ATOM   101  N N   . ASN   A 1 13  ? 10.09901  -0.26764  8.50335   1.000 6.80000  ? 13  ASN   A N   1 
ATOM   102  C CA  . ASN   A 1 13  ? 9.35342   0.83321   7.90416   1.000 6.73000  ? 13  ASN   A CA  1 
ATOM   103  C C   . ASN   A 1 13  ? 10.31102  1.99983   7.76100   1.000 7.19000  ? 13  ASN   A C   1 
ATOM   104  O O   . ASN   A 1 13  ? 11.02794  2.31781   8.71512   1.000 9.43000  ? 13  ASN   A O   1 
ATOM   105  C CB  . ASN   A 1 13  ? 8.20957   1.22326   8.85302   1.000 8.90000  ? 13  ASN   A CB  1 
ATOM   106  C CG  . ASN   A 1 13  ? 7.06272   1.94993   8.15120   1.000 8.77000  ? 13  ASN   A CG  1 
ATOM   107  O OD1 . ASN   A 1 13  ? 7.03204   2.08262   6.93400   1.000 9.42000  ? 13  ASN   A OD1 1 
ATOM   108  N ND2 . ASN   A 1 13  ? 6.09404   2.40866   8.94396   1.000 11.63000 ? 13  ASN   A ND2 1 
ATOM   109  N N   . GLU   A 1 14  ? 10.31591  2.63882   6.61822   1.000 7.74000  ? 14  GLU   A N   1 
ATOM   110  C CA  . GLU   A 1 14  ? 11.21287  3.75875   6.35820   1.000 9.00000  ? 14  GLU   A CA  1 
ATOM   111  C C   . GLU   A 1 14  ? 10.46216  4.84989   5.58284   1.000 7.66000  ? 14  GLU   A C   1 
ATOM   112  O O   . GLU   A 1 14  ? 9.86294   4.58272   4.56790   1.000 7.71000  ? 14  GLU   A O   1 
ATOM   113  C CB  . GLU   A 1 14  ? 12.41015  3.28708   5.51206   1.000 9.58000  ? 14  GLU   A CB  1 
ATOM   114  C CG  . GLU   A 1 14  ? 13.40711  4.41185   5.20032   1.000 14.61000 ? 14  GLU   A CG  1 
ATOM   115  C CD  . GLU   A 1 14  ? 14.57657  4.02725   4.31259   1.000 23.51000 ? 14  GLU   A CD  1 
ATOM   116  O OE1 . GLU   A 1 14  ? 14.64948  2.92616   3.81912   1.000 18.83000 ? 14  GLU   A OE1 1 
ATOM   117  O OE2 . GLU   A 1 14  ? 15.42245  4.89404   4.20084   1.000 30.32000 ? 14  GLU   A OE2 1 
ATOM   118  N N   . ASN   A 1 15  ? 10.53284  6.06853   6.09990   1.000 7.83000  ? 15  ASN   A N   1 
ATOM   119  C CA  . ASN   A 1 15  ? 9.95346   7.24508   5.45191   1.000 8.81000  ? 15  ASN   A CA  1 
ATOM   120  C C   . ASN   A 1 15  ? 8.44069   7.15332   5.29128   1.000 8.20000  ? 15  ASN   A C   1 
ATOM   121  O O   . ASN   A 1 15  ? 7.87266   7.69980   4.34030   1.000 7.73000  ? 15  ASN   A O   1 
ATOM   122  C CB  . ASN   A 1 15  ? 10.63575  7.59205   4.12404   1.000 9.11000  ? 15  ASN   A CB  1 
ATOM   123  C CG  . ASN   A 1 15  ? 10.31674  8.99959   3.67591   1.000 9.24000  ? 15  ASN   A CG  1 
ATOM   124  O OD1 . ASN   A 1 15  ? 10.11613  9.88775   4.50186   1.000 10.28000 ? 15  ASN   A OD1 1 
ATOM   125  N ND2 . ASN   A 1 15  ? 10.22052  9.20306   2.37448   1.000 9.48000  ? 15  ASN   A ND2 1 
ATOM   126  N N   . PHE   A 1 16  ? 7.76939   6.46473   6.21574   1.000 7.38000  ? 16  PHE   A N   1 
ATOM   127  C CA  . PHE   A 1 16  ? 6.31433   6.48396   6.18365   1.000 7.61000  ? 16  PHE   A CA  1 
ATOM   128  C C   . PHE   A 1 16  ? 5.78791   7.90375   6.36412   1.000 8.23000  ? 16  PHE   A C   1 
ATOM   129  O O   . PHE   A 1 16  ? 4.79526   8.28325   5.73386   1.000 8.96000  ? 16  PHE   A O   1 
ATOM   130  C CB  . PHE   A 1 16  ? 5.75862   5.53639   7.25229   1.000 7.45000  ? 16  PHE   A CB  1 
ATOM   131  C CG  . PHE   A 1 16  ? 4.26161   5.31353   7.17303   1.000 6.29000  ? 16  PHE   A CG  1 
ATOM   132  C CD1 . PHE   A 1 16  ? 3.68679   4.75489   6.04713   1.000 7.63000  ? 16  PHE   A CD1 1 
ATOM   133  C CD2 . PHE   A 1 16  ? 3.43816   5.63202   8.23972   1.000 7.26000  ? 16  PHE   A CD2 1 
ATOM   134  C CE1 . PHE   A 1 16  ? 2.32289   4.53860   5.98128   1.000 8.26000  ? 16  PHE   A CE1 1 
ATOM   135  C CE2 . PHE   A 1 16  ? 2.07291   5.42104   8.17631   1.000 8.23000  ? 16  PHE   A CE2 1 
ATOM   136  C CZ  . PHE   A 1 16  ? 1.51373   4.87470   7.05279   1.000 9.66000  ? 16  PHE   A CZ  1 
ATOM   137  N N   . GLU   A 1 17  ? 6.47136   8.72507   7.16492   1.000 8.90000  ? 17  GLU   A N   1 
ATOM   138  C CA  . GLU   A 1 17  ? 5.98708   10.09114  7.35605   1.000 9.37000  ? 17  GLU   A CA  1 
ATOM   139  C C   . GLU   A 1 17  ? 6.13021   10.93012  6.09112   1.000 8.57000  ? 17  GLU   A C   1 
ATOM   140  O O   . GLU   A 1 17  ? 5.27152   11.77482  5.81100   1.000 8.89000  ? 17  GLU   A O   1 
ATOM   141  C CB  . GLU   A 1 17  ? 6.68130   10.77387  8.53278   1.000 12.28000 ? 17  GLU   A CB  1 
ATOM   142  C CG  . GLU   A 1 17  ? 6.34921   12.26889  8.60664   1.000 21.75000 ? 17  GLU   A CG  1 
ATOM   143  C CD  . GLU   A 1 17  ? 6.30553   12.81796  10.00856  1.000 23.30000 ? 17  GLU   A CD  1 
ATOM   144  O OE1 . GLU   A 1 17  ? 7.03526   12.29066  10.86986  1.000 26.24000 ? 17  GLU   A OE1 1 
ATOM   145  O OE2 . GLU   A 1 17  ? 5.55081   13.79323  10.24117  1.000 19.41000 ? 17  GLU   A OE2 1 
ATOM   146  N N   . GLY   A 1 18  ? 7.20518   10.73192  5.32136   1.000 9.51000  ? 18  GLY   A N   1 
ATOM   147  C CA  . GLY   A 1 18  ? 7.35912   11.48893  4.09064   1.000 9.40000  ? 18  GLY   A CA  1 
ATOM   148  C C   . GLY   A 1 18  ? 6.23705   11.20467  3.11526   1.000 8.47000  ? 18  GLY   A C   1 
ATOM   149  O O   . GLY   A 1 18  ? 5.69133   12.11585  2.48291   1.000 9.14000  ? 18  GLY   A O   1 
ATOM   150  N N   . TRP   A 1 19  ? 5.87070   9.93096   2.98998   1.000 7.63000  ? 19  TRP   A N   1 
ATOM   151  C CA  . TRP   A 1 19  ? 4.73552   9.55096   2.15780   1.000 7.61000  ? 19  TRP   A CA  1 
ATOM   152  C C   . TRP   A 1 19  ? 3.44540   10.20690  2.65691   1.000 7.79000  ? 19  TRP   A C   1 
ATOM   153  O O   . TRP   A 1 19  ? 2.68598   10.78828  1.87110   1.000 8.33000  ? 19  TRP   A O   1 
ATOM   154  C CB  . TRP   A 1 19  ? 4.64110   8.02327   2.12545   1.000 8.82000  ? 19  TRP   A CB  1 
ATOM   155  C CG  . TRP   A 1 19  ? 3.45740   7.47359   1.38855   1.000 7.04000  ? 19  TRP   A CG  1 
ATOM   156  C CD1 . TRP   A 1 19  ? 3.29906   7.37639   0.03007   1.000 7.66000  ? 19  TRP   A CD1 1 
ATOM   157  C CD2 . TRP   A 1 19  ? 2.26616   6.92278   1.97016   1.000 7.03000  ? 19  TRP   A CD2 1 
ATOM   158  N NE1 . TRP   A 1 19  ? 2.08172   6.81499   -0.25797  1.000 7.46000  ? 19  TRP   A NE1 1 
ATOM   159  C CE2 . TRP   A 1 19  ? 1.43422   6.51861   0.91321   1.000 8.09000  ? 19  TRP   A CE2 1 
ATOM   160  C CE3 . TRP   A 1 19  ? 1.82308   6.73737   3.28547   1.000 8.18000  ? 19  TRP   A CE3 1 
ATOM   161  C CZ2 . TRP   A 1 19  ? 0.18134   5.94439   1.13006   1.000 8.72000  ? 19  TRP   A CZ2 1 
ATOM   162  C CZ3 . TRP   A 1 19  ? 0.58095   6.16677   3.49060   1.000 8.90000  ? 19  TRP   A CZ3 1 
ATOM   163  C CH2 . TRP   A 1 19  ? -0.21672  5.77214   2.42615   1.000 8.65000  ? 19  TRP   A CH2 1 
ATOM   164  N N   . MET   A 1 20  ? 3.19792   10.15520  3.97232   1.000 7.45000  ? 20  MET   A N   1 
ATOM   165  C CA  . MET   A 1 20  ? 1.97222   10.75745  4.49513   1.000 8.87000  ? 20  MET   A CA  1 
ATOM   166  C C   . MET   A 1 20  ? 1.94845   12.26493  4.27005   1.000 7.56000  ? 20  MET   A C   1 
ATOM   167  O O   . MET   A 1 20  ? 0.89044   12.83971  3.97681   1.000 10.16000 ? 20  MET   A O   1 
ATOM   168  C CB  . MET   A 1 20  ? 1.83568   10.47874  5.98822   1.000 7.87000  ? 20  MET   A CB  1 
ATOM   169  C CG  . MET   A 1 20  ? 1.45851   9.05455   6.34504   1.000 8.24000  ? 20  MET   A CG  1 
ATOM   170  S SD  . MET   A 1 20  ? 1.06415   8.89543   8.09915   1.000 9.69000  ? 20  MET   A SD  1 
ATOM   171  C CE  . MET   A 1 20  ? 2.66242   9.14674   8.88248   1.000 9.61000  ? 20  MET   A CE  1 
ATOM   172  N N   . LYS   A 1 21  ? 3.10071   12.91871  4.41908   1.000 8.91000  ? 21  LYS   A N   1 
ATOM   173  C CA  . LYS   A 1 21  ? 3.16143   14.36659  4.24402   1.000 10.74000 ? 21  LYS   A CA  1 
ATOM   174  C C   . LYS   A 1 21  ? 2.91100   14.76160  2.79430   1.000 10.72000 ? 21  LYS   A C   1 
ATOM   175  O O   . LYS   A 1 21  ? 2.25225   15.77509  2.52722   1.000 10.07000 ? 21  LYS   A O   1 
ATOM   176  C CB  . LYS   A 1 21  ? 4.50776   14.89463  4.73029   1.000 12.42000 ? 21  LYS   A CB  1 
ATOM   177  C CG  . LYS   A 1 21  ? 4.44298   16.32144  5.24899   1.000 15.85000 ? 21  LYS   A CG  1 
ATOM   178  C CD  . LYS   A 1 21  ? 5.71929   16.72428  5.96324   1.000 16.62000 ? 21  LYS   A CD  1 
ATOM   179  C CE  . LYS   A 1 21  ? 6.58184   17.63355  5.09783   1.000 26.18000 ? 21  LYS   A CE  1 
ATOM   180  N NZ  . LYS   A 1 21  ? 7.51709   18.47772  5.91200   1.000 30.34000 ? 21  LYS   A NZ  1 
ATOM   181  N N   . ALA   A 1 22  ? 3.41683   13.96688  1.84418   1.000 9.52000  ? 22  ALA   A N   1 
ATOM   182  C CA  . ALA   A 1 22  ? 3.16020   14.22770  0.43449   1.000 9.24000  ? 22  ALA   A CA  1 
ATOM   183  C C   . ALA   A 1 22  ? 1.68744   14.07981  0.09165   1.000 8.76000  ? 22  ALA   A C   1 
ATOM   184  O O   . ALA   A 1 22  ? 1.22494   14.67340  -0.89021  1.000 10.82000 ? 22  ALA   A O   1 
ATOM   185  C CB  . ALA   A 1 22  ? 4.01000   13.29221  -0.42834  1.000 12.01000 ? 22  ALA   A CB  1 
ATOM   186  N N   . LEU   A 1 23  ? 0.94229   13.29704  0.87247   1.000 8.46000  ? 23  LEU   A N   1 
ATOM   187  C CA  . LEU   A 1 23  ? -0.50597  13.19764  0.75905   1.000 8.38000  ? 23  LEU   A CA  1 
ATOM   188  C C   . LEU   A 1 23  ? -1.23461  14.29788  1.51687   1.000 7.98000  ? 23  LEU   A C   1 
ATOM   189  O O   . LEU   A 1 23  ? -2.46965  14.33547  1.48704   1.000 8.30000  ? 23  LEU   A O   1 
ATOM   190  C CB  . LEU   A 1 23  ? -0.97923  11.82236  1.24112   1.000 8.53000  ? 23  LEU   A CB  1 
ATOM   191  C CG  . LEU   A 1 23  ? -0.58193  10.64645  0.33804   1.000 8.56000  ? 23  LEU   A CG  1 
ATOM   192  C CD1 . LEU   A 1 23  ? -0.77283  9.31728   1.04248   1.000 10.63000 ? 23  LEU   A CD1 1 
ATOM   193  C CD2 . LEU   A 1 23  ? -1.38913  10.67800  -0.95738  1.000 9.32000  ? 23  LEU   A CD2 1 
ATOM   194  N N   . ASP   A 1 24  ? -0.50204  15.16447  2.22046   1.000 8.26000  ? 24  ASP   A N   1 
ATOM   195  C CA  . ASP   A 1 24  ? -1.05710  16.29139  2.97694   1.000 9.07000  ? 24  ASP   A CA  1 
ATOM   196  C C   . ASP   A 1 24  ? -1.79333  15.86122  4.23653   1.000 9.92000  ? 24  ASP   A C   1 
ATOM   197  O O   . ASP   A 1 24  ? -2.61087  16.61432  4.76923   1.000 10.50000 ? 24  ASP   A O   1 
ATOM   198  C CB  . ASP   A 1 24  ? -1.92021  17.22881  2.11753   1.000 10.36000 ? 24  ASP   A CB  1 
ATOM   199  C CG  . ASP   A 1 24  ? -1.28558  17.51468  0.77988   1.000 10.16000 ? 24  ASP   A CG  1 
ATOM   200  O OD1 . ASP   A 1 24  ? -0.08324  17.81551  0.77099   1.000 10.91000 ? 24  ASP   A OD1 1 
ATOM   201  O OD2 . ASP   A 1 24  ? -1.98391  17.40132  -0.25235  1.000 12.16000 ? 24  ASP   A OD2 1 
ATOM   202  N N   . ILE   A 1 25  ? -1.52110  14.65303  4.72819   1.000 9.15000  ? 25  ILE   A N   1 
ATOM   203  C CA  . ILE   A 1 25  ? -2.12371  14.21607  5.97817   1.000 9.31000  ? 25  ILE   A CA  1 
ATOM   204  C C   . ILE   A 1 25  ? -1.67636  15.14078  7.10673   1.000 8.41000  ? 25  ILE   A C   1 
ATOM   205  O O   . ILE   A 1 25  ? -0.52225  15.57505  7.15930   1.000 10.99000 ? 25  ILE   A O   1 
ATOM   206  C CB  . ILE   A 1 25  ? -1.76250  12.73828  6.19754   1.000 8.55000  ? 25  ILE   A CB  1 
ATOM   207  C CG1 . ILE   A 1 25  ? -2.43465  11.88533  5.10800   1.000 12.20000 ? 25  ILE   A CG1 1 
ATOM   208  C CG2 . ILE   A 1 25  ? -2.13617  12.29291  7.60427   1.000 10.55000 ? 25  ILE   A CG2 1 
ATOM   209  C CD1 . ILE   A 1 25  ? -1.96798  10.44298  5.08320   1.000 10.82000 ? 25  ILE   A CD1 1 
ATOM   210  N N   . ASP   A 1 26  ? -2.61081  15.49517  7.98533   1.000 10.31000 ? 26  ASP   A N   1 
ATOM   211  C CA  . ASP   A 1 26  ? -2.30745  16.54654  8.94853   1.000 11.44000 ? 26  ASP   A CA  1 
ATOM   212  C C   . ASP   A 1 26  ? -1.33565  16.07840  10.03398  1.000 10.26000 ? 26  ASP   A C   1 
ATOM   213  O O   . ASP   A 1 26  ? -1.12693  14.88368  10.26043  1.000 11.69000 ? 26  ASP   A O   1 
ATOM   214  C CB  . ASP   A 1 26  ? -3.57450  17.19663  9.50653   1.000 18.12000 ? 26  ASP   A CB  1 
ATOM   215  C CG  . ASP   A 1 26  ? -4.41589  16.25655  10.33439  1.000 18.00000 ? 26  ASP   A CG  1 
ATOM   216  O OD1 . ASP   A 1 26  ? -5.63374  16.51484  10.44327  1.000 29.42000 ? 26  ASP   A OD1 1 
ATOM   217  O OD2 . ASP   A 1 26  ? -3.88454  15.28534  10.91010  1.000 21.30000 ? 26  ASP   A OD2 1 
ATOM   218  N N   . PHE   A 1 27  ? -0.74790  17.06508  10.70855  1.000 10.54000 ? 27  PHE   A N   1 
ATOM   219  C CA  . PHE   A 1 27  ? 0.32921   16.82955  11.66381  1.000 10.92000 ? 27  PHE   A CA  1 
ATOM   220  C C   . PHE   A 1 27  ? -0.06214  15.80489  12.72150  1.000 9.99000  ? 27  PHE   A C   1 
ATOM   221  O O   . PHE   A 1 27  ? 0.71140   14.89470  13.03375  1.000 10.76000 ? 27  PHE   A O   1 
ATOM   222  C CB  . PHE   A 1 27  ? 0.71256   18.16607  12.31255  1.000 13.62000 ? 27  PHE   A CB  1 
ATOM   223  C CG  . PHE   A 1 27  ? 1.70384   18.04379  13.44464  1.000 13.69000 ? 27  PHE   A CG  1 
ATOM   224  C CD1 . PHE   A 1 27  ? 3.06444   18.12403  13.19916  1.000 17.32000 ? 27  PHE   A CD1 1 
ATOM   225  C CD2 . PHE   A 1 27  ? 1.27513   17.87558  14.75429  1.000 14.26000 ? 27  PHE   A CD2 1 
ATOM   226  C CE1 . PHE   A 1 27  ? 3.98127   18.02069  14.23360  1.000 19.83000 ? 27  PHE   A CE1 1 
ATOM   227  C CE2 . PHE   A 1 27  ? 2.19139   17.76952  15.79103  1.000 16.23000 ? 27  PHE   A CE2 1 
ATOM   228  C CZ  . PHE   A 1 27  ? 3.54154   17.84308  15.52896  1.000 17.63000 ? 27  PHE   A CZ  1 
ATOM   229  N N   . ALA   A 1 28  ? -1.24921  15.95611  13.31072  1.000 9.37000  ? 28  ALA   A N   1 
ATOM   230  C CA  . ALA   A 1 28  ? -1.62027  15.10228  14.43559  1.000 9.52000  ? 28  ALA   A CA  1 
ATOM   231  C C   . ALA   A 1 28  ? -1.72868  13.64954  14.00180  1.000 8.94000  ? 28  ALA   A C   1 
ATOM   232  O O   . ALA   A 1 28  ? -1.22063  12.74830  14.67596  1.000 9.61000  ? 28  ALA   A O   1 
ATOM   233  C CB  . ALA   A 1 28  ? -2.93636  15.58187  15.04301  1.000 11.28000 ? 28  ALA   A CB  1 
ATOM   234  N N   . THR   A 1 29  ? -2.37192  13.40895  12.85677  1.000 8.83000  ? 29  THR   A N   1 
ATOM   235  C CA  . THR   A 1 29  ? -2.48315  12.05745  12.31704  1.000 8.94000  ? 29  THR   A CA  1 
ATOM   236  C C   . THR   A 1 29  ? -1.11553  11.48195  11.98362  1.000 9.69000  ? 29  THR   A C   1 
ATOM   237  O O   . THR   A 1 29  ? -0.83302  10.32287  12.30418  1.000 10.05000 ? 29  THR   A O   1 
ATOM   238  C CB  . THR   A 1 29  ? -3.38307  12.06568  11.08073  1.000 10.70000 ? 29  THR   A CB  1 
ATOM   239  O OG1 . THR   A 1 29  ? -4.67352  12.56653  11.45194  1.000 12.25000 ? 29  THR   A OG1 1 
ATOM   240  C CG2 . THR   A 1 29  ? -3.54952  10.65282  10.49903  1.000 11.78000 ? 29  THR   A CG2 1 
ATOM   241  N N   . ARG   A 1 30  ? -0.24125  12.28112  11.36589  1.000 8.95000  ? 30  ARG   A N   1 
ATOM   242  C CA  . ARG   A 1 30  ? 1.08470   11.78354  11.01616  1.000 9.20000  ? 30  ARG   A CA  1 
ATOM   243  C C   . ARG   A 1 30  ? 1.89011   11.43241  12.25607  1.000 11.83000 ? 30  ARG   A C   1 
ATOM   244  O O   . ARG   A 1 30  ? 2.58602   10.41025  12.28061  1.000 10.44000 ? 30  ARG   A O   1 
ATOM   245  C CB  . ARG   A 1 30  ? 1.85160   12.82604  10.19959  1.000 10.94000 ? 30  ARG   A CB  1 
ATOM   246  C CG  . ARG   A 1 30  ? 1.25976   13.16462  8.84080   1.000 11.59000 ? 30  ARG   A CG  1 
ATOM   247  C CD  . ARG   A 1 30  ? 2.30235   13.80778  7.91570   1.000 12.31000 ? 30  ARG   A CD  1 
ATOM   248  N NE  . ARG   A 1 30  ? 3.22987   14.69301  8.61774   1.000 14.75000 ? 30  ARG   A NE  1 
ATOM   249  C CZ  . ARG   A 1 30  ? 3.01834   15.98836  8.82835   1.000 13.38000 ? 30  ARG   A CZ  1 
ATOM   250  N NH1 . ARG   A 1 30  ? 1.89563   16.55748  8.41696   1.000 13.26000 ? 30  ARG   A NH1 1 
ATOM   251  N NH2 . ARG   A 1 30  ? 3.92268   16.70889  9.47449   1.000 14.46000 ? 30  ARG   A NH2 1 
ATOM   252  N N   . LYS   A 1 31  ? 1.82841   12.27821  13.29299  1.000 9.63000  ? 31  LYS   A N   1 
ATOM   253  C CA  . LYS   A 1 31  ? 2.65328   12.05917  14.47940  1.000 11.63000 ? 31  LYS   A CA  1 
ATOM   254  C C   . LYS   A 1 31  ? 2.27919   10.76158  15.17284  1.000 10.90000 ? 31  LYS   A C   1 
ATOM   255  O O   . LYS   A 1 31  ? 3.15053   10.03472  15.66432  1.000 12.84000 ? 31  LYS   A O   1 
ATOM   256  C CB  . LYS   A 1 31  ? 2.51421   13.22855  15.44755  1.000 11.76000 ? 31  LYS   A CB  1 
ATOM   257  C CG  . LYS   A 1 31  ? 3.32525   14.44353  15.06641  1.000 19.43000 ? 31  LYS   A CG  1 
ATOM   258  C CD  . LYS   A 1 31  ? 4.76561   14.08327  14.75321  1.000 24.43000 ? 31  LYS   A CD  1 
ATOM   259  C CE  . LYS   A 1 31  ? 5.13095   14.53723  13.35104  1.000 23.72000 ? 31  LYS   A CE  1 
ATOM   260  N NZ  . LYS   A 1 31  ? 6.58120   14.35461  13.06001  1.000 24.14000 ? 31  LYS   A NZ  1 
ATOM   261  N N   . ILE   A 1 32  ? 0.99173   10.44406  15.21017  1.000 9.45000  ? 32  ILE   A N   1 
ATOM   262  C CA  . ILE   A 1 32  ? 0.57657   9.17761   15.79139  1.000 9.55000  ? 32  ILE   A CA  1 
ATOM   263  C C   . ILE   A 1 32  ? 0.93273   8.02775   14.85568  1.000 10.45000 ? 32  ILE   A C   1 
ATOM   264  O O   . ILE   A 1 32  ? 1.55069   7.04176   15.27101  1.000 10.43000 ? 32  ILE   A O   1 
ATOM   265  C CB  . ILE   A 1 32  ? -0.92574  9.20170   16.12216  1.000 9.53000  ? 32  ILE   A CB  1 
ATOM   266  C CG1 . ILE   A 1 32  ? -1.25917  10.31207  17.14131  1.000 13.30000 ? 32  ILE   A CG1 1 
ATOM   267  C CG2 . ILE   A 1 32  ? -1.39897  7.83049   16.57907  1.000 11.21000 ? 32  ILE   A CG2 1 
ATOM   268  C CD1 . ILE   A 1 32  ? -0.35188  10.36733  18.35268  1.000 14.04000 ? 32  ILE   A CD1 1 
ATOM   269  N N   . ALA   A 1 33  ? 0.58036   8.15800   13.56685  1.000 8.98000  ? 33  ALA   A N   1 
ATOM   270  C CA  . ALA   A 1 33  ? 0.68379   7.04434   12.62159  1.000 7.89000  ? 33  ALA   A CA  1 
ATOM   271  C C   . ALA   A 1 33  ? 2.12340   6.61185   12.37639  1.000 6.48000  ? 33  ALA   A C   1 
ATOM   272  O O   . ALA   A 1 33  ? 2.37412   5.42159   12.15883  1.000 7.94000  ? 33  ALA   A O   1 
ATOM   273  C CB  . ALA   A 1 33  ? 0.01872   7.41642   11.29436  1.000 8.80000  ? 33  ALA   A CB  1 
ATOM   274  N N   . VAL   A 1 34  ? 3.08033   7.54666   12.41283  1.000 7.49000  ? 34  VAL   A N   1 
ATOM   275  C CA  . VAL   A 1 34  ? 4.48053   7.21279   12.14935  1.000 7.55000  ? 34  VAL   A CA  1 
ATOM   276  C C   . VAL   A 1 34  ? 5.05890   6.29052   13.21016  1.000 8.52000  ? 34  VAL   A C   1 
ATOM   277  O O   . VAL   A 1 34  ? 6.07702   5.63318   12.96522  1.000 14.51000 ? 34  VAL   A O   1 
ATOM   278  C CB  . VAL   A 1 34  ? 5.32087   8.49883   12.00114  1.000 11.04000 ? 34  VAL   A CB  1 
ATOM   279  C CG1 . VAL   A 1 34  ? 5.57435   9.13233   13.36099  1.000 13.45000 ? 34  VAL   A CG1 1 
ATOM   280  C CG2 . VAL   A 1 34  ? 6.63499   8.21817   11.26027  1.000 13.14000 ? 34  VAL   A CG2 1 
ATOM   281  N N   . ARG   A 1 35  ? 4.43914   6.21241   14.38816  1.000 8.07000  ? 35  ARG   A N   1 
ATOM   282  C CA  . ARG   A 1 35  ? 4.95158   5.37859   15.47244  1.000 7.60000  ? 35  ARG   A CA  1 
ATOM   283  C C   . ARG   A 1 35  ? 4.58650   3.91384   15.32589  1.000 7.38000  ? 35  ARG   A C   1 
ATOM   284  O O   . ARG   A 1 35  ? 5.12410   3.08760   16.06859  1.000 7.44000  ? 35  ARG   A O   1 
ATOM   285  C CB  . ARG   A 1 35  ? 4.38592   5.82754   16.81833  1.000 9.36000  ? 35  ARG   A CB  1 
ATOM   286  C CG  . ARG   A 1 35  ? 4.58830   7.27419   17.15948  1.000 13.13000 ? 35  ARG   A CG  1 
ATOM   287  C CD  . ARG   A 1 35  ? 3.84161   7.53421   18.44595  1.000 18.09000 ? 35  ARG   A CD  1 
ATOM   288  N NE  . ARG   A 1 35  ? 3.84510   8.93015   18.85194  1.000 19.06000 ? 35  ARG   A NE  1 
ATOM   289  C CZ  . ARG   A 1 35  ? 2.97785   9.44007   19.72280  1.000 24.33000 ? 35  ARG   A CZ  1 
ATOM   290  N NH1 . ARG   A 1 35  ? 2.04318   8.66353   20.26468  1.000 16.37000 ? 35  ARG   A NH1 1 
ATOM   291  N NH2 . ARG   A 1 35  ? 3.03866   10.72314  20.04652  1.000 23.19000 ? 35  ARG   A NH2 1 
ATOM   292  N N   . LEU   A 1 36  ? 3.69521   3.57043   14.40264  1.000 7.29000  ? 36  LEU   A N   1 
ATOM   293  C CA  . LEU   A 1 36  ? 2.91538   2.34699   14.53259  1.000 7.47000  ? 36  LEU   A CA  1 
ATOM   294  C C   . LEU   A 1 36  ? 3.43883   1.18666   13.69309  1.000 7.84000  ? 36  LEU   A C   1 
ATOM   295  O O   . LEU   A 1 36  ? 3.86106   1.35831   12.54233  1.000 8.29000  ? 36  LEU   A O   1 
ATOM   296  C CB  . LEU   A 1 36  ? 1.44640   2.59361   14.19987  1.000 6.53000  ? 36  LEU   A CB  1 
ATOM   297  C CG  . LEU   A 1 36  ? 0.80654   3.69390   15.03921  1.000 7.64000  ? 36  LEU   A CG  1 
ATOM   298  C CD1 . LEU   A 1 36  ? -0.64011  3.81982   14.65703  1.000 8.81000  ? 36  LEU   A CD1 1 
ATOM   299  C CD2 . LEU   A 1 36  ? 0.96180   3.43394   16.53655  1.000 9.30000  ? 36  LEU   A CD2 1 
ATOM   300  N N   . THR   A 1 37  ? 3.35463   -0.00564  14.26904  1.000 7.31000  ? 37  THR   A N   1 
ATOM   301  C CA  . THR   A 1 37  ? 3.57850   -1.24528  13.54658  1.000 8.25000  ? 37  THR   A CA  1 
ATOM   302  C C   . THR   A 1 37  ? 2.35774   -1.53579  12.68636  1.000 9.59000  ? 37  THR   A C   1 
ATOM   303  O O   . THR   A 1 37  ? 1.21537   -1.32235  13.11466  1.000 11.26000 ? 37  THR   A O   1 
ATOM   304  C CB  . THR   A 1 37  ? 3.78972   -2.38101  14.55002  1.000 12.42000 ? 37  THR   A CB  1 
ATOM   305  O OG1 . THR   A 1 37  ? 4.90380   -2.06101  15.39040  1.000 15.63000 ? 37  THR   A OG1 1 
ATOM   306  C CG2 . THR   A 1 37  ? 4.05408   -3.70715  13.84956  1.000 12.30000 ? 37  THR   A CG2 1 
ATOM   307  N N   . GLN   A 1 38  ? 2.60029   -1.98898  11.47541  1.000 7.40000  ? 38  GLN   A N   1 
ATOM   308  C CA  . GLN   A 1 38  ? 1.52595   -2.32676  10.52885  1.000 7.60000  ? 38  GLN   A CA  1 
ATOM   309  C C   . GLN   A 1 38  ? 1.43024   -3.81633  10.20561  1.000 8.18000  ? 38  GLN   A C   1 
ATOM   310  O O   . GLN   A 1 38  ? 2.32980   -4.54940  10.37566  1.000 9.18000  ? 38  GLN   A O   1 
ATOM   311  C CB  . GLN   A 1 38  ? 1.74712   -1.53270  9.22055   1.000 8.50000  ? 38  GLN   A CB  1 
ATOM   312  C CG  . GLN   A 1 38  ? 1.90862   -0.01943  9.39879   1.000 8.10000  ? 38  GLN   A CG  1 
ATOM   313  C CD  . GLN   A 1 38  ? 2.15895   0.74764   8.10380   1.000 8.43000  ? 38  GLN   A CD  1 
ATOM   314  O OE1 . GLN   A 1 38  ? 1.85461   0.27785   7.06430   1.000 10.12000 ? 38  GLN   A OE1 1 
ATOM   315  N NE2 . GLN   A 1 38  ? 2.67219   1.94574   8.22243   1.000 8.36000  ? 38  GLN   A NE2 1 
ATOM   316  N N   . THR   A 1 39  ? 0.24978   -4.17259  9.74386   1.000 8.19000  ? 39  THR   A N   1 
ATOM   317  C CA  . THR   A 1 39  ? -0.04184  -5.50768  9.22593   1.000 8.71000  ? 39  THR   A CA  1 
ATOM   318  C C   . THR   A 1 39  ? -0.66830  -5.29364  7.84361   1.000 8.39000  ? 39  THR   A C   1 
ATOM   319  O O   . THR   A 1 39  ? -1.29036  -4.31886  7.57614   1.000 10.75000 ? 39  THR   A O   1 
ATOM   320  C CB  . THR   A 1 39  ? -1.02886  -6.26036  10.14877  1.000 10.43000 ? 39  THR   A CB  1 
ATOM   321  O OG1 . THR   A 1 39  ? -0.49678  -6.30463  11.46300  1.000 12.55000 ? 39  THR   A OG1 1 
ATOM   322  C CG2 . THR   A 1 39  ? -1.24132  -7.63968  9.71895   1.000 14.09000 ? 39  THR   A CG2 1 
ATOM   323  N N   . LEU   A 1 40  ? -0.46246  -6.29076  6.99948   1.000 7.49000  ? 40  LEU   A N   1 
ATOM   324  C CA  . LEU   A 1 40  ? -0.99948  -6.28918  5.66319   1.000 7.24000  ? 40  LEU   A CA  1 
ATOM   325  C C   . LEU   A 1 40  ? -1.50835  -7.69093  5.40529   1.000 8.79000  ? 40  LEU   A C   1 
ATOM   326  O O   . LEU   A 1 40  ? -0.74045  -8.65271  5.42272   1.000 11.50000 ? 40  LEU   A O   1 
ATOM   327  C CB  . LEU   A 1 40  ? 0.08213   -5.92125  4.64651   1.000 11.57000 ? 40  LEU   A CB  1 
ATOM   328  C CG  . LEU   A 1 40  ? -0.40210  -5.57081  3.23882   1.000 11.72000 ? 40  LEU   A CG  1 
ATOM   329  C CD1 . LEU   A 1 40  ? -1.09951  -4.22018  3.22990   1.000 10.79000 ? 40  LEU   A CD1 1 
ATOM   330  C CD2 . LEU   A 1 40  ? 0.75559   -5.58732  2.25224   1.000 14.13000 ? 40  LEU   A CD2 1 
ATOM   331  N N   . VAL   A 1 41  ? -2.79278  -7.80769  5.16742   1.000 8.48000  ? 41  VAL   A N   1 
ATOM   332  C CA  . VAL   A 1 41  ? -3.42173  -9.08827  4.86976   1.000 9.53000  ? 41  VAL   A CA  1 
ATOM   333  C C   . VAL   A 1 41  ? -3.80333  -9.10841  3.39177   1.000 10.47000 ? 41  VAL   A C   1 
ATOM   334  O O   . VAL   A 1 41  ? -4.49059  -8.24030  2.91118   1.000 10.59000 ? 41  VAL   A O   1 
ATOM   335  C CB  . VAL   A 1 41  ? -4.66433  -9.31647  5.75440   1.000 10.13000 ? 41  VAL   A CB  1 
ATOM   336  C CG1 . VAL   A 1 41  ? -5.22332  -10.72305 5.49732   1.000 12.60000 ? 41  VAL   A CG1 1 
ATOM   337  C CG2 . VAL   A 1 41  ? -4.29670  -9.23559  7.22450   1.000 11.46000 ? 41  VAL   A CG2 1 
ATOM   338  N N   . ILE   A 1 42  ? -3.33176  -10.11638 2.69729   1.000 8.72000  ? 42  ILE   A N   1 
ATOM   339  C CA  . ILE   A 1 42  ? -3.60273  -10.25814 1.28919   1.000 8.88000  ? 42  ILE   A CA  1 
ATOM   340  C C   . ILE   A 1 42  ? -4.27003  -11.58516 1.00488   1.000 9.40000  ? 42  ILE   A C   1 
ATOM   341  O O   . ILE   A 1 42  ? -3.76938  -12.59888 1.35928   1.000 10.71000 ? 42  ILE   A O   1 
ATOM   342  C CB  . ILE   A 1 42  ? -2.28546  -10.15847 0.46463   1.000 8.51000  ? 42  ILE   A CB  1 
ATOM   343  C CG1 . ILE   A 1 42  ? -1.60111  -8.76746  0.67184   1.000 10.11000 ? 42  ILE   A CG1 1 
ATOM   344  C CG2 . ILE   A 1 42  ? -2.52488  -10.39896 -1.04204  1.000 9.86000  ? 42  ILE   A CG2 1 
ATOM   345  C CD1 . ILE   A 1 42  ? -0.25950  -8.61955  -0.02577  1.000 12.17000 ? 42  ILE   A CD1 1 
ATOM   346  N N   . ASP   A 1 43  ? -5.42788  -11.49072 0.38047   1.000 9.62000  ? 43  ASP   A N   1 
ATOM   347  C CA  . ASP   A 1 43  ? -6.16473  -12.65247 -0.09879  1.000 9.17000  ? 43  ASP   A CA  1 
ATOM   348  C C   . ASP   A 1 43  ? -6.13608  -12.55066 -1.61742  1.000 9.90000  ? 43  ASP   A C   1 
ATOM   349  O O   . ASP   A 1 43  ? -6.70534  -11.61598 -2.19362  1.000 12.33000 ? 43  ASP   A O   1 
ATOM   350  C CB  . ASP   A 1 43  ? -7.59382  -12.58582 0.44232   1.000 14.30000 ? 43  ASP   A CB  1 
ATOM   351  C CG  . ASP   A 1 43  ? -8.46108  -13.76581 0.02218   1.000 23.16000 ? 43  ASP   A CG  1 
ATOM   352  O OD1 . ASP   A 1 43  ? -8.09298  -14.51813 -0.90386  1.000 24.03000 ? 43  ASP   A OD1 1 
ATOM   353  O OD2 . ASP   A 1 43  ? -9.53942  -13.93539 0.63178   1.000 33.19000 ? 43  ASP   A OD2 1 
ATOM   354  N N   . GLN   A 1 44  ? -5.46378  -13.50134 -2.26334  1.000 9.42000  ? 44  GLN   A N   1 
ATOM   355  C CA  . GLN   A 1 44  ? -5.20436  -13.44532 -3.69755  1.000 8.59000  ? 44  GLN   A CA  1 
ATOM   356  C C   . GLN   A 1 44  ? -5.67985  -14.73924 -4.33833  1.000 11.27000 ? 44  GLN   A C   1 
ATOM   357  O O   . GLN   A 1 44  ? -5.25809  -15.82761 -3.93582  1.000 11.90000 ? 44  GLN   A O   1 
ATOM   358  C CB  . GLN   A 1 44  ? -3.70463  -13.25033 -3.95256  1.000 9.13000  ? 44  GLN   A CB  1 
ATOM   359  C CG  . GLN   A 1 44  ? -3.27367  -13.35611 -5.41677  1.000 10.34000 ? 44  GLN   A CG  1 
ATOM   360  C CD  . GLN   A 1 44  ? -1.76584  -13.27247 -5.55167  1.000 10.68000 ? 44  GLN   A CD  1 
ATOM   361  O OE1 . GLN   A 1 44  ? -1.06668  -13.01304 -4.57678  1.000 13.64000 ? 44  GLN   A OE1 1 
ATOM   362  N NE2 . GLN   A 1 44  ? -1.25941  -13.46996 -6.76394  1.000 14.92000 ? 44  GLN   A NE2 1 
ATOM   363  N N   . ASP   A 1 45  ? -6.55365  -14.62787 -5.33378  1.000 9.50000  ? 45  ASP   A N   1 
ATOM   364  C CA  . ASP   A 1 45  ? -6.98151  -15.78924 -6.10995  1.000 13.94000 ? 45  ASP   A CA  1 
ATOM   365  C C   . ASP   A 1 45  ? -7.02117  -15.36908 -7.56824  1.000 13.08000 ? 45  ASP   A C   1 
ATOM   366  O O   . ASP   A 1 45  ? -7.90382  -14.60707 -7.96980  1.000 11.75000 ? 45  ASP   A O   1 
ATOM   367  C CB  . ASP   A 1 45  ? -8.34175  -16.30855 -5.65146  1.000 15.75000 ? 45  ASP   A CB  1 
ATOM   368  C CG  . ASP   A 1 45  ? -8.87643  -17.41427 -6.54922  1.000 23.03000 ? 45  ASP   A CG  1 
ATOM   369  O OD1 . ASP   A 1 45  ? -8.11240  -18.34911 -6.87825  1.000 30.73000 ? 45  ASP   A OD1 1 
ATOM   370  O OD2 . ASP   A 1 45  ? -10.06463 -17.34714 -6.91708  1.000 33.26000 ? 45  ASP   A OD2 1 
ATOM   371  N N   . GLY   A 1 46  ? -6.06374  -15.84981 -8.34893  1.000 13.99000 ? 46  GLY   A N   1 
ATOM   372  C CA  . GLY   A 1 46  ? -5.97420  -15.40591 -9.73107  1.000 13.65000 ? 46  GLY   A CA  1 
ATOM   373  C C   . GLY   A 1 46  ? -5.67421  -13.92073 -9.78236  1.000 14.57000 ? 46  GLY   A C   1 
ATOM   374  O O   . GLY   A 1 46  ? -4.73885  -13.43118 -9.14108  1.000 15.62000 ? 46  GLY   A O   1 
ATOM   375  N N   . ASP   A 1 47  ? -6.48794  -13.18685 -10.53749 1.000 13.83000 ? 47  ASP   A N   1 
ATOM   376  C CA  . ASP   A 1 47  ? -6.36551  -11.73480 -10.58301 1.000 14.73000 ? 47  ASP   A CA  1 
ATOM   377  C C   . ASP   A 1 47  ? -7.05582  -11.04193 -9.42960  1.000 12.86000 ? 47  ASP   A C   1 
ATOM   378  O O   . ASP   A 1 47  ? -6.93060  -9.81882  -9.31125  1.000 12.78000 ? 47  ASP   A O   1 
ATOM   379  C CB  . ASP   A 1 47  ? -7.05052  -11.17575 -11.81936 1.000 14.46000 ? 47  ASP   A CB  1 
ATOM   380  C CG  . ASP   A 1 47  ? -6.33976  -11.51345 -13.08137 1.000 13.72000 ? 47  ASP   A CG  1 
ATOM   381  O OD1 . ASP   A 1 47  ? -5.09746  -11.65229 -13.07878 1.000 13.58000 ? 47  ASP   A OD1 1 
ATOM   382  O OD2 . ASP   A 1 47  ? -7.05251  -11.60732 -14.09682 1.000 18.83000 ? 47  ASP   A OD2 1 
ATOM   383  N N   . ASN   A 1 48  ? -7.82787  -11.75922 -8.62346  1.000 11.22000 ? 48  ASN   A N   1 
ATOM   384  C CA  . ASN   A 1 48  ? -8.70178  -11.11458 -7.65790  1.000 11.27000 ? 48  ASN   A CA  1 
ATOM   385  C C   . ASN   A 1 48  ? -7.96839  -10.94971 -6.33571  1.000 11.42000 ? 48  ASN   A C   1 
ATOM   386  O O   . ASN   A 1 48  ? -7.54982  -11.93433 -5.72204  1.000 12.48000 ? 48  ASN   A O   1 
ATOM   387  C CB  . ASN   A 1 48  ? -9.98522  -11.92145 -7.48032  1.000 14.61000 ? 48  ASN   A CB  1 
ATOM   388  C CG  . ASN   A 1 48  ? -10.82242 -11.95882 -8.74901  1.000 19.51000 ? 48  ASN   A CG  1 
ATOM   389  O OD1 . ASN   A 1 48  ? -10.84397 -10.99895 -9.52629  1.000 23.04000 ? 48  ASN   A OD1 1 
ATOM   390  N ND2 . ASN   A 1 48  ? -11.51989 -13.06749 -8.96057  1.000 24.66000 ? 48  ASN   A ND2 1 
ATOM   391  N N   . PHE   A 1 49  ? -7.80681  -9.70417  -5.90444  1.000 9.41000  ? 49  PHE   A N   1 
ATOM   392  C CA  . PHE   A 1 49  ? -7.10967  -9.39162  -4.67006  1.000 7.99000  ? 49  PHE   A CA  1 
ATOM   393  C C   . PHE   A 1 49  ? -8.05509  -8.72503  -3.67962  1.000 9.30000  ? 49  PHE   A C   1 
ATOM   394  O O   . PHE   A 1 49  ? -8.88955  -7.89431  -4.05491  1.000 8.79000  ? 49  PHE   A O   1 
ATOM   395  C CB  . PHE   A 1 49  ? -5.99544  -8.38501  -4.93701  1.000 8.15000  ? 49  PHE   A CB  1 
ATOM   396  C CG  . PHE   A 1 49  ? -4.69146  -8.99973  -5.38225  1.000 8.84000  ? 49  PHE   A CG  1 
ATOM   397  C CD1 . PHE   A 1 49  ? -4.53186  -9.45856  -6.67330  1.000 8.63000  ? 49  PHE   A CD1 1 
ATOM   398  C CD2 . PHE   A 1 49  ? -3.61438  -9.08200  -4.51344  1.000 9.84000  ? 49  PHE   A CD2 1 
ATOM   399  C CE1 . PHE   A 1 49  ? -3.32400  -10.00853 -7.08240  1.000 10.66000 ? 49  PHE   A CE1 1 
ATOM   400  C CE2 . PHE   A 1 49  ? -2.41726  -9.63201  -4.90877  1.000 10.24000 ? 49  PHE   A CE2 1 
ATOM   401  C CZ  . PHE   A 1 49  ? -2.26522  -10.08670 -6.19336  1.000 9.81000  ? 49  PHE   A CZ  1 
ATOM   402  N N   . LYS   A 1 50  ? -7.88959  -9.06960  -2.40733  1.000 7.93000  ? 50  LYS   A N   1 
ATOM   403  C CA  . LYS   A 1 50  ? -8.43736  -8.31327  -1.29009  1.000 9.01000  ? 50  LYS   A CA  1 
ATOM   404  C C   . LYS   A 1 50  ? -7.26076  -7.97819  -0.38749  1.000 10.64000 ? 50  LYS   A C   1 
ATOM   405  O O   . LYS   A 1 50  ? -6.55193  -8.88427  0.06806   1.000 11.54000 ? 50  LYS   A O   1 
ATOM   406  C CB  . LYS   A 1 50  ? -9.48458  -9.13624  -0.53314  1.000 12.39000 ? 50  LYS   A CB  1 
ATOM   407  C CG  . LYS   A 1 50  ? -10.69789 -9.51193  -1.38424  1.000 16.45000 ? 50  LYS   A CG  1 
ATOM   408  C CD  . LYS   A 1 50  ? -11.60697 -10.52046 -0.68546  1.000 22.88000 ? 50  LYS   A CD  1 
ATOM   409  C CE  . LYS   A 1 50  ? -12.47475 -11.26601 -1.69096  1.000 28.07000 ? 50  LYS   A CE  1 
ATOM   410  N NZ  . LYS   A 1 50  ? -11.66040 -11.85026 -2.79582  1.000 29.07000 ? 50  LYS   A NZ  1 
ATOM   411  N N   . THR   A 1 51  ? -7.02120  -6.68950  -0.16691  1.000 8.56000  ? 51  THR   A N   1 
ATOM   412  C CA  . THR   A 1 51  ? -5.87581  -6.24406  0.61641   1.000 7.97000  ? 51  THR   A CA  1 
ATOM   413  C C   . THR   A 1 51  ? -6.34920  -5.38885  1.78083   1.000 8.03000  ? 51  THR   A C   1 
ATOM   414  O O   . THR   A 1 51  ? -7.15243  -4.47122  1.59375   1.000 9.77000  ? 51  THR   A O   1 
ATOM   415  C CB  . THR   A 1 51  ? -4.90942  -5.44044  -0.25672  1.000 7.25000  ? 51  THR   A CB  1 
ATOM   416  O OG1 . THR   A 1 51  ? -4.44253  -6.25982  -1.35048  1.000 14.77000 ? 51  THR   A OG1 1 
ATOM   417  C CG2 . THR   A 1 51  ? -3.71115  -4.92343  0.56395   1.000 9.10000  ? 51  THR   A CG2 1 
ATOM   418  N N   . LYS   A 1 52  ? -5.83730  -5.67725  2.97530   1.000 8.02000  ? 52  LYS   A N   1 
ATOM   419  C CA  . LYS   A 1 52  ? -6.13416  -4.91841  4.18382   1.000 9.05000  ? 52  LYS   A CA  1 
ATOM   420  C C   . LYS   A 1 52  ? -4.82239  -4.40724  4.75623   1.000 9.36000  ? 52  LYS   A C   1 
ATOM   421  O O   . LYS   A 1 52  ? -3.89052  -5.18958  4.96188   1.000 10.62000 ? 52  LYS   A O   1 
ATOM   422  C CB  . LYS   A 1 52  ? -6.80853  -5.82399  5.21524   1.000 10.66000 ? 52  LYS   A CB  1 
ATOM   423  C CG  . LYS   A 1 52  ? -6.98998  -5.17554  6.57157   1.000 13.80000 ? 52  LYS   A CG  1 
ATOM   424  C CD  . LYS   A 1 52  ? -7.38627  -6.20356  7.63710   1.000 19.34000 ? 52  LYS   A CD  1 
ATOM   425  C CE  . LYS   A 1 52  ? -8.82081  -6.64513  7.46365   1.000 20.84000 ? 52  LYS   A CE  1 
ATOM   426  N NZ  . LYS   A 1 52  ? -9.71639  -5.46927  7.33556   1.000 19.61000 ? 52  LYS   A NZ  1 
ATOM   427  N N   . SER   A 1 53  ? -4.74592  -3.10367  5.00900   1.000 7.61000  ? 53  SER   A N   1 
ATOM   428  C CA  . SER   A 1 53  ? -3.64899  -2.50580  5.75529   1.000 7.89000  ? 53  SER   A CA  1 
ATOM   429  C C   . SER   A 1 53  ? -4.20884  -2.06332  7.09632   1.000 8.14000  ? 53  SER   A C   1 
ATOM   430  O O   . SER   A 1 53  ? -5.22978  -1.36765  7.13978   1.000 8.37000  ? 53  SER   A O   1 
ATOM   431  C CB  . SER   A 1 53  ? -3.10279  -1.29204  5.00360   1.000 9.36000  ? 53  SER   A CB  1 
ATOM   432  O OG  . SER   A 1 53  ? -2.26360  -0.50573  5.83224   1.000 8.42000  ? 53  SER   A OG  1 
ATOM   433  N N   . THR   A 1 54  ? -3.55418  -2.45285  8.19259   1.000 7.45000  ? 54  THR   A N   1 
ATOM   434  C CA  A THR   A 1 54  ? -4.05148  -2.11150  9.51867   0.470 9.48000  ? 54  THR   A CA  1 
ATOM   435  C CA  B THR   A 1 54  ? -4.05616  -2.12960  9.51613   0.530 9.47000  ? 54  THR   A CA  1 
ATOM   436  C C   . THR   A 1 54  ? -2.91120  -1.76238  10.45739  1.000 8.21000  ? 54  THR   A C   1 
ATOM   437  O O   . THR   A 1 54  ? -1.76699  -2.17989  10.27249  1.000 9.90000  ? 54  THR   A O   1 
ATOM   438  C CB  A THR   A 1 54  ? -4.81363  -3.25471  10.20413  0.470 12.62000 ? 54  THR   A CB  1 
ATOM   439  C CB  B THR   A 1 54  ? -4.82850  -3.32855  10.10281  0.530 12.57000 ? 54  THR   A CB  1 
ATOM   440  O OG1 A THR   A 1 54  ? -4.00131  -4.43307  10.25008  0.470 13.48000 ? 54  THR   A OG1 1 
ATOM   441  O OG1 B THR   A 1 54  ? -5.62067  -3.94326  9.07993   0.530 16.65000 ? 54  THR   A OG1 1 
ATOM   442  C CG2 A THR   A 1 54  ? -6.08354  -3.55522  9.49618   0.470 15.56000 ? 54  THR   A CG2 1 
ATOM   443  C CG2 B THR   A 1 54  ? -5.75732  -2.88308  11.22244  0.530 8.28000  ? 54  THR   A CG2 1 
ATOM   444  N N   . SER   A 1 55  ? -3.26505  -1.00204  11.48254  1.000 7.59000  ? 55  SER   A N   1 
ATOM   445  C CA  . SER   A 1 55  ? -2.45804  -0.72899  12.66057  1.000 7.99000  ? 55  SER   A CA  1 
ATOM   446  C C   . SER   A 1 55  ? -3.45692  -0.51213  13.78965  1.000 9.23000  ? 55  SER   A C   1 
ATOM   447  O O   . SER   A 1 55  ? -4.66122  -0.71509  13.60972  1.000 8.32000  ? 55  SER   A O   1 
ATOM   448  C CB  . SER   A 1 55  ? -1.61073  0.52259   12.43737  1.000 8.07000  ? 55  SER   A CB  1 
ATOM   449  O OG  . SER   A 1 55  ? -2.45825  1.66260   12.46334  1.000 8.33000  ? 55  SER   A OG  1 
ATOM   450  N N   . THR   A 1 56  ? -2.98065  -0.07148  14.95449  1.000 8.90000  ? 56  THR   A N   1 
ATOM   451  C CA  . THR   A 1 56  ? -3.94071  0.28015   15.99898  1.000 8.95000  ? 56  THR   A CA  1 
ATOM   452  C C   . THR   A 1 56  ? -4.77952  1.50365   15.64365  1.000 8.35000  ? 56  THR   A C   1 
ATOM   453  O O   . THR   A 1 56  ? -5.75643  1.78809   16.34254  1.000 10.38000 ? 56  THR   A O   1 
ATOM   454  C CB  . THR   A 1 56  ? -3.22715  0.53233   17.32838  1.000 10.00000 ? 56  THR   A CB  1 
ATOM   455  O OG1 . THR   A 1 56  ? -2.21432  1.52235   17.14196  1.000 10.77000 ? 56  THR   A OG1 1 
ATOM   456  C CG2 . THR   A 1 56  ? -2.60236  -0.74770  17.87045  1.000 10.75000 ? 56  THR   A CG2 1 
ATOM   457  N N   . PHE   A 1 57  ? -4.39394  2.23662   14.60669  1.000 7.55000  ? 57  PHE   A N   1 
ATOM   458  C CA  . PHE   A 1 57  ? -5.02900  3.51402   14.26973  1.000 7.26000  ? 57  PHE   A CA  1 
ATOM   459  C C   . PHE   A 1 57  ? -5.80324  3.54696   12.99032  1.000 7.98000  ? 57  PHE   A C   1 
ATOM   460  O O   . PHE   A 1 57  ? -6.52540  4.51204   12.74013  1.000 9.59000  ? 57  PHE   A O   1 
ATOM   461  C CB  . PHE   A 1 57  ? -3.87704  4.53109   14.28192  1.000 8.58000  ? 57  PHE   A CB  1 
ATOM   462  C CG  . PHE   A 1 57  ? -4.29919  5.97950   14.24379  1.000 8.87000  ? 57  PHE   A CG  1 
ATOM   463  C CD1 . PHE   A 1 57  ? -5.28344  6.50693   15.04893  1.000 12.77000 ? 57  PHE   A CD1 1 
ATOM   464  C CD2 . PHE   A 1 57  ? -3.64143  6.82981   13.41375  1.000 11.75000 ? 57  PHE   A CD2 1 
ATOM   465  C CE1 . PHE   A 1 57  ? -5.58795  7.86334   14.96311  1.000 15.65000 ? 57  PHE   A CE1 1 
ATOM   466  C CE2 . PHE   A 1 57  ? -3.93949  8.16951   13.31461  1.000 16.89000 ? 57  PHE   A CE2 1 
ATOM   467  C CZ  . PHE   A 1 57  ? -4.92389  8.69295   14.09892  1.000 14.56000 ? 57  PHE   A CZ  1 
ATOM   468  N N   . TRP   A 1 58  ? -5.71085  2.48803   12.19641  1.000 7.46000  ? 58  TRP   A N   1 
ATOM   469  C CA  . TRP   A 1 58  ? -6.47428  2.41034   10.95780  1.000 8.92000  ? 58  TRP   A CA  1 
ATOM   470  C C   . TRP   A 1 58  ? -6.72053  0.96641   10.55060  1.000 7.59000  ? 58  TRP   A C   1 
ATOM   471  O O   . TRP   A 1 58  ? -6.05195  0.05005   11.02910  1.000 8.36000  ? 58  TRP   A O   1 
ATOM   472  C CB  . TRP   A 1 58  ? -5.80696  3.19810   9.81688   1.000 8.58000  ? 58  TRP   A CB  1 
ATOM   473  C CG  . TRP   A 1 58  ? -4.57169  2.56510   9.20673   1.000 6.84000  ? 58  TRP   A CG  1 
ATOM   474  C CD1 . TRP   A 1 58  ? -4.52270  1.60089   8.24723   1.000 8.17000  ? 58  TRP   A CD1 1 
ATOM   475  C CD2 . TRP   A 1 58  ? -3.21871  2.89462   9.49648   1.000 6.92000  ? 58  TRP   A CD2 1 
ATOM   476  N NE1 . TRP   A 1 58  ? -3.22828  1.28988   7.93545   1.000 8.63000  ? 58  TRP   A NE1 1 
ATOM   477  C CE2 . TRP   A 1 58  ? -2.40259  2.07576   8.68978   1.000 7.06000  ? 58  TRP   A CE2 1 
ATOM   478  C CE3 . TRP   A 1 58  ? -2.61557  3.79474   10.36398  1.000 7.27000  ? 58  TRP   A CE3 1 
ATOM   479  C CZ2 . TRP   A 1 58  ? -1.02030  2.13487   8.73082   1.000 8.87000  ? 58  TRP   A CZ2 1 
ATOM   480  C CZ3 . TRP   A 1 58  ? -1.26331  3.84944   10.39964  1.000 9.06000  ? 58  TRP   A CZ3 1 
ATOM   481  C CH2 . TRP   A 1 58  ? -0.46739  3.02836   9.59395   1.000 8.40000  ? 58  TRP   A CH2 1 
ATOM   482  N N   . ASN   A 1 59  ? -7.68244  0.77344   9.66411   1.000 8.17000  ? 59  ASN   A N   1 
ATOM   483  C CA  . ASN   A 1 59  ? -8.03573  -0.54497  9.10950   1.000 9.83000  ? 59  ASN   A CA  1 
ATOM   484  C C   . ASN   A 1 59  ? -8.69222  -0.25712  7.77848   1.000 8.43000  ? 59  ASN   A C   1 
ATOM   485  O O   . ASN   A 1 59  ? -9.84109  0.06980   7.72101   1.000 9.54000  ? 59  ASN   A O   1 
ATOM   486  C CB  . ASN   A 1 59  ? -8.96399  -1.31454  10.11282  1.000 11.24000 ? 59  ASN   A CB  1 
ATOM   487  C CG  . ASN   A 1 59  ? -9.37177  -2.69537  9.61123   1.000 12.29000 ? 59  ASN   A CG  1 
ATOM   488  O OD1 . ASN   A 1 59  ? -8.98980  -3.12949  8.55914   1.000 15.66000 ? 59  ASN   A OD1 1 
ATOM   489  N ND2 . ASN   A 1 59  ? -10.21783 -3.31991  10.35434  1.000 16.45000 ? 59  ASN   A ND2 1 
ATOM   490  N N   . TYR   A 1 60  ? -7.86989  -0.32056  6.73649   1.000 8.84000  ? 60  TYR   A N   1 
ATOM   491  C CA  . TYR   A 1 60  ? -8.23796  0.01687   5.36961   1.000 10.75000 ? 60  TYR   A CA  1 
ATOM   492  C C   . TYR   A 1 60  ? -8.18924  -1.16629  4.43462   1.000 11.03000 ? 60  TYR   A C   1 
ATOM   493  O O   . TYR   A 1 60  ? -7.16672  -1.84296  4.32141   1.000 10.47000 ? 60  TYR   A O   1 
ATOM   494  C CB  . TYR   A 1 60  ? -7.22194  1.04519   4.89930   1.000 10.68000 ? 60  TYR   A CB  1 
ATOM   495  C CG  . TYR   A 1 60  ? -7.28371  1.54088   3.47415   1.000 13.56000 ? 60  TYR   A CG  1 
ATOM   496  C CD1 . TYR   A 1 60  ? -6.71322  0.82076   2.41753   1.000 14.44000 ? 60  TYR   A CD1 1 
ATOM   497  C CD2 . TYR   A 1 60  ? -7.75617  2.83271   3.20946   1.000 17.91000 ? 60  TYR   A CD2 1 
ATOM   498  C CE1 . TYR   A 1 60  ? -6.69900  1.33065   1.11953   1.000 16.06000 ? 60  TYR   A CE1 1 
ATOM   499  C CE2 . TYR   A 1 60  ? -7.75441  3.36709   1.93071   1.000 17.97000 ? 60  TYR   A CE2 1 
ATOM   500  C CZ  . TYR   A 1 60  ? -7.23792  2.60166   0.88701   1.000 21.03000 ? 60  TYR   A CZ  1 
ATOM   501  O OH  . TYR   A 1 60  ? -7.23899  3.11220   -0.39061  1.000 23.66000 ? 60  TYR   A OH  1 
ATOM   502  N N   . ASP   A 1 61  ? -9.29887  -1.41615  3.76158   1.000 11.39000 ? 61  ASP   A N   1 
ATOM   503  C CA  . ASP   A 1 61  ? -9.41945  -2.51117  2.80022   1.000 11.88000 ? 61  ASP   A CA  1 
ATOM   504  C C   . ASP   A 1 61  ? -9.64017  -1.97485  1.38478   1.000 10.72000 ? 61  ASP   A C   1 
ATOM   505  O O   . ASP   A 1 61  ? -10.28900 -1.01745  1.17700   1.000 11.78000 ? 61  ASP   A O   1 
ATOM   506  C CB  . ASP   A 1 61  ? -10.62167 -3.48663  3.06876   1.000 15.61000 ? 61  ASP   A CB  1 
ATOM   507  C CG  . ASP   A 1 61  ? -10.62831 -4.12965  4.40149   1.000 20.63000 ? 61  ASP   A CG  1 
ATOM   508  O OD1 . ASP   A 1 61  ? -9.68882  -4.79818  4.71338   1.000 19.37000 ? 61  ASP   A OD1 1 
ATOM   509  O OD2 . ASP   A 1 61  ? -11.66976 -4.02028  5.08661   1.000 20.92000 ? 61  ASP   A OD2 1 
ATOM   510  N N   . VAL   A 1 62  ? -9.12054  -2.70718  0.42135   1.000 9.83000  ? 62  VAL   A N   1 
ATOM   511  C CA  . VAL   A 1 62  ? -9.33167  -2.42474  -0.97747  1.000 11.19000 ? 62  VAL   A CA  1 
ATOM   512  C C   . VAL   A 1 62  ? -9.33647  -3.73403  -1.76486  1.000 10.88000 ? 62  VAL   A C   1 
ATOM   513  O O   . VAL   A 1 62  ? -8.56201  -4.60644  -1.52341  1.000 12.13000 ? 62  VAL   A O   1 
ATOM   514  C CB  . VAL   A 1 62  ? -8.30900  -1.43036  -1.57395  1.000 9.99000  ? 62  VAL   A CB  1 
ATOM   515  C CG1 . VAL   A 1 62  ? -6.89014  -1.96103  -1.51559  1.000 11.32000 ? 62  VAL   A CG1 1 
ATOM   516  C CG2 . VAL   A 1 62  ? -8.67576  -1.05693  -3.00754  1.000 14.14000 ? 62  VAL   A CG2 1 
ATOM   517  N N   . ASP   A 1 63  ? -10.30269 -3.87126  -2.64228  1.000 10.16000 ? 63  ASP   A N   1 
ATOM   518  C CA  . ASP   A 1 63  ? -10.41267 -5.01831  -3.54458  1.000 10.98000 ? 63  ASP   A CA  1 
ATOM   519  C C   . ASP   A 1 63  ? -10.17170 -4.56831  -4.96184  1.000 12.44000 ? 63  ASP   A C   1 
ATOM   520  O O   . ASP   A 1 63  ? -10.59033 -3.53849  -5.34268  1.000 13.01000 ? 63  ASP   A O   1 
ATOM   521  C CB  . ASP   A 1 63  ? -11.80394 -5.63356  -3.46050  1.000 13.92000 ? 63  ASP   A CB  1 
ATOM   522  C CG  . ASP   A 1 63  ? -12.12814 -6.20208  -2.08538  1.000 18.05000 ? 63  ASP   A CG  1 
ATOM   523  O OD1 . ASP   A 1 63  ? -11.34177 -6.23284  -1.19369  1.000 20.56000 ? 63  ASP   A OD1 1 
ATOM   524  O OD2 . ASP   A 1 63  ? -13.23919 -6.62954  -1.93784  1.000 25.94000 ? 63  ASP   A OD2 1 
ATOM   525  N N   . PHE   A 1 64  ? -9.50461  -5.38779  -5.74154  1.000 10.19000 ? 64  PHE   A N   1 
ATOM   526  C CA  . PHE   A 1 64  ? -9.26232  -5.07205  -7.14305  1.000 9.13000  ? 64  PHE   A CA  1 
ATOM   527  C C   . PHE   A 1 64  ? -8.97197  -6.32845  -7.91505  1.000 9.76000  ? 64  PHE   A C   1 
ATOM   528  O O   . PHE   A 1 64  ? -8.68987  -7.35907  -7.37087  1.000 9.51000  ? 64  PHE   A O   1 
ATOM   529  C CB  . PHE   A 1 64  ? -8.09527  -4.07773  -7.29951  1.000 10.80000 ? 64  PHE   A CB  1 
ATOM   530  C CG  . PHE   A 1 64  ? -6.79526  -4.54650  -6.70729  1.000 8.47000  ? 64  PHE   A CG  1 
ATOM   531  C CD1 . PHE   A 1 64  ? -5.95625  -5.40855  -7.36360  1.000 10.08000 ? 64  PHE   A CD1 1 
ATOM   532  C CD2 . PHE   A 1 64  ? -6.43356  -4.15349  -5.43451  1.000 9.90000  ? 64  PHE   A CD2 1 
ATOM   533  C CE1 . PHE   A 1 64  ? -4.76922  -5.82124  -6.79273  1.000 10.49000 ? 64  PHE   A CE1 1 
ATOM   534  C CE2 . PHE   A 1 64  ? -5.25839  -4.60520  -4.85747  1.000 9.13000  ? 64  PHE   A CE2 1 
ATOM   535  C CZ  . PHE   A 1 64  ? -4.42029  -5.42114  -5.53913  1.000 8.43000  ? 64  PHE   A CZ  1 
ATOM   536  N N   . THR   A 1 65  ? -9.06657  -6.16968  -9.21752  1.000 9.79000  ? 65  THR   A N   1 
ATOM   537  C CA  . THR   A 1 65  ? -8.70736  -7.21554  -10.16057 1.000 9.06000  ? 65  THR   A CA  1 
ATOM   538  C C   . THR   A 1 65  ? -7.51869  -6.73108  -10.96977 1.000 8.74000  ? 65  THR   A C   1 
ATOM   539  O O   . THR   A 1 65  ? -7.55644  -5.63891  -11.54373 1.000 8.89000  ? 65  THR   A O   1 
ATOM   540  C CB  . THR   A 1 65  ? -9.88506  -7.51258  -11.08418 1.000 12.43000 ? 65  THR   A CB  1 
ATOM   541  O OG1 . THR   A 1 65  ? -11.01021 -7.92176  -10.29534 1.000 13.97000 ? 65  THR   A OG1 1 
ATOM   542  C CG2 . THR   A 1 65  ? -9.52280  -8.61282  -12.07673 1.000 12.45000 ? 65  THR   A CG2 1 
ATOM   543  N N   . VAL   A 1 66  ? -6.44856  -7.51917  -10.97605 1.000 9.13000  ? 66  VAL   A N   1 
ATOM   544  C CA  . VAL   A 1 66  ? -5.28238  -7.17446  -11.77155 1.000 9.12000  ? 66  VAL   A CA  1 
ATOM   545  C C   . VAL   A 1 66  ? -5.69772  -6.93067  -13.21387 1.000 9.19000  ? 66  VAL   A C   1 
ATOM   546  O O   . VAL   A 1 66  ? -6.44267  -7.72192  -13.80255 1.000 11.07000 ? 66  VAL   A O   1 
ATOM   547  C CB  . VAL   A 1 66  ? -4.22682  -8.28526  -11.65465 1.000 9.78000  ? 66  VAL   A CB  1 
ATOM   548  C CG1 . VAL   A 1 66  ? -3.08085  -8.03374  -12.61866 1.000 12.41000 ? 66  VAL   A CG1 1 
ATOM   549  C CG2 . VAL   A 1 66  ? -3.71020  -8.35907  -10.22444 1.000 12.34000 ? 66  VAL   A CG2 1 
ATOM   550  N N   . GLY   A 1 67  ? -5.24298  -5.81296  -13.77420 1.000 6.90000  ? 67  GLY   A N   1 
ATOM   551  C CA  . GLY   A 1 67  ? -5.51939  -5.47471  -15.15357 1.000 9.52000  ? 67  GLY   A CA  1 
ATOM   552  C C   . GLY   A 1 67  ? -6.80903  -4.72237  -15.40898 1.000 8.58000  ? 67  GLY   A C   1 
ATOM   553  O O   . GLY   A 1 67  ? -7.08861  -4.41064  -16.57573 1.000 10.24000 ? 67  GLY   A O   1 
ATOM   554  N N   . VAL   A 1 68  ? -7.59986  -4.41539  -14.37939 1.000 7.69000  ? 68  VAL   A N   1 
ATOM   555  C CA  . VAL   A 1 68  ? -8.89398  -3.74981  -14.54143 1.000 8.35000  ? 68  VAL   A CA  1 
ATOM   556  C C   . VAL   A 1 68  ? -8.83377  -2.41788  -13.81422 1.000 8.14000  ? 68  VAL   A C   1 
ATOM   557  O O   . VAL   A 1 68  ? -8.72348  -2.38292  -12.58256 1.000 7.64000  ? 68  VAL   A O   1 
ATOM   558  C CB  . VAL   A 1 68  ? -10.04560 -4.60636  -14.00205 1.000 8.61000  ? 68  VAL   A CB  1 
ATOM   559  C CG1 . VAL   A 1 68  ? -11.36352 -3.86090  -14.10536 1.000 12.52000 ? 68  VAL   A CG1 1 
ATOM   560  C CG2 . VAL   A 1 68  ? -10.12071 -5.93711  -14.74248 1.000 8.82000  ? 68  VAL   A CG2 1 
ATOM   561  N N   . GLU   A 1 69  ? -8.91567  -1.32144  -14.55983 1.000 8.90000  ? 69  GLU   A N   1 
ATOM   562  C CA  . GLU   A 1 69  ? -8.94199  -0.00420  -13.94082 1.000 9.92000  ? 69  GLU   A CA  1 
ATOM   563  C C   . GLU   A 1 69  ? -10.16334 0.12614   -13.03847 1.000 11.86000 ? 69  GLU   A C   1 
ATOM   564  O O   . GLU   A 1 69  ? -11.24440 -0.39988  -13.33219 1.000 13.00000 ? 69  GLU   A O   1 
ATOM   565  C CB  . GLU   A 1 69  ? -8.97374  1.08295   -15.01772 1.000 11.94000 ? 69  GLU   A CB  1 
ATOM   566  C CG  . GLU   A 1 69  ? -8.97383  2.49678   -14.45807 1.000 13.41000 ? 69  GLU   A CG  1 
ATOM   567  C CD  . GLU   A 1 69  ? -9.06543  3.55542   -15.53717 1.000 18.38000 ? 69  GLU   A CD  1 
ATOM   568  O OE1 . GLU   A 1 69  ? -10.19072 3.82239   -16.00717 1.000 23.01000 ? 69  GLU   A OE1 1 
ATOM   569  O OE2 . GLU   A 1 69  ? -8.01293  4.12001   -15.90575 1.000 21.94000 ? 69  GLU   A OE2 1 
ATOM   570  N N   . PHE   A 1 70  ? -9.98948  0.81758   -11.91845 1.000 9.88000  ? 70  PHE   A N   1 
ATOM   571  C CA  . PHE   A 1 70  ? -11.13384 1.10932   -11.06877 1.000 11.18000 ? 70  PHE   A CA  1 
ATOM   572  C C   . PHE   A 1 70  ? -11.06933 2.53316   -10.54584 1.000 13.01000 ? 70  PHE   A C   1 
ATOM   573  O O   . PHE   A 1 70  ? -10.01500 2.99102   -10.09457 1.000 12.48000 ? 70  PHE   A O   1 
ATOM   574  C CB  . PHE   A 1 70  ? -11.32202 0.07891   -9.94374  1.000 14.93000 ? 70  PHE   A CB  1 
ATOM   575  C CG  . PHE   A 1 70  ? -10.15796 -0.05663  -9.00377  1.000 12.98000 ? 70  PHE   A CG  1 
ATOM   576  C CD1 . PHE   A 1 70  ? -8.98119  -0.67555  -9.39730  1.000 14.14000 ? 70  PHE   A CD1 1 
ATOM   577  C CD2 . PHE   A 1 70  ? -10.27469 0.37400   -7.69001  1.000 15.75000 ? 70  PHE   A CD2 1 
ATOM   578  C CE1 . PHE   A 1 70  ? -7.92780  -0.82155  -8.50794  1.000 14.73000 ? 70  PHE   A CE1 1 
ATOM   579  C CE2 . PHE   A 1 70  ? -9.23053  0.22940   -6.80306  1.000 17.26000 ? 70  PHE   A CE2 1 
ATOM   580  C CZ  . PHE   A 1 70  ? -8.06046  -0.37100  -7.20206  1.000 14.55000 ? 70  PHE   A CZ  1 
ATOM   581  N N   . ASP   A 1 71  ? -12.19328 3.23543   -10.64133 1.000 14.00000 ? 71  ASP   A N   1 
ATOM   582  C CA  . ASP   A 1 71  ? -12.30494 4.53287   -10.00109 1.000 15.74000 ? 71  ASP   A CA  1 
ATOM   583  C C   . ASP   A 1 71  ? -12.42755 4.33219   -8.51106  1.000 13.10000 ? 71  ASP   A C   1 
ATOM   584  O O   . ASP   A 1 71  ? -13.25624 3.54779   -8.03829  1.000 17.34000 ? 71  ASP   A O   1 
ATOM   585  C CB  . ASP   A 1 71  ? -13.51151 5.29958   -10.51551 1.000 18.23000 ? 71  ASP   A CB  1 
ATOM   586  C CG  . ASP   A 1 71  ? -13.20836 6.04602   -11.77420 1.000 26.28000 ? 71  ASP   A CG  1 
ATOM   587  O OD1 . ASP   A 1 71  ? -12.67647 5.42832   -12.71966 1.000 31.06000 ? 71  ASP   A OD1 1 
ATOM   588  O OD2 . ASP   A 1 71  ? -13.46153 7.26754   -11.79897 1.000 32.94000 ? 71  ASP   A OD2 1 
ATOM   589  N N   . GLU   A 1 72  ? -11.58952 5.03402   -7.77109  1.000 12.15000 ? 72  GLU   A N   1 
ATOM   590  C CA  . GLU   A 1 72  ? -11.39460 4.75043   -6.36728  1.000 13.81000 ? 72  GLU   A CA  1 
ATOM   591  C C   . GLU   A 1 72  ? -11.48292 6.03108   -5.55932  1.000 11.57000 ? 72  GLU   A C   1 
ATOM   592  O O   . GLU   A 1 72  ? -10.91336 7.05218   -5.93834  1.000 12.86000 ? 72  GLU   A O   1 
ATOM   593  C CB  . GLU   A 1 72  ? -10.01727 4.13763   -6.19375  1.000 15.37000 ? 72  GLU   A CB  1 
ATOM   594  C CG  . GLU   A 1 72  ? -9.62690  4.00026   -4.77947  1.000 21.17000 ? 72  GLU   A CG  1 
ATOM   595  C CD  . GLU   A 1 72  ? -8.38857  3.18819   -4.63526  1.000 13.84000 ? 72  GLU   A CD  1 
ATOM   596  O OE1 . GLU   A 1 72  ? -7.36321  3.49214   -5.29913  1.000 11.79000 ? 72  GLU   A OE1 1 
ATOM   597  O OE2 . GLU   A 1 72  ? -8.46601  2.21827   -3.86301  1.000 16.82000 ? 72  GLU   A OE2 1 
ATOM   598  N N   . TYR   A 1 73  ? -12.20170 5.96855   -4.44521  1.000 11.15000 ? 73  TYR   A N   1 
ATOM   599  C CA  . TYR   A 1 73  ? -12.12701 6.98222   -3.40711  1.000 11.18000 ? 73  TYR   A CA  1 
ATOM   600  C C   . TYR   A 1 73  ? -11.16648 6.45815   -2.34791  1.000 10.33000 ? 73  TYR   A C   1 
ATOM   601  O O   . TYR   A 1 73  ? -11.29133 5.31096   -1.91587  1.000 10.51000 ? 73  TYR   A O   1 
ATOM   602  C CB  . TYR   A 1 73  ? -13.51350 7.18261   -2.80004  1.000 10.78000 ? 73  TYR   A CB  1 
ATOM   603  C CG  . TYR   A 1 73  ? -13.61619 8.24192   -1.74140  1.000 12.06000 ? 73  TYR   A CG  1 
ATOM   604  C CD1 . TYR   A 1 73  ? -13.29568 9.56502   -2.00748  1.000 11.09000 ? 73  TYR   A CD1 1 
ATOM   605  C CD2 . TYR   A 1 73  ? -14.08572 7.91896   -0.47815  1.000 13.35000 ? 73  TYR   A CD2 1 
ATOM   606  C CE1 . TYR   A 1 73  ? -13.42620 10.53421  -1.02612  1.000 14.43000 ? 73  TYR   A CE1 1 
ATOM   607  C CE2 . TYR   A 1 73  ? -14.21657 8.86442   0.49730   1.000 13.52000 ? 73  TYR   A CE2 1 
ATOM   608  C CZ  . TYR   A 1 73  ? -13.89364 10.16793  0.23174   1.000 11.84000 ? 73  TYR   A CZ  1 
ATOM   609  O OH  . TYR   A 1 73  ? -14.04279 11.10495  1.23174   1.000 14.98000 ? 73  TYR   A OH  1 
ATOM   610  N N   . THR   A 1 74  ? -10.19222 7.27976   -1.96085  1.000 9.66000  ? 74  THR   A N   1 
ATOM   611  C CA  . THR   A 1 74  ? -9.15646  6.80933   -1.04675  1.000 9.47000  ? 74  THR   A CA  1 
ATOM   612  C C   . THR   A 1 74  ? -9.58543  6.85119   0.41338   1.000 11.58000 ? 74  THR   A C   1 
ATOM   613  O O   . THR   A 1 74  ? -8.76754  6.53131   1.28606   1.000 11.42000 ? 74  THR   A O   1 
ATOM   614  C CB  . THR   A 1 74  ? -7.83315  7.55488   -1.26624  1.000 8.80000  ? 74  THR   A CB  1 
ATOM   615  O OG1 . THR   A 1 74  ? -8.01257  8.94367   -0.98075  1.000 9.48000  ? 74  THR   A OG1 1 
ATOM   616  C CG2 . THR   A 1 74  ? -7.35049  7.39845   -2.70811  1.000 10.85000 ? 74  THR   A CG2 1 
ATOM   617  N N   . LYS   A 1 75  ? -10.82314 7.24167   0.69847   1.000 10.00000 ? 75  LYS   A N   1 
ATOM   618  C CA  . LYS   A 1 75  ? -11.45190 6.98342   2.00890   1.000 9.90000  ? 75  LYS   A CA  1 
ATOM   619  C C   . LYS   A 1 75  ? -10.67639 7.75398   3.08329   1.000 10.79000 ? 75  LYS   A C   1 
ATOM   620  O O   . LYS   A 1 75  ? -10.26705 8.90178   2.84522   1.000 11.15000 ? 75  LYS   A O   1 
ATOM   621  C CB  . LYS   A 1 75  ? -11.65703 5.49299   2.23825   1.000 9.03000  ? 75  LYS   A CB  1 
ATOM   622  C CG  . LYS   A 1 75  ? -12.71590 4.88819   1.29515   1.000 9.24000  ? 75  LYS   A CG  1 
ATOM   623  C CD  . LYS   A 1 75  ? -12.81237 3.38154   1.44315   1.000 12.36000 ? 75  LYS   A CD  1 
ATOM   624  C CE  . LYS   A 1 75  ? -13.94873 2.78079   0.62008   1.000 14.50000 ? 75  LYS   A CE  1 
ATOM   625  N NZ  . LYS   A 1 75  ? -14.15625 1.33703   0.96995   1.000 17.90000 ? 75  LYS   A NZ  1 
ATOM   626  N N   . SER   A 1 76  ? -10.45679 7.17242   4.26208   1.000 10.18000 ? 76  SER   A N   1 
ATOM   627  C CA  . SER   A 1 76  ? -9.96071  7.97392   5.37181   1.000 10.45000 ? 76  SER   A CA  1 
ATOM   628  C C   . SER   A 1 76  ? -8.49721  8.38381   5.21655   1.000 11.09000 ? 76  SER   A C   1 
ATOM   629  O O   . SER   A 1 76  ? -8.05288  9.29086   5.92668   1.000 13.05000 ? 76  SER   A O   1 
ATOM   630  C CB  . SER   A 1 76  ? -10.19460 7.25717   6.69989   1.000 12.51000 ? 76  SER   A CB  1 
ATOM   631  O OG  . SER   A 1 76  ? -9.23817  6.23151   6.88711   1.000 11.73000 ? 76  SER   A OG  1 
ATOM   632  N N   . LEU   A 1 77  ? -7.74339  7.75674   4.30759   1.000 8.37000  ? 77  LEU   A N   1 
ATOM   633  C CA  . LEU   A 1 77  ? -6.35287  8.14750   4.09966   1.000 9.40000  ? 77  LEU   A CA  1 
ATOM   634  C C   . LEU   A 1 77  ? -6.24939  9.62398   3.73745   1.000 8.85000  ? 77  LEU   A C   1 
ATOM   635  O O   . LEU   A 1 77  ? -5.66160  10.41940  4.47797   1.000 10.28000 ? 77  LEU   A O   1 
ATOM   636  C CB  . LEU   A 1 77  ? -5.71620  7.26687   3.02239   1.000 8.94000  ? 77  LEU   A CB  1 
ATOM   637  C CG  . LEU   A 1 77  ? -4.26118  7.57029   2.64808   1.000 8.33000  ? 77  LEU   A CG  1 
ATOM   638  C CD1 . LEU   A 1 77  ? -3.30702  7.28700   3.81640   1.000 9.11000  ? 77  LEU   A CD1 1 
ATOM   639  C CD2 . LEU   A 1 77  ? -3.87510  6.76469   1.43985   1.000 9.40000  ? 77  LEU   A CD2 1 
ATOM   640  N N   . ASP   A 1 78  ? -6.82851  10.01281  2.59286   1.000 9.10000  ? 78  ASP   A N   1 
ATOM   641  C CA  . ASP   A 1 78  ? -6.76759  11.40524  2.16726   1.000 9.02000  ? 78  ASP   A CA  1 
ATOM   642  C C   . ASP   A 1 78  ? -8.00608  11.86133  1.40039   1.000 8.90000  ? 78  ASP   A C   1 
ATOM   643  O O   . ASP   A 1 78  ? -7.97129  12.95482  0.82190   1.000 10.17000 ? 78  ASP   A O   1 
ATOM   644  C CB  . ASP   A 1 78  ? -5.46219  11.71872  1.39210   1.000 9.21000  ? 78  ASP   A CB  1 
ATOM   645  C CG  . ASP   A 1 78  ? -5.36250  10.97897  0.06611   1.000 8.39000  ? 78  ASP   A CG  1 
ATOM   646  O OD1 . ASP   A 1 78  ? -5.71095  9.77885   0.01088   1.000 7.93000  ? 78  ASP   A OD1 1 
ATOM   647  O OD2 . ASP   A 1 78  ? -4.90380  11.60618  -0.90950  1.000 8.76000  ? 78  ASP   A OD2 1 
ATOM   648  N N   . ASN   A 1 79  ? -9.07814  11.07201  1.35585   1.000 8.96000  ? 79  ASN   A N   1 
ATOM   649  C CA  . ASN   A 1 79  ? -10.37373 11.51712  0.82636   1.000 9.63000  ? 79  ASN   A CA  1 
ATOM   650  C C   . ASN   A 1 79  ? -10.26904 12.08482  -0.58798  1.000 12.54000 ? 79  ASN   A C   1 
ATOM   651  O O   . ASN   A 1 79  ? -10.84864 13.12687  -0.90274  1.000 13.07000 ? 79  ASN   A O   1 
ATOM   652  C CB  . ASN   A 1 79  ? -11.05351 12.52420  1.76167   1.000 12.08000 ? 79  ASN   A CB  1 
ATOM   653  C CG  . ASN   A 1 79  ? -11.16028 12.01951  3.18118   1.000 14.83000 ? 79  ASN   A CG  1 
ATOM   654  O OD1 . ASN   A 1 79  ? -10.29111 12.28113  4.01799   1.000 15.70000 ? 79  ASN   A OD1 1 
ATOM   655  N ND2 . ASN   A 1 79  ? -12.23030 11.28916  3.46493   1.000 13.47000 ? 79  ASN   A ND2 1 
ATOM   656  N N   . ARG   A 1 80  ? -9.54100  11.38675  -1.45683  1.000 9.39000  ? 80  ARG   A N   1 
ATOM   657  C CA  . ARG   A 1 80  ? -9.35654  11.84319  -2.82854  1.000 11.49000 ? 80  ARG   A CA  1 
ATOM   658  C C   . ARG   A 1 80  ? -9.89275  10.81278  -3.81037  1.000 11.73000 ? 80  ARG   A C   1 
ATOM   659  O O   . ARG   A 1 80  ? -10.08439 9.64278   -3.47681  1.000 11.26000 ? 80  ARG   A O   1 
ATOM   660  C CB  . ARG   A 1 80  ? -7.88519  12.12617  -3.15114  1.000 10.16000 ? 80  ARG   A CB  1 
ATOM   661  C CG  . ARG   A 1 80  ? -7.37799  13.42874  -2.57043  1.000 11.54000 ? 80  ARG   A CG  1 
ATOM   662  C CD  . ARG   A 1 80  ? -5.98686  13.74934  -3.05397  1.000 10.33000 ? 80  ARG   A CD  1 
ATOM   663  N NE  . ARG   A 1 80  ? -5.54569  15.07713  -2.62483  1.000 11.54000 ? 80  ARG   A NE  1 
ATOM   664  C CZ  . ARG   A 1 80  ? -4.70592  15.31208  -1.61652  1.000 10.96000 ? 80  ARG   A CZ  1 
ATOM   665  N NH1 . ARG   A 1 80  ? -4.20260  14.30895  -0.90210  1.000 10.69000 ? 80  ARG   A NH1 1 
ATOM   666  N NH2 . ARG   A 1 80  ? -4.36566  16.56240  -1.31765  1.000 11.41000 ? 80  ARG   A NH2 1 
ATOM   667  N N   . HIS   A 1 81  ? -10.12926 11.26837  -5.03905  1.000 11.43000 ? 81  HIS   A N   1 
ATOM   668  C CA  . HIS   A 1 81  ? -10.57093 10.40963  -6.12615  1.000 12.32000 ? 81  HIS   A CA  1 
ATOM   669  C C   . HIS   A 1 81  ? -9.40950  10.16043  -7.07257  1.000 10.14000 ? 81  HIS   A C   1 
ATOM   670  O O   . HIS   A 1 81  ? -8.73862  11.10271  -7.50173  1.000 12.39000 ? 81  HIS   A O   1 
ATOM   671  C CB  . HIS   A 1 81  ? -11.73522 11.06132  -6.86781  1.000 12.70000 ? 81  HIS   A CB  1 
ATOM   672  C CG  . HIS   A 1 81  ? -12.97720 11.13990  -6.04433  1.000 15.72000 ? 81  HIS   A CG  1 
ATOM   673  N ND1 . HIS   A 1 81  ? -13.29428 12.23849  -5.27490  1.000 18.64000 ? 81  HIS   A ND1 1 
ATOM   674  C CD2 . HIS   A 1 81  ? -13.95113 10.22756  -5.81947  1.000 16.58000 ? 81  HIS   A CD2 1 
ATOM   675  C CE1 . HIS   A 1 81  ? -14.43019 12.01267  -4.63965  1.000 15.93000 ? 81  HIS   A CE1 1 
ATOM   676  N NE2 . HIS   A 1 81  ? -14.84591 10.79674  -4.94604  1.000 18.55000 ? 81  HIS   A NE2 1 
ATOM   677  N N   . VAL   A 1 82  ? -9.15874  8.88349   -7.36764  1.000 10.34000 ? 82  VAL   A N   1 
ATOM   678  C CA  . VAL   A 1 82  ? -8.09123  8.48158   -8.27406  1.000 11.40000 ? 82  VAL   A CA  1 
ATOM   679  C C   . VAL   A 1 82  ? -8.62247  7.39396   -9.19610  1.000 11.77000 ? 82  VAL   A C   1 
ATOM   680  O O   . VAL   A 1 82  ? -9.61802  6.72945   -8.90459  1.000 12.48000 ? 82  VAL   A O   1 
ATOM   681  C CB  . VAL   A 1 82  ? -6.82893  7.97641   -7.52651  1.000 9.99000  ? 82  VAL   A CB  1 
ATOM   682  C CG1 . VAL   A 1 82  ? -6.23555  9.07887   -6.65304  1.000 10.52000 ? 82  VAL   A CG1 1 
ATOM   683  C CG2 . VAL   A 1 82  ? -7.14051  6.72064   -6.70628  1.000 10.80000 ? 82  VAL   A CG2 1 
ATOM   684  N N   . LYS   A 1 83  ? -7.94077  7.21588   -10.31704 1.000 10.49000 ? 83  LYS   A N   1 
ATOM   685  C CA  . LYS   A 1 83  ? -8.17483  6.07825   -11.20118 1.000 9.86000  ? 83  LYS   A CA  1 
ATOM   686  C C   . LYS   A 1 83  ? -7.03233  5.10209   -10.96395 1.000 9.04000  ? 83  LYS   A C   1 
ATOM   687  O O   . LYS   A 1 83  ? -5.87484  5.40204   -11.26768 1.000 10.35000 ? 83  LYS   A O   1 
ATOM   688  C CB  . LYS   A 1 83  ? -8.24420  6.52086   -12.66001 1.000 16.30000 ? 83  LYS   A CB  1 
ATOM   689  C CG  . LYS   A 1 83  ? -9.44450  7.40289   -12.95375 1.000 18.65000 ? 83  LYS   A CG  1 
ATOM   690  C CD  . LYS   A 1 83  ? -9.64252  7.59387   -14.44764 1.000 24.41000 ? 83  LYS   A CD  1 
ATOM   691  C CE  . LYS   A 1 83  ? -10.95100 8.30697   -14.72716 1.000 27.77000 ? 83  LYS   A CE  1 
ATOM   692  N NZ  . LYS   A 1 83  ? -11.96152 7.37851   -15.28811 1.000 33.34000 ? 83  LYS   A NZ  1 
ATOM   693  N N   . ALA   A 1 84  ? -7.35550  3.95997   -10.37369 1.000 8.89000  ? 84  ALA   A N   1 
ATOM   694  C CA  . ALA   A 1 84  ? -6.35256  3.01947   -9.91086  1.000 8.39000  ? 84  ALA   A CA  1 
ATOM   695  C C   . ALA   A 1 84  ? -6.22583  1.85404   -10.88050 1.000 7.98000  ? 84  ALA   A C   1 
ATOM   696  O O   . ALA   A 1 84  ? -7.21318  1.39752   -11.46850 1.000 8.34000  ? 84  ALA   A O   1 
ATOM   697  C CB  . ALA   A 1 84  ? -6.72325  2.48609   -8.52813  1.000 9.36000  ? 84  ALA   A CB  1 
ATOM   698  N N   . LEU   A 1 85  ? -5.00239  1.35568   -11.01875 1.000 8.00000  ? 85  LEU   A N   1 
ATOM   699  C CA  . LEU   A 1 85  ? -4.72977  0.22360   -11.88713 1.000 8.01000  ? 85  LEU   A CA  1 
ATOM   700  C C   . LEU   A 1 85  ? -3.59203  -0.57222  -11.27485 1.000 6.85000  ? 85  LEU   A C   1 
ATOM   701  O O   . LEU   A 1 85  ? -2.54292  -0.00511  -10.94980 1.000 9.48000  ? 85  LEU   A O   1 
ATOM   702  C CB  . LEU   A 1 85  ? -4.33991  0.71753   -13.28160 1.000 8.79000  ? 85  LEU   A CB  1 
ATOM   703  C CG  . LEU   A 1 85  ? -3.92116  -0.38438  -14.24755 1.000 8.23000  ? 85  LEU   A CG  1 
ATOM   704  C CD1 . LEU   A 1 85  ? -5.12352  -1.27089  -14.59515 1.000 10.84000 ? 85  LEU   A CD1 1 
ATOM   705  C CD2 . LEU   A 1 85  ? -3.28455  0.20982   -15.50032 1.000 12.44000 ? 85  LEU   A CD2 1 
ATOM   706  N N   . VAL   A 1 86  ? -3.81448  -1.87035  -11.10197 1.000 6.43000  ? 86  VAL   A N   1 
ATOM   707  C CA  . VAL   A 1 86  ? -2.81423  -2.77845  -10.55812 1.000 7.09000  ? 86  VAL   A CA  1 
ATOM   708  C C   . VAL   A 1 86  ? -2.44844  -3.79153  -11.63642 1.000 7.27000  ? 86  VAL   A C   1 
ATOM   709  O O   . VAL   A 1 86  ? -3.33073  -4.43110  -12.22538 1.000 8.41000  ? 86  VAL   A O   1 
ATOM   710  C CB  . VAL   A 1 86  ? -3.30097  -3.48445  -9.28007  1.000 7.15000  ? 86  VAL   A CB  1 
ATOM   711  C CG1 . VAL   A 1 86  ? -2.16195  -4.31776  -8.68869  1.000 8.24000  ? 86  VAL   A CG1 1 
ATOM   712  C CG2 . VAL   A 1 86  ? -3.79286  -2.45920  -8.25520  1.000 8.06000  ? 86  VAL   A CG2 1 
ATOM   713  N N   . THR   A 1 87  ? -1.15124  -3.93826  -11.88708 1.000 7.27000  ? 87  THR   A N   1 
ATOM   714  C CA  . THR   A 1 87  ? -0.64317  -4.82044  -12.92898 1.000 7.19000  ? 87  THR   A CA  1 
ATOM   715  C C   . THR   A 1 87  ? 0.61013   -5.53186  -12.42536 1.000 8.23000  ? 87  THR   A C   1 
ATOM   716  O O   . THR   A 1 87  ? 1.16995   -5.19259  -11.37610 1.000 7.97000  ? 87  THR   A O   1 
ATOM   717  C CB  . THR   A 1 87  ? -0.30807  -4.03098  -14.19797 1.000 10.47000 ? 87  THR   A CB  1 
ATOM   718  O OG1 . THR   A 1 87  ? 0.61938   -2.99237  -13.86695 1.000 12.60000 ? 87  THR   A OG1 1 
ATOM   719  C CG2 . THR   A 1 87  ? -1.57297  -3.42727  -14.80772 1.000 11.91000 ? 87  THR   A CG2 1 
ATOM   720  N N   . TRP   A 1 88  ? 1.06375   -6.51941  -13.19197 1.000 7.72000  ? 88  TRP   A N   1 
ATOM   721  C CA  . TRP   A 1 88  ? 2.31355   -7.21934  -12.91862 1.000 7.34000  ? 88  TRP   A CA  1 
ATOM   722  C C   . TRP   A 1 88  ? 3.40191   -6.69686  -13.84598 1.000 7.72000  ? 88  TRP   A C   1 
ATOM   723  O O   . TRP   A 1 88  ? 3.19676   -6.59044  -15.06157 1.000 8.70000  ? 88  TRP   A O   1 
ATOM   724  C CB  . TRP   A 1 88  ? 2.16997   -8.72546  -13.15477 1.000 7.94000  ? 88  TRP   A CB  1 
ATOM   725  C CG  . TRP   A 1 88  ? 1.33163   -9.43651  -12.17975 1.000 8.33000  ? 88  TRP   A CG  1 
ATOM   726  C CD1 . TRP   A 1 88  ? 0.11077   -9.98611  -12.40302 1.000 9.77000  ? 88  TRP   A CD1 1 
ATOM   727  C CD2 . TRP   A 1 88  ? 1.66320   -9.72088  -10.81898 1.000 9.51000  ? 88  TRP   A CD2 1 
ATOM   728  N NE1 . TRP   A 1 88  ? -0.35779  -10.57960 -11.25841 1.000 9.76000  ? 88  TRP   A NE1 1 
ATOM   729  C CE2 . TRP   A 1 88  ? 0.58483   -10.43645 -10.27127 1.000 8.49000  ? 88  TRP   A CE2 1 
ATOM   730  C CE3 . TRP   A 1 88  ? 2.76891   -9.43923  -10.01117 1.000 8.49000  ? 88  TRP   A CE3 1 
ATOM   731  C CZ2 . TRP   A 1 88  ? 0.57073   -10.86984 -8.94382  1.000 9.24000  ? 88  TRP   A CZ2 1 
ATOM   732  C CZ3 . TRP   A 1 88  ? 2.75042   -9.86563  -8.69396  1.000 9.54000  ? 88  TRP   A CZ3 1 
ATOM   733  C CH2 . TRP   A 1 88  ? 1.66440   -10.57609 -8.17953  1.000 10.46000 ? 88  TRP   A CH2 1 
ATOM   734  N N   . GLU   A 1 89  ? 4.54494   -6.36257  -13.27308 1.000 8.35000  ? 89  GLU   A N   1 
ATOM   735  C CA  . GLU   A 1 89  ? 5.78809   -6.16105  -14.01217 1.000 8.71000  ? 89  GLU   A CA  1 
ATOM   736  C C   . GLU   A 1 89  ? 6.72062   -7.25192  -13.50719 1.000 8.50000  ? 89  GLU   A C   1 
ATOM   737  O O   . GLU   A 1 89  ? 7.29293   -7.12974  -12.42062 1.000 8.94000  ? 89  GLU   A O   1 
ATOM   738  C CB  . GLU   A 1 89  ? 6.36221   -4.77484  -13.76056 1.000 9.51000  ? 89  GLU   A CB  1 
ATOM   739  C CG  . GLU   A 1 89  ? 5.43724   -3.68416  -14.23648 1.000 11.15000 ? 89  GLU   A CG  1 
ATOM   740  C CD  . GLU   A 1 89  ? 5.93941   -2.29127  -13.93772 1.000 15.12000 ? 89  GLU   A CD  1 
ATOM   741  O OE1 . GLU   A 1 89  ? 5.16232   -1.33754  -14.16253 1.000 14.82000 ? 89  GLU   A OE1 1 
ATOM   742  O OE2 . GLU   A 1 89  ? 7.09475   -2.14109  -13.48163 1.000 16.30000 ? 89  GLU   A OE2 1 
ATOM   743  N N   . GLY   A 1 90  ? 6.84719   -8.33901  -14.25793 1.000 9.60000  ? 90  GLY   A N   1 
ATOM   744  C CA  . GLY   A 1 90  ? 7.55218   -9.49295  -13.72205 1.000 10.06000 ? 90  GLY   A CA  1 
ATOM   745  C C   . GLY   A 1 90  ? 6.79204   -10.01131 -12.52213 1.000 10.40000 ? 90  GLY   A C   1 
ATOM   746  O O   . GLY   A 1 90  ? 5.57959   -10.23233 -12.57589 1.000 11.16000 ? 90  GLY   A O   1 
ATOM   747  N N   . ASP   A 1 91  ? 7.49245   -10.17287 -11.40481 1.000 10.40000 ? 91  ASP   A N   1 
ATOM   748  C CA  . ASP   A 1 91  ? 6.85159   -10.57207 -10.15814 1.000 12.29000 ? 91  ASP   A CA  1 
ATOM   749  C C   . ASP   A 1 91  ? 6.57675   -9.39456  -9.22367  1.000 8.59000  ? 91  ASP   A C   1 
ATOM   750  O O   . ASP   A 1 91  ? 6.31914   -9.60535  -8.03206  1.000 11.59000 ? 91  ASP   A O   1 
ATOM   751  C CB  . ASP   A 1 91  ? 7.64952   -11.67447 -9.45157  1.000 14.35000 ? 91  ASP   A CB  1 
ATOM   752  C CG  . ASP   A 1 91  ? 9.06864   -11.25314 -9.11204  1.000 15.31000 ? 91  ASP   A CG  1 
ATOM   753  O OD1 . ASP   A 1 91  ? 9.48439   -10.13036 -9.46061  1.000 17.33000 ? 91  ASP   A OD1 1 
ATOM   754  O OD2 . ASP   A 1 91  ? 9.77556   -12.06163 -8.47704  1.000 23.67000 ? 91  ASP   A OD2 1 
ATOM   755  N N   . VAL   A 1 92  ? 6.63630   -8.16900  -9.72441  1.000 7.49000  ? 92  VAL   A N   1 
ATOM   756  C CA  . VAL   A 1 92  ? 6.33643   -6.98333  -8.93090  1.000 8.46000  ? 92  VAL   A CA  1 
ATOM   757  C C   . VAL   A 1 92  ? 4.89924   -6.57475  -9.21662  1.000 7.11000  ? 92  VAL   A C   1 
ATOM   758  O O   . VAL   A 1 92  ? 4.52412   -6.36560  -10.38111 1.000 7.72000  ? 92  VAL   A O   1 
ATOM   759  C CB  . VAL   A 1 92  ? 7.30873   -5.83768  -9.24680  1.000 8.17000  ? 92  VAL   A CB  1 
ATOM   760  C CG1 . VAL   A 1 92  ? 6.96203   -4.60803  -8.39231  1.000 10.39000 ? 92  VAL   A CG1 1 
ATOM   761  C CG2 . VAL   A 1 92  ? 8.74813   -6.29257  -9.03343  1.000 9.72000  ? 92  VAL   A CG2 1 
ATOM   762  N N   . LEU   A 1 93  ? 4.09162   -6.46638  -8.16919  1.000 6.83000  ? 93  LEU   A N   1 
ATOM   763  C CA  . LEU   A 1 93  ? 2.71914   -5.98914  -8.27155  1.000 6.36000  ? 93  LEU   A CA  1 
ATOM   764  C C   . LEU   A 1 93  ? 2.75827   -4.46887  -8.17190  1.000 7.25000  ? 93  LEU   A C   1 
ATOM   765  O O   . LEU   A 1 93  ? 3.21293   -3.92275  -7.16272  1.000 8.30000  ? 93  LEU   A O   1 
ATOM   766  C CB  . LEU   A 1 93  ? 1.88137   -6.58499  -7.14001  1.000 6.64000  ? 93  LEU   A CB  1 
ATOM   767  C CG  . LEU   A 1 93  ? 0.36293   -6.42416  -7.26824  1.000 7.19000  ? 93  LEU   A CG  1 
ATOM   768  C CD1 . LEU   A 1 93  ? -0.21453  -7.23490  -8.40934  1.000 8.24000  ? 93  LEU   A CD1 1 
ATOM   769  C CD2 . LEU   A 1 93  ? -0.29992  -6.81816  -5.95838  1.000 8.82000  ? 93  LEU   A CD2 1 
ATOM   770  N N   . VAL   A 1 94  ? 2.35199   -3.78591  -9.22016  1.000 7.30000  ? 94  VAL   A N   1 
ATOM   771  C CA  . VAL   A 1 94  ? 2.45154   -2.35927  -9.35879  1.000 7.04000  ? 94  VAL   A CA  1 
ATOM   772  C C   . VAL   A 1 94  ? 1.07983   -1.71331  -9.42875  1.000 7.40000  ? 94  VAL   A C   1 
ATOM   773  O O   . VAL   A 1 94  ? 0.26977   -2.05126  -10.22429 1.000 7.87000  ? 94  VAL   A O   1 
ATOM   774  C CB  . VAL   A 1 94  ? 3.21312   -2.00407  -10.63789 1.000 9.03000  ? 94  VAL   A CB  1 
ATOM   775  C CG1 . VAL   A 1 94  ? 3.28440   -0.51004  -10.83450 1.000 11.71000 ? 94  VAL   A CG1 1 
ATOM   776  C CG2 . VAL   A 1 94  ? 4.63162   -2.61756  -10.58477 1.000 10.14000 ? 94  VAL   A CG2 1 
ATOM   777  N N   . CYS   A 1 95  ? 0.86223   -0.77543  -8.53536  1.000 7.22000  ? 95  CYS   A N   1 
ATOM   778  C CA  . CYS   A 1 95  ? -0.35498  0.00362   -8.50155  1.000 7.36000  ? 95  CYS   A CA  1 
ATOM   779  C C   . CYS   A 1 95  ? -0.01276  1.46295   -8.82395  1.000 7.55000  ? 95  CYS   A C   1 
ATOM   780  O O   . CYS   A 1 95  ? 0.84247   2.04855   -8.24073  1.000 7.81000  ? 95  CYS   A O   1 
ATOM   781  C CB  . CYS   A 1 95  ? -0.98478  -0.02883  -7.08661  1.000 6.86000  ? 95  CYS   A CB  1 
ATOM   782  S SG  . CYS   A 1 95  ? -2.45466  1.07396   -6.92121  1.000 8.57000  ? 95  CYS   A SG  1 
ATOM   783  N N   . VAL   A 1 96  ? -0.73852  2.01655   -9.77360  1.000 8.58000  ? 96  VAL   A N   1 
ATOM   784  C CA  . VAL   A 1 96  ? -0.66647  3.43210   -10.10349 1.000 8.33000  ? 96  VAL   A CA  1 
ATOM   785  C C   . VAL   A 1 96  ? -2.08100  3.99321   -9.84233  1.000 8.94000  ? 96  VAL   A C   1 
ATOM   786  O O   . VAL   A 1 96  ? -3.07270  3.47938   -10.29129 1.000 9.50000  ? 96  VAL   A O   1 
ATOM   787  C CB  . VAL   A 1 96  ? -0.28007  3.65483   -11.60372 1.000 17.62000 ? 96  VAL   A CB  1 
ATOM   788  C CG1 . VAL   A 1 96  ? -0.43057  5.08610   -12.02753 1.000 22.42000 ? 96  VAL   A CG1 1 
ATOM   789  C CG2 . VAL   A 1 96  ? 1.08823   3.07398   -11.93415 1.000 11.66000 ? 96  VAL   A CG2 1 
ATOM   790  N N   . GLN   A 1 97  ? -2.10878  5.09079   -9.09172  1.000 8.67000  ? 97  GLN   A N   1 
ATOM   791  C CA  . GLN   A 1 97  ? -3.33666  5.80390   -8.76723  1.000 8.81000  ? 97  GLN   A CA  1 
ATOM   792  C C   . GLN   A 1 97  ? -3.22869  7.15010   -9.46938  1.000 10.17000 ? 97  GLN   A C   1 
ATOM   793  O O   . GLN   A 1 97  ? -2.52817  8.04936   -9.00218  1.000 9.29000  ? 97  GLN   A O   1 
ATOM   794  C CB  . GLN   A 1 97  ? -3.46936  5.99622   -7.25757  1.000 8.36000  ? 97  GLN   A CB  1 
ATOM   795  C CG  . GLN   A 1 97  ? -3.85143  4.73397   -6.50139  1.000 9.49000  ? 97  GLN   A CG  1 
ATOM   796  C CD  . GLN   A 1 97  ? -3.64386  4.86479   -5.00566  1.000 11.60000 ? 97  GLN   A CD  1 
ATOM   797  O OE1 . GLN   A 1 97  ? -2.58265  5.28981   -4.54882  1.000 10.55000 ? 97  GLN   A OE1 1 
ATOM   798  N NE2 . GLN   A 1 97  ? -4.66131  4.49830   -4.23367  1.000 9.76000  ? 97  GLN   A NE2 1 
ATOM   799  N N   . LYS   A 1 98  ? -3.92175  7.28558   -10.59390 1.000 10.33000 ? 98  LYS   A N   1 
ATOM   800  C CA  . LYS   A 1 98  ? -3.84869  8.49888   -11.39473 1.000 10.97000 ? 98  LYS   A CA  1 
ATOM   801  C C   . LYS   A 1 98  ? -4.78577  9.53950   -10.80967 1.000 9.81000  ? 98  LYS   A C   1 
ATOM   802  O O   . LYS   A 1 98  ? -5.94386  9.23910   -10.51098 1.000 11.80000 ? 98  LYS   A O   1 
ATOM   803  C CB  . LYS   A 1 98  ? -4.27184  8.22443   -12.83513 1.000 13.61000 ? 98  LYS   A CB  1 
ATOM   804  C CG  . LYS   A 1 98  ? -3.28000  7.48840   -13.69677 1.000 19.52000 ? 98  LYS   A CG  1 
ATOM   805  C CD  . LYS   A 1 98  ? -3.72282  7.62405   -15.14931 1.000 27.39000 ? 98  LYS   A CD  1 
ATOM   806  C CE  . LYS   A 1 98  ? -4.52015  6.40773   -15.59996 1.000 30.48000 ? 98  LYS   A CE  1 
ATOM   807  N NZ  . LYS   A 1 98  ? -5.88379  6.34858   -14.99177 1.000 31.90000 ? 98  LYS   A NZ  1 
ATOM   808  N N   . GLY   A 1 99  ? -4.29062  10.76364  -10.67007 1.000 10.29000 ? 99  GLY   A N   1 
ATOM   809  C CA  . GLY   A 1 99  ? -5.08629  11.81429  -10.05326 1.000 12.35000 ? 99  GLY   A CA  1 
ATOM   810  C C   . GLY   A 1 99  ? -4.25607  13.05250  -9.77410  1.000 10.69000 ? 99  GLY   A C   1 
ATOM   811  O O   . GLY   A 1 99  ? -3.30332  13.35390  -10.49617 1.000 13.46000 ? 99  GLY   A O   1 
ATOM   812  N N   . GLU   A 1 100 ? -4.66910  13.80676  -8.76103  1.000 12.19000 ? 100 GLU   A N   1 
ATOM   813  C CA  . GLU   A 1 100 ? -4.00785  15.05502  -8.39341  1.000 13.90000 ? 100 GLU   A CA  1 
ATOM   814  C C   . GLU   A 1 100 ? -2.52698  14.90293  -8.06959  1.000 12.70000 ? 100 GLU   A C   1 
ATOM   815  O O   . GLU   A 1 100 ? -1.70991  15.73413  -8.46398  1.000 13.05000 ? 100 GLU   A O   1 
ATOM   816  C CB  . GLU   A 1 100 ? -4.73154  15.71104  -7.21365  1.000 19.22000 ? 100 GLU   A CB  1 
ATOM   817  C CG  . GLU   A 1 100 ? -3.97995  16.87762  -6.59459  1.000 22.73000 ? 100 GLU   A CG  1 
ATOM   818  C CD  . GLU   A 1 100 ? -4.06712  18.13874  -7.43146  1.000 20.77000 ? 100 GLU   A CD  1 
ATOM   819  O OE1 . GLU   A 1 100 ? -3.25338  19.05899  -7.20958  1.000 20.88000 ? 100 GLU   A OE1 1 
ATOM   820  O OE2 . GLU   A 1 100 ? -4.94989  18.20876  -8.31278  1.000 27.07000 ? 100 GLU   A OE2 1 
ATOM   821  N N   . LYS   A 1 101 ? -2.18580  13.84003  -7.35174  1.000 13.58000 ? 101 LYS   A N   1 
ATOM   822  C CA  . LYS   A 1 101 ? -0.81400  13.61244  -6.96843  1.000 11.38000 ? 101 LYS   A CA  1 
ATOM   823  C C   . LYS   A 1 101 ? 0.01658   12.90035  -8.03709  1.000 10.41000 ? 101 LYS   A C   1 
ATOM   824  O O   . LYS   A 1 101 ? -0.42488  11.99905  -8.65192  1.000 11.41000 ? 101 LYS   A O   1 
ATOM   825  C CB  . LYS   A 1 101 ? -0.73764  12.81812  -5.64906  1.000 9.53000  ? 101 LYS   A CB  1 
ATOM   826  C CG  . LYS   A 1 101 ? -1.47426  13.47718  -4.47895  1.000 11.74000 ? 101 LYS   A CG  1 
ATOM   827  C CD  . LYS   A 1 101 ? -0.65569  14.61860  -3.94403  1.000 11.31000 ? 101 LYS   A CD  1 
ATOM   828  C CE  . LYS   A 1 101 ? -1.43240  15.34154  -2.89205  1.000 12.29000 ? 101 LYS   A CE  1 
ATOM   829  N NZ  . LYS   A 1 101 ? -0.62345  16.45522  -2.34967  1.000 12.35000 ? 101 LYS   A NZ  1 
ATOM   830  N N   . GLU   A 1 102 ? 1.24982   13.34387  -8.22970  1.000 10.12000 ? 102 GLU   A N   1 
ATOM   831  C CA  . GLU   A 1 102 ? 2.14993   12.66939  -9.15695  1.000 11.88000 ? 102 GLU   A CA  1 
ATOM   832  C C   . GLU   A 1 102 ? 2.77742   11.44919  -8.48665  1.000 10.03000 ? 102 GLU   A C   1 
ATOM   833  O O   . GLU   A 1 102 ? 2.90046   11.38623  -7.25781  1.000 10.60000 ? 102 GLU   A O   1 
ATOM   834  C CB  . GLU   A 1 102 ? 3.27686   13.61283  -9.57566  1.000 15.02000 ? 102 GLU   A CB  1 
ATOM   835  C CG  . GLU   A 1 102 ? 2.82463   14.90095  -10.24515 1.000 16.59000 ? 102 GLU   A CG  1 
ATOM   836  C CD  . GLU   A 1 102 ? 4.00141   15.74366  -10.70631 1.000 26.63000 ? 102 GLU   A CD  1 
ATOM   837  O OE1 . GLU   A 1 102 ? 4.30069   15.74186  -11.91882 1.000 29.58000 ? 102 GLU   A OE1 1 
ATOM   838  O OE2 . GLU   A 1 102 ? 4.63281   16.40464  -9.85528  1.000 28.88000 ? 102 GLU   A OE2 1 
ATOM   839  N N   . ASN   A 1 103 ? 3.17983   10.47477  -9.30671  1.000 10.15000 ? 103 ASN   A N   1 
ATOM   840  C CA  . ASN   A 1 103 ? 3.94825   9.31384   -8.84570  1.000 10.57000 ? 103 ASN   A CA  1 
ATOM   841  C C   . ASN   A 1 103 ? 3.25919   8.56902   -7.70694  1.000 8.07000  ? 103 ASN   A C   1 
ATOM   842  O O   . ASN   A 1 103 ? 3.92493   8.04875   -6.80303  1.000 10.09000 ? 103 ASN   A O   1 
ATOM   843  C CB  . ASN   A 1 103 ? 5.36998   9.71007   -8.42822  1.000 12.54000 ? 103 ASN   A CB  1 
ATOM   844  C CG  . ASN   A 1 103 ? 6.09439   10.49432  -9.49981  1.000 15.33000 ? 103 ASN   A CG  1 
ATOM   845  O OD1 . ASN   A 1 103 ? 6.02686   10.15536  -10.68263 1.000 17.47000 ? 103 ASN   A OD1 1 
ATOM   846  N ND2 . ASN   A 1 103 ? 6.78543   11.55220  -9.09424  1.000 16.79000 ? 103 ASN   A ND2 1 
ATOM   847  N N   . ARG   A 1 104 ? 1.93216   8.52117   -7.71905  1.000 9.18000  ? 104 ARG   A N   1 
ATOM   848  C CA  . ARG   A 1 104 ? 1.17959   7.98493   -6.59135  1.000 7.74000  ? 104 ARG   A CA  1 
ATOM   849  C C   . ARG   A 1 104 ? 0.83899   6.52004   -6.81970  1.000 8.16000  ? 104 ARG   A C   1 
ATOM   850  O O   . ARG   A 1 104 ? 0.35416   6.14734   -7.89478  1.000 8.36000  ? 104 ARG   A O   1 
ATOM   851  C CB  . ARG   A 1 104 ? -0.10560  8.77411   -6.36622  1.000 9.02000  ? 104 ARG   A CB  1 
ATOM   852  C CG  . ARG   A 1 104 ? -0.85546  8.27808   -5.14041  1.000 7.71000  ? 104 ARG   A CG  1 
ATOM   853  C CD  . ARG   A 1 104 ? -2.21611  8.93833   -4.95342  1.000 10.28000 ? 104 ARG   A CD  1 
ATOM   854  N NE  . ARG   A 1 104 ? -2.83125  8.34476   -3.77839  1.000 9.14000  ? 104 ARG   A NE  1 
ATOM   855  C CZ  . ARG   A 1 104 ? -3.65246  8.96863   -2.93970  1.000 7.60000  ? 104 ARG   A CZ  1 
ATOM   856  N NH1 . ARG   A 1 104 ? -4.05103  10.21296  -3.16276  1.000 8.31000  ? 104 ARG   A NH1 1 
ATOM   857  N NH2 . ARG   A 1 104 ? -4.09296  8.32992   -1.86703  1.000 9.13000  ? 104 ARG   A NH2 1 
ATOM   858  N N   . GLY   A 1 105 ? 1.08540   5.69915   -5.80968  1.000 7.84000  ? 105 GLY   A N   1 
ATOM   859  C CA  . GLY   A 1 105 ? 0.71573   4.29580   -5.86972  1.000 8.93000  ? 105 GLY   A CA  1 
ATOM   860  C C   . GLY   A 1 105 ? 1.58042   3.48718   -4.91703  1.000 7.41000  ? 105 GLY   A C   1 
ATOM   861  O O   . GLY   A 1 105 ? 2.00532   3.98092   -3.87196  1.000 7.93000  ? 105 GLY   A O   1 
ATOM   862  N N   . TRP   A 1 106 ? 1.82514   2.24239   -5.30476  1.000 7.16000  ? 106 TRP   A N   1 
ATOM   863  C CA  . TRP   A 1 106 ? 2.62359   1.34479   -4.48241  1.000 6.49000  ? 106 TRP   A CA  1 
ATOM   864  C C   . TRP   A 1 106 ? 3.11737   0.19531   -5.34221  1.000 6.78000  ? 106 TRP   A C   1 
ATOM   865  O O   . TRP   A 1 106 ? 2.64350   -0.02196  -6.46320  1.000 8.25000  ? 106 TRP   A O   1 
ATOM   866  C CB  . TRP   A 1 106 ? 1.88195   0.85219   -3.23092  1.000 8.16000  ? 106 TRP   A CB  1 
ATOM   867  C CG  . TRP   A 1 106 ? 0.47247   0.39065   -3.40034  1.000 7.90000  ? 106 TRP   A CG  1 
ATOM   868  C CD1 . TRP   A 1 106 ? -0.64305  1.04842   -2.98945  1.000 9.48000  ? 106 TRP   A CD1 1 
ATOM   869  C CD2 . TRP   A 1 106 ? 0.01857   -0.85461  -3.96564  1.000 7.99000  ? 106 TRP   A CD2 1 
ATOM   870  N NE1 . TRP   A 1 106 ? -1.76863  0.31056   -3.27966  1.000 11.06000 ? 106 TRP   A NE1 1 
ATOM   871  C CE2 . TRP   A 1 106 ? -1.38725  -0.85947  -3.88078  1.000 8.37000  ? 106 TRP   A CE2 1 
ATOM   872  C CE3 . TRP   A 1 106 ? 0.66383   -1.94980  -4.55246  1.000 8.95000  ? 106 TRP   A CE3 1 
ATOM   873  C CZ2 . TRP   A 1 106 ? -2.16461  -1.92137  -4.34975  1.000 9.96000  ? 106 TRP   A CZ2 1 
ATOM   874  C CZ3 . TRP   A 1 106 ? -0.11569  -3.00058  -5.03449  1.000 8.91000  ? 106 TRP   A CZ3 1 
ATOM   875  C CH2 . TRP   A 1 106 ? -1.51376  -2.97427  -4.92306  1.000 10.21000 ? 106 TRP   A CH2 1 
ATOM   876  N N   . LYS   A 1 107 ? 4.09790   -0.53144  -4.80793  1.000 8.61000  ? 107 LYS   A N   1 
ATOM   877  C CA  . LYS   A 1 107 ? 4.60748   -1.74561  -5.43541  1.000 8.25000  ? 107 LYS   A CA  1 
ATOM   878  C C   . LYS   A 1 107 ? 4.82961   -2.76601  -4.33617  1.000 7.92000  ? 107 LYS   A C   1 
ATOM   879  O O   . LYS   A 1 107 ? 5.24331   -2.39641  -3.23396  1.000 10.33000 ? 107 LYS   A O   1 
ATOM   880  C CB  . LYS   A 1 107 ? 5.95248   -1.52103  -6.12341  1.000 10.51000 ? 107 LYS   A CB  1 
ATOM   881  C CG  . LYS   A 1 107 ? 5.98463   -0.37090  -7.10556  1.000 13.66000 ? 107 LYS   A CG  1 
ATOM   882  C CD  . LYS   A 1 107 ? 7.37431   -0.18935  -7.70010  1.000 16.70000 ? 107 LYS   A CD  1 
ATOM   883  C CE  . LYS   A 1 107 ? 7.51754   1.19180   -8.33606  1.000 20.78000 ? 107 LYS   A CE  1 
ATOM   884  N NZ  . LYS   A 1 107 ? 7.48793   2.29683   -7.31505  1.000 19.35000 ? 107 LYS   A NZ  1 
ATOM   885  N N   . LYS   A 1 108 ? 4.59327   -4.02575  -4.63654  1.000 7.64000  ? 108 LYS   A N   1 
ATOM   886  C CA  . LYS   A 1 108 ? 4.84437   -5.13055  -3.69697  1.000 7.71000  ? 108 LYS   A CA  1 
ATOM   887  C C   . LYS   A 1 108 ? 5.54295   -6.24510  -4.42970  1.000 8.03000  ? 108 LYS   A C   1 
ATOM   888  O O   . LYS   A 1 108 ? 5.21487   -6.55958  -5.52746  1.000 7.27000  ? 108 LYS   A O   1 
ATOM   889  C CB  . LYS   A 1 108 ? 3.57463   -5.72330  -3.07507  1.000 8.27000  ? 108 LYS   A CB  1 
ATOM   890  C CG  . LYS   A 1 108 ? 2.45560   -4.75754  -2.75234  1.000 10.19000 ? 108 LYS   A CG  1 
ATOM   891  C CD  . LYS   A 1 108 ? 1.20060   -5.56356  -2.39100  1.000 10.05000 ? 108 LYS   A CD  1 
ATOM   892  C CE  . LYS   A 1 108 ? -0.11580  -4.74575  -2.37422  1.000 10.76000 ? 108 LYS   A CE  1 
ATOM   893  N NZ  . LYS   A 1 108 ? -0.04154  -3.80612  -1.25669  1.000 10.54000 ? 108 LYS   A NZ  1 
ATOM   894  N N   . TRP   A 1 109 ? 6.51172   -6.83971  -3.74158  1.000 6.74000  ? 109 TRP   A N   1 
ATOM   895  C CA  . TRP   A 1 109 ? 7.15677   -8.00745  -4.31496  1.000 7.48000  ? 109 TRP   A CA  1 
ATOM   896  C C   . TRP   A 1 109 ? 7.62287   -8.93685  -3.20910  1.000 6.62000  ? 109 TRP   A C   1 
ATOM   897  O O   . TRP   A 1 109 ? 7.90864   -8.51099  -2.08702  1.000 7.51000  ? 109 TRP   A O   1 
ATOM   898  C CB  . TRP   A 1 109 ? 8.31832   -7.64073  -5.25471  1.000 7.48000  ? 109 TRP   A CB  1 
ATOM   899  C CG  . TRP   A 1 109 ? 9.49417   -7.01249  -4.57487  1.000 7.75000  ? 109 TRP   A CG  1 
ATOM   900  C CD1 . TRP   A 1 109 ? 10.58651  -7.65519  -4.05497  1.000 8.21000  ? 109 TRP   A CD1 1 
ATOM   901  C CD2 . TRP   A 1 109 ? 9.71175   -5.61463  -4.35398  1.000 7.10000  ? 109 TRP   A CD2 1 
ATOM   902  N NE1 . TRP   A 1 109 ? 11.45747  -6.74206  -3.51895  1.000 8.35000  ? 109 TRP   A NE1 1 
ATOM   903  C CE2 . TRP   A 1 109 ? 10.94523  -5.48257  -3.68317  1.000 8.44000  ? 109 TRP   A CE2 1 
ATOM   904  C CE3 . TRP   A 1 109 ? 8.97128   -4.46138  -4.63099  1.000 7.98000  ? 109 TRP   A CE3 1 
ATOM   905  C CZ2 . TRP   A 1 109 ? 11.46256  -4.24049  -3.30473  1.000 8.87000  ? 109 TRP   A CZ2 1 
ATOM   906  C CZ3 . TRP   A 1 109 ? 9.48228   -3.23255  -4.25673  1.000 9.00000  ? 109 TRP   A CZ3 1 
ATOM   907  C CH2 . TRP   A 1 109 ? 10.71513  -3.13137  -3.59689  1.000 9.58000  ? 109 TRP   A CH2 1 
ATOM   908  N N   . ILE   A 1 110 ? 7.66957   -10.21710 -3.53765  1.000 7.78000  ? 110 ILE   A N   1 
ATOM   909  C CA  . ILE   A 1 110 ? 8.29060   -11.21144 -2.67852  1.000 8.04000  ? 110 ILE   A CA  1 
ATOM   910  C C   . ILE   A 1 110 ? 9.78696   -11.19517 -2.95142  1.000 10.27000 ? 110 ILE   A C   1 
ATOM   911  O O   . ILE   A 1 110 ? 10.22128  -11.20113 -4.11228  1.000 12.08000 ? 110 ILE   A O   1 
ATOM   912  C CB  . ILE   A 1 110 ? 7.69254   -12.60312 -2.94782  1.000 10.61000 ? 110 ILE   A CB  1 
ATOM   913  C CG1 . ILE   A 1 110 ? 6.19244   -12.61467 -2.65290  1.000 11.26000 ? 110 ILE   A CG1 1 
ATOM   914  C CG2 . ILE   A 1 110 ? 8.41669   -13.67087 -2.11852  1.000 14.30000 ? 110 ILE   A CG2 1 
ATOM   915  C CD1 . ILE   A 1 110 ? 5.86167   -12.35819 -1.20861  1.000 14.84000 ? 110 ILE   A CD1 1 
ATOM   916  N N   . GLU   A 1 111 ? 10.57925  -11.13961 -1.88989  1.000 11.54000 ? 111 GLU   A N   1 
ATOM   917  C CA  . GLU   A 1 111 ? 12.02946  -11.22637 -1.99260  1.000 10.91000 ? 111 GLU   A CA  1 
ATOM   918  C C   . GLU   A 1 111 ? 12.46025  -12.14612 -0.87076  1.000 9.59000  ? 111 GLU   A C   1 
ATOM   919  O O   . GLU   A 1 111 ? 12.25452  -11.82556 0.30420   1.000 10.39000 ? 111 GLU   A O   1 
ATOM   920  C CB  . GLU   A 1 111 ? 12.67982  -9.84383  -1.85437  1.000 13.31000 ? 111 GLU   A CB  1 
ATOM   921  C CG  . GLU   A 1 111 ? 14.16359  -9.77960  -2.20554  1.000 13.04000 ? 111 GLU   A CG  1 
ATOM   922  C CD  . GLU   A 1 111 ? 14.74730  -8.37930  -2.08049  1.000 13.25000 ? 111 GLU   A CD  1 
ATOM   923  O OE1 . GLU   A 1 111 ? 15.91820  -8.25974  -1.64663  1.000 12.45000 ? 111 GLU   A OE1 1 
ATOM   924  O OE2 . GLU   A 1 111 ? 14.05097  -7.39280  -2.41106  1.000 11.75000 ? 111 GLU   A OE2 1 
ATOM   925  N N   . GLY   A 1 112 ? 13.04205  -13.28253 -1.22836  1.000 10.17000 ? 112 GLY   A N   1 
ATOM   926  C CA  . GLY   A 1 112 ? 13.31097  -14.29180 -0.21897  1.000 15.16000 ? 112 GLY   A CA  1 
ATOM   927  C C   . GLY   A 1 112 ? 11.99668  -14.77982 0.35059   1.000 16.78000 ? 112 GLY   A C   1 
ATOM   928  O O   . GLY   A 1 112 ? 11.07796  -15.15298 -0.38603  1.000 19.67000 ? 112 GLY   A O   1 
ATOM   929  N N   . ASP   A 1 113 ? 11.88137  -14.76052 1.67480   1.000 20.64000 ? 113 ASP   A N   1 
ATOM   930  C CA  . ASP   A 1 113 ? 10.64905  -15.16777 2.33335   1.000 20.38000 ? 113 ASP   A CA  1 
ATOM   931  C C   . ASP   A 1 113 ? 9.74772   -13.99223 2.69457   1.000 19.26000 ? 113 ASP   A C   1 
ATOM   932  O O   . ASP   A 1 113 ? 8.71072   -14.19547 3.33787   1.000 18.10000 ? 113 ASP   A O   1 
ATOM   933  C CB  . ASP   A 1 113 ? 10.95169  -16.00910 3.57636   1.000 25.03000 ? 113 ASP   A CB  1 
ATOM   934  C CG  . ASP   A 1 113 ? 12.08954  -15.43921 4.41815   1.000 28.91000 ? 113 ASP   A CG  1 
ATOM   935  O OD1 . ASP   A 1 113 ? 12.76755  -14.49121 3.96580   1.000 32.15000 ? 113 ASP   A OD1 1 
ATOM   936  O OD2 . ASP   A 1 113 ? 12.30564  -15.94739 5.53965   1.000 36.23000 ? 113 ASP   A OD2 1 
ATOM   937  N N   . LYS   A 1 114 ? 10.12395  -12.77531 2.32676   1.000 12.48000 ? 114 LYS   A N   1 
ATOM   938  C CA  . LYS   A 1 114 ? 9.42653   -11.61010 2.81792   1.000 10.07000 ? 114 LYS   A CA  1 
ATOM   939  C C   . LYS   A 1 114 ? 8.68900   -10.86515 1.73688   1.000 9.38000  ? 114 LYS   A C   1 
ATOM   940  O O   . LYS   A 1 114 ? 8.92002   -11.05127 0.58090   1.000 8.77000  ? 114 LYS   A O   1 
ATOM   941  C CB  . LYS   A 1 114 ? 10.52513  -10.73570 3.42460   1.000 11.41000 ? 114 LYS   A CB  1 
ATOM   942  C CG  . LYS   A 1 114 ? 11.23452  -11.47792 4.55611   1.000 17.41000 ? 114 LYS   A CG  1 
ATOM   943  C CD  . LYS   A 1 114 ? 12.23478  -10.60248 5.22230   1.000 20.47000 ? 114 LYS   A CD  1 
ATOM   944  C CE  . LYS   A 1 114 ? 13.07748  -11.27042 6.31200   1.000 18.99000 ? 114 LYS   A CE  1 
ATOM   945  N NZ  . LYS   A 1 114 ? 12.33712  -11.80514 7.38676   1.000 20.16000 ? 114 LYS   A NZ  1 
ATOM   946  N N   . LEU   A 1 115 ? 7.76361   -10.02341 2.19189   1.000 7.10000  ? 115 LEU   A N   1 
ATOM   947  C CA  . LEU   A 1 115 ? 7.06350   -9.10447  1.30560   1.000 8.05000  ? 115 LEU   A CA  1 
ATOM   948  C C   . LEU   A 1 115 ? 7.66005   -7.71670  1.48124   1.000 7.02000  ? 115 LEU   A C   1 
ATOM   949  O O   . LEU   A 1 115 ? 7.65779   -7.16572  2.58898   1.000 7.71000  ? 115 LEU   A O   1 
ATOM   950  C CB  . LEU   A 1 115 ? 5.56136   -9.07759  1.58712   1.000 8.70000  ? 115 LEU   A CB  1 
ATOM   951  C CG  . LEU   A 1 115 ? 4.76697   -8.27429  0.55324   1.000 7.56000  ? 115 LEU   A CG  1 
ATOM   952  C CD1 . LEU   A 1 115 ? 4.70758   -9.00788  -0.76681  1.000 11.97000 ? 115 LEU   A CD1 1 
ATOM   953  C CD2 . LEU   A 1 115 ? 3.36390   -7.95625  1.06679   1.000 13.43000 ? 115 LEU   A CD2 1 
ATOM   954  N N   . TYR   A 1 116 ? 8.13108   -7.16836  0.36567   1.000 7.82000  ? 116 TYR   A N   1 
ATOM   955  C CA  . TYR   A 1 116 ? 8.68440   -5.83080  0.32081   1.000 6.62000  ? 116 TYR   A CA  1 
ATOM   956  C C   . TYR   A 1 116 ? 7.66045   -4.94588  -0.33372  1.000 7.82000  ? 116 TYR   A C   1 
ATOM   957  O O   . TYR   A 1 116 ? 6.98662   -5.35962  -1.27700  1.000 7.81000  ? 116 TYR   A O   1 
ATOM   958  C CB  . TYR   A 1 116 ? 9.97181   -5.77082  -0.54853  1.000 8.83000  ? 116 TYR   A CB  1 
ATOM   959  C CG  . TYR   A 1 116 ? 11.17787  -6.32004  0.20635   1.000 9.82000  ? 116 TYR   A CG  1 
ATOM   960  C CD1 . TYR   A 1 116 ? 11.26359  -7.65533  0.49416   1.000 11.99000 ? 116 TYR   A CD1 1 
ATOM   961  C CD2 . TYR   A 1 116 ? 12.19863  -5.51179  0.66192   1.000 11.26000 ? 116 TYR   A CD2 1 
ATOM   962  C CE1 . TYR   A 1 116 ? 12.32204  -8.20715  1.18144   1.000 15.90000 ? 116 TYR   A CE1 1 
ATOM   963  C CE2 . TYR   A 1 116 ? 13.26613  -6.05922  1.36101   1.000 14.99000 ? 116 TYR   A CE2 1 
ATOM   964  C CZ  . TYR   A 1 116 ? 13.32545  -7.40229  1.61518   1.000 12.51000 ? 116 TYR   A CZ  1 
ATOM   965  O OH  . TYR   A 1 116 ? 14.39071  -7.93234  2.30640   1.000 18.96000 ? 116 TYR   A OH  1 
ATOM   966  N N   . GLU   A 1 117 ? 7.53745   -3.73635  0.14777   1.000 7.67000  ? 117 GLU   A N   1 
ATOM   967  C CA  . GLU   A 1 117 ? 6.72669   -2.78265  -0.56366  1.000 7.70000  ? 117 GLU   A CA  1 
ATOM   968  C C   . GLU   A 1 117 ? 7.30507   -1.38684  -0.54782  1.000 8.15000  ? 117 GLU   A C   1 
ATOM   969  O O   . GLU   A 1 117 ? 8.02519   -0.97721  0.30490   1.000 8.65000  ? 117 GLU   A O   1 
ATOM   970  C CB  . GLU   A 1 117 ? 5.25521   -2.78825  -0.17193  1.000 17.60000 ? 117 GLU   A CB  1 
ATOM   971  C CG  . GLU   A 1 117 ? 4.87132   -2.49359  1.18886   1.000 16.06000 ? 117 GLU   A CG  1 
ATOM   972  C CD  . GLU   A 1 117 ? 3.32166   -2.49896  1.35562   1.000 16.20000 ? 117 GLU   A CD  1 
ATOM   973  O OE1 . GLU   A 1 117 ? 2.83865   -1.85718  2.27009   1.000 15.28000 ? 117 GLU   A OE1 1 
ATOM   974  O OE2 . GLU   A 1 117 ? 2.58162   -3.04111  0.53665   1.000 14.84000 ? 117 GLU   A OE2 1 
ATOM   975  N N   . GLU   A 1 118 ? 6.90335   -0.65852  -1.57184  1.000 7.08000  ? 118 GLU   A N   1 
ATOM   976  C CA  . GLU   A 1 118 ? 7.14916   0.78605   -1.72424  1.000 8.11000  ? 118 GLU   A CA  1 
ATOM   977  C C   . GLU   A 1 118 ? 5.77800   1.47542   -1.78021  1.000 7.50000  ? 118 GLU   A C   1 
ATOM   978  O O   . GLU   A 1 118 ? 4.88684   1.01420   -2.42912  1.000 8.49000  ? 118 GLU   A O   1 
ATOM   979  C CB  . GLU   A 1 118 ? 7.86264   1.13389   -3.04498  1.000 12.46000 ? 118 GLU   A CB  1 
ATOM   980  C CG  . GLU   A 1 118 ? 9.33555   0.79741   -3.13200  1.000 13.63000 ? 118 GLU   A CG  1 
ATOM   981  C CD  . GLU   A 1 118 ? 9.99841   1.39225   -4.37088  1.000 20.94000 ? 118 GLU   A CD  1 
ATOM   982  O OE1 . GLU   A 1 118 ? 11.18658  1.47213   -4.31853  1.000 27.69000 ? 118 GLU   A OE1 1 
ATOM   983  O OE2 . GLU   A 1 118 ? 9.36983   1.85362   -5.23847  1.000 15.97000 ? 118 GLU   A OE2 1 
ATOM   984  N N   . LEU   A 1 119 ? 5.69993   2.62249   -1.10991  1.000 7.21000  ? 119 LEU   A N   1 
ATOM   985  C CA  . LEU   A 1 119 ? 4.52508   3.48083   -1.09315  1.000 6.55000  ? 119 LEU   A CA  1 
ATOM   986  C C   . LEU   A 1 119 ? 5.06564   4.77997   -1.67771  1.000 7.84000  ? 119 LEU   A C   1 
ATOM   987  O O   . LEU   A 1 119 ? 6.04944   5.31975   -1.17011  1.000 7.45000  ? 119 LEU   A O   1 
ATOM   988  C CB  . LEU   A 1 119 ? 4.02659   3.69659   0.33305   1.000 7.57000  ? 119 LEU   A CB  1 
ATOM   989  C CG  . LEU   A 1 119 ? 3.59530   2.44340   1.09798   1.000 7.97000  ? 119 LEU   A CG  1 
ATOM   990  C CD1 . LEU   A 1 119 ? 2.88969   2.82065   2.39144   1.000 8.88000  ? 119 LEU   A CD1 1 
ATOM   991  C CD2 . LEU   A 1 119 ? 2.70448   1.56633   0.23182   1.000 10.01000 ? 119 LEU   A CD2 1 
ATOM   992  N N   . THR   A 1 120 ? 4.44341   5.29166   -2.73509  1.000 7.41000  ? 120 THR   A N   1 
ATOM   993  C CA  . THR   A 1 120 ? 4.97802   6.49354   -3.38160  1.000 8.32000  ? 120 THR   A CA  1 
ATOM   994  C C   . THR   A 1 120 ? 3.93134   7.57079   -3.54584  1.000 7.99000  ? 120 THR   A C   1 
ATOM   995  O O   . THR   A 1 120 ? 2.77837   7.32931   -3.73484  1.000 8.07000  ? 120 THR   A O   1 
ATOM   996  C CB  . THR   A 1 120 ? 5.58437   6.18875   -4.76358  1.000 9.13000  ? 120 THR   A CB  1 
ATOM   997  O OG1 . THR   A 1 120 ? 4.57756   5.67426   -5.65569  1.000 8.96000  ? 120 THR   A OG1 1 
ATOM   998  C CG2 . THR   A 1 120 ? 6.71574   5.19223   -4.65662  1.000 9.65000  ? 120 THR   A CG2 1 
ATOM   999  N N   . CYS   A 1 121 ? 4.42387   8.79929   -3.40653  1.000 7.74000  ? 121 CYS   A N   1 
ATOM   1000 C CA  . CYS   A 1 121 ? 3.59083   9.95934   -3.68969  1.000 9.04000  ? 121 CYS   A CA  1 
ATOM   1001 C C   . CYS   A 1 121 ? 4.52164   11.13927  -3.90428  1.000 9.53000  ? 121 CYS   A C   1 
ATOM   1002 O O   . CYS   A 1 121 ? 5.42113   11.36553  -3.09418  1.000 8.48000  ? 121 CYS   A O   1 
ATOM   1003 C CB  . CYS   A 1 121 ? 2.63307   10.25085  -2.52910  1.000 8.96000  ? 121 CYS   A CB  1 
ATOM   1004 S SG  . CYS   A 1 121 ? 1.46561   11.57355  -2.89436  1.000 10.81000 ? 121 CYS   A SG  1 
ATOM   1005 N N   . GLY   A 1 122 ? 4.32509   11.87159  -4.99455  1.000 11.11000 ? 122 GLY   A N   1 
ATOM   1006 C CA  . GLY   A 1 122 ? 5.20564   13.00067  -5.25485  1.000 11.80000 ? 122 GLY   A CA  1 
ATOM   1007 C C   . GLY   A 1 122 ? 6.63434   12.51870  -5.38734  1.000 10.38000 ? 122 GLY   A C   1 
ATOM   1008 O O   . GLY   A 1 122 ? 6.92346   11.56161  -6.10895  1.000 11.16000 ? 122 GLY   A O   1 
ATOM   1009 N N   . ASP   A 1 123 ? 7.54477   13.15157  -4.65316  1.000 10.71000 ? 123 ASP   A N   1 
ATOM   1010 C CA  . ASP   A 1 123 ? 8.94230   12.74283  -4.68795  1.000 11.74000 ? 123 ASP   A CA  1 
ATOM   1011 C C   . ASP   A 1 123 ? 9.32830   11.86355  -3.50048  1.000 12.36000 ? 123 ASP   A C   1 
ATOM   1012 O O   . ASP   A 1 123 ? 10.51971  11.65803  -3.24820  1.000 14.92000 ? 123 ASP   A O   1 
ATOM   1013 C CB  . ASP   A 1 123 ? 9.87973   13.94751  -4.82430  1.000 17.37000 ? 123 ASP   A CB  1 
ATOM   1014 C CG  . ASP   A 1 123 ? 9.88382   14.84498  -3.59685  1.000 18.39000 ? 123 ASP   A CG  1 
ATOM   1015 O OD1 . ASP   A 1 123 ? 9.05462   14.66083  -2.67447  1.000 16.81000 ? 123 ASP   A OD1 1 
ATOM   1016 O OD2 . ASP   A 1 123 ? 10.74411  15.75058  -3.55443  1.000 26.23000 ? 123 ASP   A OD2 1 
ATOM   1017 N N   . GLN   A 1 124 ? 8.34752   11.32819  -2.78077  1.000 10.61000 ? 124 GLN   A N   1 
ATOM   1018 C CA  . GLN   A 1 124 ? 8.58109   10.56542  -1.56239  1.000 10.39000 ? 124 GLN   A CA  1 
ATOM   1019 C C   . GLN   A 1 124 ? 8.38776   9.07645   -1.81169  1.000 8.78000  ? 124 GLN   A C   1 
ATOM   1020 O O   . GLN   A 1 124 ? 7.46354   8.66003   -2.52208  1.000 10.00000 ? 124 GLN   A O   1 
ATOM   1021 C CB  . GLN   A 1 124 ? 7.62133   11.02708  -0.46796  1.000 9.98000  ? 124 GLN   A CB  1 
ATOM   1022 C CG  . GLN   A 1 124 ? 7.85532   12.45968  -0.03070  1.000 12.19000 ? 124 GLN   A CG  1 
ATOM   1023 C CD  . GLN   A 1 124 ? 9.22218   12.65537  0.55446   1.000 13.57000 ? 124 GLN   A CD  1 
ATOM   1024 O OE1 . GLN   A 1 124 ? 9.60854   11.96372  1.48967   1.000 12.57000 ? 124 GLN   A OE1 1 
ATOM   1025 N NE2 . GLN   A 1 124 ? 9.97240   13.60397  0.00667   1.000 18.31000 ? 124 GLN   A NE2 1 
ATOM   1026 N N   . VAL   A 1 125 ? 9.26496   8.27443   -1.21445  1.000 8.22000  ? 125 VAL   A N   1 
ATOM   1027 C CA  . VAL   A 1 125 ? 9.17307   6.82118   -1.26306  1.000 10.28000 ? 125 VAL   A CA  1 
ATOM   1028 C C   . VAL   A 1 125 ? 9.25261   6.30521   0.16521   1.000 8.43000  ? 125 VAL   A C   1 
ATOM   1029 O O   . VAL   A 1 125 ? 10.21941  6.59720   0.88378   1.000 9.46000  ? 125 VAL   A O   1 
ATOM   1030 C CB  . VAL   A 1 125 ? 10.28680  6.18614   -2.11308  1.000 10.81000 ? 125 VAL   A CB  1 
ATOM   1031 C CG1 . VAL   A 1 125 ? 10.09991  4.67159   -2.19144  1.000 11.46000 ? 125 VAL   A CG1 1 
ATOM   1032 C CG2 . VAL   A 1 125 ? 10.32766  6.79314   -3.50406  1.000 11.41000 ? 125 VAL   A CG2 1 
ATOM   1033 N N   . CYS   A 1 126 ? 8.24400   5.55261   0.57680   1.000 7.93000  ? 126 CYS   A N   1 
ATOM   1034 C CA  . CYS   A 1 126 ? 8.27184   4.80828   1.82474   1.000 7.08000  ? 126 CYS   A CA  1 
ATOM   1035 C C   . CYS   A 1 126 ? 8.60313   3.35446   1.49853   1.000 7.95000  ? 126 CYS   A C   1 
ATOM   1036 O O   . CYS   A 1 126 ? 8.01424   2.77825   0.57699   1.000 7.68000  ? 126 CYS   A O   1 
ATOM   1037 C CB  . CYS   A 1 126 ? 6.90187   4.90405   2.50114   1.000 8.13000  ? 126 CYS   A CB  1 
ATOM   1038 S SG  . CYS   A 1 126 ? 6.61074   3.68671   3.79174   1.000 7.68000  ? 126 CYS   A SG  1 
ATOM   1039 N N   . ARG   A 1 127 ? 9.55423   2.77334   2.22855   1.000 8.09000  ? 127 ARG   A N   1 
ATOM   1040 C CA  . ARG   A 1 127 ? 9.96810   1.39267   2.00901   1.000 7.77000  ? 127 ARG   A CA  1 
ATOM   1041 C C   . ARG   A 1 127 ? 9.63925   0.55389   3.22746   1.000 6.75000  ? 127 ARG   A C   1 
ATOM   1042 O O   . ARG   A 1 127 ? 9.93736   0.95028   4.35653   1.000 8.15000  ? 127 ARG   A O   1 
ATOM   1043 C CB  . ARG   A 1 127 ? 11.46337  1.30016   1.71569   1.000 10.25000 ? 127 ARG   A CB  1 
ATOM   1044 C CG  . ARG   A 1 127 ? 11.89069  2.16900   0.55661   1.000 13.29000 ? 127 ARG   A CG  1 
ATOM   1045 C CD  . ARG   A 1 127 ? 13.38829  2.08048   0.33682   1.000 20.82000 ? 127 ARG   A CD  1 
ATOM   1046 N NE  . ARG   A 1 127 ? 13.81766  2.88893   -0.80129  1.000 24.73000 ? 127 ARG   A NE  1 
ATOM   1047 C CZ  . ARG   A 1 127 ? 13.52656  2.60502   -2.06665  1.000 19.67000 ? 127 ARG   A CZ  1 
ATOM   1048 N NH1 . ARG   A 1 127 ? 12.78811  1.54489   -2.36032  1.000 26.07000 ? 127 ARG   A NH1 1 
ATOM   1049 N NH2 . ARG   A 1 127 ? 13.96129  3.39190   -3.03981  1.000 25.87000 ? 127 ARG   A NH2 1 
ATOM   1050 N N   . GLN   A 1 128 ? 9.04853   -0.61060  2.99730   1.000 5.84000  ? 128 GLN   A N   1 
ATOM   1051 C CA  . GLN   A 1 128 ? 8.58481   -1.45892  4.08364   1.000 7.23000  ? 128 GLN   A CA  1 
ATOM   1052 C C   . GLN   A 1 128 ? 8.97099   -2.90063  3.79901   1.000 6.60000  ? 128 GLN   A C   1 
ATOM   1053 O O   . GLN   A 1 128 ? 9.08830   -3.31139  2.63446   1.000 6.93000  ? 128 GLN   A O   1 
ATOM   1054 C CB  . GLN   A 1 128 ? 7.06745   -1.36486  4.24458   1.000 6.91000  ? 128 GLN   A CB  1 
ATOM   1055 C CG  . GLN   A 1 128 ? 6.55416   0.06309   4.42930   1.000 8.78000  ? 128 GLN   A CG  1 
ATOM   1056 C CD  . GLN   A 1 128 ? 5.04529   0.12120   4.61732   1.000 9.71000  ? 128 GLN   A CD  1 
ATOM   1057 O OE1 . GLN   A 1 128 ? 4.31022   -0.62250  3.96858   1.000 10.72000 ? 128 GLN   A OE1 1 
ATOM   1058 N NE2 . GLN   A 1 128 ? 4.58112   0.97960   5.50789   1.000 9.97000  ? 128 GLN   A NE2 1 
ATOM   1059 N N   . VAL   A 1 129 ? 9.15417   -3.66796  4.87285   1.000 7.43000  ? 129 VAL   A N   1 
ATOM   1060 C CA  . VAL   A 1 129 ? 9.42549   -5.09709  4.79497   1.000 7.60000  ? 129 VAL   A CA  1 
ATOM   1061 C C   . VAL   A 1 129 ? 8.52739   -5.79956  5.79769   1.000 7.09000  ? 129 VAL   A C   1 
ATOM   1062 O O   . VAL   A 1 129 ? 8.43504   -5.36848  6.95643   1.000 7.01000  ? 129 VAL   A O   1 
ATOM   1063 C CB  . VAL   A 1 129 ? 10.89937  -5.43562  5.08956   1.000 8.01000  ? 129 VAL   A CB  1 
ATOM   1064 C CG1 . VAL   A 1 129 ? 11.17353  -6.92556  4.80851   1.000 10.29000 ? 129 VAL   A CG1 1 
ATOM   1065 C CG2 . VAL   A 1 129 ? 11.82795  -4.56345  4.26913   1.000 8.59000  ? 129 VAL   A CG2 1 
ATOM   1066 N N   . PHE   A 1 130 ? 7.91436   -6.89703  5.37067   1.000 6.11000  ? 130 PHE   A N   1 
ATOM   1067 C CA  . PHE   A 1 130 ? 7.00980   -7.69028  6.18597   1.000 7.81000  ? 130 PHE   A CA  1 
ATOM   1068 C C   . PHE   A 1 130 ? 7.42962   -9.15253  6.15069   1.000 7.15000  ? 130 PHE   A C   1 
ATOM   1069 O O   . PHE   A 1 130 ? 7.91069   -9.64781  5.12741   1.000 7.43000  ? 130 PHE   A O   1 
ATOM   1070 C CB  . PHE   A 1 130 ? 5.56792   -7.65516  5.64221   1.000 7.34000  ? 130 PHE   A CB  1 
ATOM   1071 C CG  . PHE   A 1 130 ? 4.92175   -6.29566  5.64883   1.000 6.65000  ? 130 PHE   A CG  1 
ATOM   1072 C CD1 . PHE   A 1 130 ? 5.22090   -5.35077  4.67896   1.000 7.91000  ? 130 PHE   A CD1 1 
ATOM   1073 C CD2 . PHE   A 1 130 ? 3.97635   -5.97414  6.61801   1.000 7.51000  ? 130 PHE   A CD2 1 
ATOM   1074 C CE1 . PHE   A 1 130 ? 4.59591   -4.11882  4.68468   1.000 8.36000  ? 130 PHE   A CE1 1 
ATOM   1075 C CE2 . PHE   A 1 130 ? 3.35477   -4.74429  6.62689   1.000 8.00000  ? 130 PHE   A CE2 1 
ATOM   1076 C CZ  . PHE   A 1 130 ? 3.67480   -3.81195  5.66225   1.000 8.43000  ? 130 PHE   A CZ  1 
ATOM   1077 N N   . LYS   A 1 131 ? 7.20956   -9.84946  7.25878   1.000 7.73000  ? 131 LYS   A N   1 
ATOM   1078 C CA  . LYS   A 1 131 ? 7.36261   -11.29466 7.31473   1.000 8.31000  ? 131 LYS   A CA  1 
ATOM   1079 C C   . LYS   A 1 131 ? 5.98991   -11.95404 7.25968   1.000 7.77000  ? 131 LYS   A C   1 
ATOM   1080 O O   . LYS   A 1 131 ? 4.99797   -11.40797 7.74892   1.000 10.27000 ? 131 LYS   A O   1 
ATOM   1081 C CB  . LYS   A 1 131 ? 8.08581   -11.72057 8.59959   1.000 9.91000  ? 131 LYS   A CB  1 
ATOM   1082 C CG  . LYS   A 1 131 ? 7.33916   -11.37951 9.87782   1.000 12.33000 ? 131 LYS   A CG  1 
ATOM   1083 C CD  . LYS   A 1 131 ? 8.07750   -11.90583 11.11101  1.000 17.76000 ? 131 LYS   A CD  1 
ATOM   1084 C CE  . LYS   A 1 131 ? 7.36412   -11.48994 12.39074  1.000 19.04000 ? 131 LYS   A CE  1 
ATOM   1085 N NZ  . LYS   A 1 131 ? 8.08927   -11.94787 13.61048  1.000 30.21000 ? 131 LYS   A NZ  1 
ATOM   1086 N N   . LYS   A 1 132 ? 5.93741   -13.13864 6.66656   1.000 7.69000  ? 132 LYS   A N   1 
ATOM   1087 C CA  . LYS   A 1 132 ? 4.69081   -13.88296 6.56951   1.000 8.76000  ? 132 LYS   A CA  1 
ATOM   1088 C C   . LYS   A 1 132 ? 4.43273   -14.58686 7.89233   1.000 10.26000 ? 132 LYS   A C   1 
ATOM   1089 O O   . LYS   A 1 132 ? 5.26335   -15.38076 8.35313   1.000 12.07000 ? 132 LYS   A O   1 
ATOM   1090 C CB  . LYS   A 1 132 ? 4.77293   -14.89867 5.43196   1.000 12.50000 ? 132 LYS   A CB  1 
ATOM   1091 C CG  . LYS   A 1 132 ? 3.43895   -15.54735 5.09809   1.000 10.97000 ? 132 LYS   A CG  1 
ATOM   1092 C CD  . LYS   A 1 132 ? 3.49866   -16.34616 3.79970   1.000 14.25000 ? 132 LYS   A CD  1 
ATOM   1093 C CE  . LYS   A 1 132 ? 2.19123   -17.11382 3.54898   1.000 12.38000 ? 132 LYS   A CE  1 
ATOM   1094 N NZ  . LYS   A 1 132 ? 2.15110   -17.79062 2.22342   1.000 16.03000 ? 132 LYS   A NZ  1 
ATOM   1095 N N   . LYS   A 1 133 ? 3.28550   -14.31176 8.49302   1.000 10.90000 ? 133 LYS   A N   1 
ATOM   1096 C CA  . LYS   A 1 133 ? 2.95296   -14.86751 9.79419   1.000 13.42000 ? 133 LYS   A CA  1 
ATOM   1097 C C   . LYS   A 1 133 ? 2.75543   -16.37173 9.69492   1.000 17.97000 ? 133 LYS   A C   1 
ATOM   1098 O O   . LYS   A 1 133 ? 3.29821   -17.12135 10.50632  1.000 17.83000 ? 133 LYS   A O   1 
ATOM   1099 C CB  . LYS   A 1 133 ? 1.69221   -14.20550 10.34697  1.000 14.91000 ? 133 LYS   A CB  1 
ATOM   1100 C CG  . LYS   A 1 133 ? 1.35253   -14.60514 11.77623  1.000 17.80000 ? 133 LYS   A CG  1 
ATOM   1101 C CD  . LYS   A 1 133 ? 0.18361   -13.78516 12.30425  1.000 25.93000 ? 133 LYS   A CD  1 
ATOM   1102 C CE  . LYS   A 1 133 ? -0.12403  -14.12752 13.75440  1.000 22.10000 ? 133 LYS   A CE  1 
ATOM   1103 N NZ  . LYS   A 1 133 ? -1.32001  -13.37889 14.23923  1.000 31.18000 ? 133 LYS   A NZ  1 
HETATM 1104 C C01 . A1CKW B 2 .   ? -4.71998  3.94836   4.81332   1.000 30.00000 ? 201 A1CKW A C01 1 
HETATM 1105 C C02 . A1CKW B 2 .   ? -4.04185  4.51109   5.88439   1.000 30.00000 ? 201 A1CKW A C02 1 
HETATM 1106 C C03 . A1CKW B 2 .   ? -2.72303  4.16646   6.12627   1.000 30.00000 ? 201 A1CKW A C03 1 
HETATM 1107 C C04 . A1CKW B 2 .   ? -2.08020  3.25964   5.29955   1.000 30.00000 ? 201 A1CKW A C04 1 
HETATM 1108 C C05 . A1CKW B 2 .   ? -2.75765  2.69784   4.22930   1.000 30.00000 ? 201 A1CKW A C05 1 
HETATM 1109 C C06 . A1CKW B 2 .   ? -4.07676  3.04245   3.98647   1.000 30.00000 ? 201 A1CKW A C06 1 
HETATM 1110 C C07 . A1CKW B 2 .   ? -2.11628  1.79140   3.40093   1.000 30.00000 ? 201 A1CKW A C07 1 
HETATM 1111 C C09 . A1CKW B 2 .   ? -1.67948  0.07773   1.62544   1.000 30.00000 ? 201 A1CKW A C09 1 
HETATM 1112 C C10 . A1CKW B 2 .   ? -0.42299  0.36925   2.29158   1.000 30.00000 ? 201 A1CKW A C10 1 
HETATM 1113 C C11 . A1CKW B 2 .   ? -0.70155  1.46385   3.42586   1.000 30.00000 ? 201 A1CKW A C11 1 
HETATM 1114 C C12 . A1CKW B 2 .   ? -1.88400  -0.90816  0.47837   1.000 30.00000 ? 201 A1CKW A C12 1 
HETATM 1115 C C13 . A1CKW B 2 .   ? -0.88607  -1.66139  0.06912   1.000 30.00000 ? 201 A1CKW A C13 1 
HETATM 1116 C C14 . A1CKW B 2 .   ? -1.09749  -2.64668  -1.07897  1.000 30.00000 ? 201 A1CKW A C14 1 
HETATM 1117 C C18 . A1CKW B 2 .   ? -3.24976  -1.02037  -0.19489  1.000 30.00000 ? 201 A1CKW A C18 1 
HETATM 1118 C C19 . A1CKW B 2 .   ? -6.07714  5.26146   6.77997   1.000 30.00000 ? 201 A1CKW A C19 1 
HETATM 1119 O O17 . A1CKW B 2 .   ? -4.69028  5.42705   6.72006   1.000 30.00000 ? 201 A1CKW A O17 1 
HETATM 1120 S S08 . A1CKW B 2 .   ? -2.78257  0.94637   2.28439   1.000 30.00000 ? 201 A1CKW A S08 1 
HETATM 1121 C C   . ACT   C 3 .   ? -3.50834  7.55948   8.57496   1.000 15.76000 ? 202 ACT   A C   1 
HETATM 1122 O O   . ACT   C 3 .   ? -4.24638  8.31210   7.90098   1.000 22.38000 ? 202 ACT   A O   1 
HETATM 1123 O OXT . ACT   C 3 .   ? -3.95833  7.16427   9.67398   1.000 17.88000 ? 202 ACT   A OXT 1 
HETATM 1124 C CH3 . ACT   C 3 .   ? -2.15678  7.14476   8.07519   1.000 15.22000 ? 202 ACT   A CH3 1 
HETATM 1125 C C   . ACT   D 3 .   ? -5.32381  1.32306   -3.06857  1.000 12.21000 ? 203 ACT   A C   1 
HETATM 1126 O O   . ACT   D 3 .   ? -4.29365  1.28432   -2.36577  1.000 12.50000 ? 203 ACT   A O   1 
HETATM 1127 O OXT . ACT   D 3 .   ? -6.31202  1.90958   -2.57674  1.000 15.36000 ? 203 ACT   A OXT 1 
HETATM 1128 C CH3 . ACT   D 3 .   ? -5.35700  0.70706   -4.43147  1.000 11.49000 ? 203 ACT   A CH3 1 
HETATM 1129 O O   . HOH   E 4 .   ? -5.32388  10.18419  7.36695   1.000 21.02000 ? 301 HOH   A O   1 
HETATM 1130 O O   . HOH   E 4 .   ? -5.89543  2.96744   -15.80619 1.000 30.54000 ? 302 HOH   A O   1 
HETATM 1131 O O   . HOH   E 4 .   ? 4.81074   11.89217  18.89233  1.000 29.05000 ? 303 HOH   A O   1 
HETATM 1132 O O   . HOH   E 4 .   ? -10.21927 -12.33332 2.42047   1.000 35.34000 ? 304 HOH   A O   1 
HETATM 1133 O O   . HOH   E 4 .   ? -11.44544 -6.48796  1.30389   1.000 29.63000 ? 305 HOH   A O   1 
HETATM 1134 O O   . HOH   E 4 .   ? -7.11051  6.30935   -17.19426 1.000 29.38000 ? 306 HOH   A O   1 
HETATM 1135 O O   . HOH   E 4 .   ? -14.74826 13.33095  0.23099   1.000 22.34000 ? 307 HOH   A O   1 
HETATM 1136 O O   . HOH   E 4 .   ? 14.90151  -14.19211 5.31838   1.000 29.27000 ? 308 HOH   A O   1 
HETATM 1137 O O   . HOH   E 4 .   ? 4.34364   16.62851  -7.32068  1.000 21.45000 ? 309 HOH   A O   1 
HETATM 1138 O O   . HOH   E 4 .   ? 7.09574   -16.16538 2.95451   1.000 26.22000 ? 310 HOH   A O   1 
HETATM 1139 O O   . HOH   E 4 .   ? 16.61796  2.57280   2.17693   1.000 31.57000 ? 311 HOH   A O   1 
HETATM 1140 O O   . HOH   E 4 .   ? 5.82645   7.87930   -11.90860 1.000 22.61000 ? 312 HOH   A O   1 
HETATM 1141 O O   . HOH   E 4 .   ? 12.76720  12.77261  -2.56634  1.000 29.93000 ? 313 HOH   A O   1 
HETATM 1142 O O   . HOH   E 4 .   ? 6.71087   4.96459   10.53365  1.000 15.82000 ? 314 HOH   A O   1 
HETATM 1143 O O   . HOH   E 4 .   ? 11.07691  4.55849   10.06336  1.000 18.46000 ? 315 HOH   A O   1 
HETATM 1144 O O   . HOH   E 4 .   ? 10.90504  -10.67415 12.67414  1.000 20.13000 ? 316 HOH   A O   1 
HETATM 1145 O O   . HOH   E 4 .   ? 14.19415  0.46287   4.60603   1.000 19.38000 ? 317 HOH   A O   1 
HETATM 1146 O O   . HOH   E 4 .   ? -2.71907  20.98005  -8.92075  1.000 25.57000 ? 318 HOH   A O   1 
HETATM 1147 O O   . HOH   E 4 .   ? 5.95828   -11.02619 -5.84518  1.000 10.39000 ? 319 HOH   A O   1 
HETATM 1148 O O   . HOH   E 4 .   ? 13.49735  -7.92337  7.40097   1.000 18.02000 ? 320 HOH   A O   1 
HETATM 1149 O O   . HOH   E 4 .   ? -9.68550  -11.60769 -14.33575 1.000 23.22000 ? 321 HOH   A O   1 
HETATM 1150 O O   . HOH   E 4 .   ? -12.86399 -0.79013  -15.39534 1.000 17.27000 ? 322 HOH   A O   1 
HETATM 1151 O O   . HOH   E 4 .   ? -12.19541 14.56357  -4.62700  1.000 29.86000 ? 323 HOH   A O   1 
HETATM 1152 O O   . HOH   E 4 .   ? -8.59182  5.55347   14.03959  1.000 19.96000 ? 324 HOH   A O   1 
HETATM 1153 O O   . HOH   E 4 .   ? 12.02834  -0.54577  5.53839   1.000 11.17000 ? 325 HOH   A O   1 
HETATM 1154 O O   . HOH   E 4 .   ? -9.22306  -12.71509 -3.42241  1.000 17.50000 ? 326 HOH   A O   1 
HETATM 1155 O O   . HOH   E 4 .   ? 8.94771   -3.25192  -11.92332 1.000 20.59000 ? 327 HOH   A O   1 
HETATM 1156 O O   . HOH   E 4 .   ? -6.93143  11.31406  12.13599  1.000 21.42000 ? 328 HOH   A O   1 
HETATM 1157 O O   . HOH   E 4 .   ? 5.94740   1.14622   -14.76541 1.000 27.61000 ? 329 HOH   A O   1 
HETATM 1158 O O   . HOH   E 4 .   ? -5.62863  17.19157  -10.69267 1.000 30.00000 ? 330 HOH   A O   1 
HETATM 1159 O O   . HOH   E 4 .   ? 0.25939   -19.37291 -6.63225  1.000 17.25000 ? 331 HOH   A O   1 
HETATM 1160 O O   . HOH   E 4 .   ? -6.90425  15.40504  1.10573   1.000 19.78000 ? 332 HOH   A O   1 
HETATM 1161 O O   . HOH   E 4 .   ? -11.83398 0.47464   -0.44678  1.000 19.83000 ? 333 HOH   A O   1 
HETATM 1162 O O   . HOH   E 4 .   ? 1.55711   18.17863  -1.33390  1.000 18.93000 ? 334 HOH   A O   1 
HETATM 1163 O O   . HOH   E 4 .   ? 9.72109   -5.96568  -12.47596 1.000 18.07000 ? 335 HOH   A O   1 
HETATM 1164 O O   . HOH   E 4 .   ? -14.32125 -3.62238  4.73278   1.000 23.71000 ? 336 HOH   A O   1 
HETATM 1165 O O   . HOH   E 4 .   ? 3.41368   3.24262   10.64476  1.000 9.12000  ? 337 HOH   A O   1 
HETATM 1166 O O   . HOH   E 4 .   ? -7.35228  -0.66044  13.93835  1.000 22.08000 ? 338 HOH   A O   1 
HETATM 1167 O O   . HOH   E 4 .   ? 4.52452   -18.78037 1.35945   1.000 23.24000 ? 339 HOH   A O   1 
HETATM 1168 O O   . HOH   E 4 .   ? 2.70695   -1.59128  -15.30382 1.000 18.39000 ? 340 HOH   A O   1 
HETATM 1169 O O   . HOH   E 4 .   ? -13.23873 -7.94786  -11.85418 1.000 43.45000 ? 341 HOH   A O   1 
HETATM 1170 O O   . HOH   E 4 .   ? -4.69965  -14.30764 3.26094   1.000 26.22000 ? 342 HOH   A O   1 
HETATM 1171 O O   . HOH   E 4 .   ? 0.02175   -0.63236  15.46069  1.000 9.56000  ? 343 HOH   A O   1 
HETATM 1172 O O   . HOH   E 4 .   ? -8.61518  5.66623   9.48179   1.000 18.30000 ? 344 HOH   A O   1 
HETATM 1173 O O   . HOH   E 4 .   ? -6.34077  6.69229   10.91698  1.000 17.14000 ? 345 HOH   A O   1 
HETATM 1174 O O   . HOH   E 4 .   ? -8.46365  14.25726  4.49604   1.000 21.72000 ? 346 HOH   A O   1 
HETATM 1175 O O   . HOH   E 4 .   ? -3.21578  4.02736   17.58606  1.000 12.44000 ? 347 HOH   A O   1 
HETATM 1176 O O   . HOH   E 4 .   ? 8.35941   -14.53902 6.02870   1.000 19.00000 ? 348 HOH   A O   1 
HETATM 1177 O O   . HOH   E 4 .   ? -0.67842  -4.06440  13.02652  1.000 22.60000 ? 349 HOH   A O   1 
HETATM 1178 O O   . HOH   E 4 .   ? 0.13504   -1.81648  5.99362   1.000 11.46000 ? 350 HOH   A O   1 
HETATM 1179 O O   . HOH   E 4 .   ? -2.33358  5.70964   -1.85231  1.000 12.38000 ? 351 HOH   A O   1 
HETATM 1180 O O   . HOH   E 4 .   ? -12.01864 -7.51110  -7.77818  1.000 27.50000 ? 352 HOH   A O   1 
HETATM 1181 O O   . HOH   E 4 .   ? -14.06437 -7.75369  0.42717   1.000 33.55000 ? 353 HOH   A O   1 
HETATM 1182 O O   . HOH   E 4 .   ? 7.85179   9.08337   -5.37372  1.000 13.13000 ? 354 HOH   A O   1 
HETATM 1183 O O   . HOH   E 4 .   ? 16.76693  -9.09489  0.82936   1.000 12.46000 ? 355 HOH   A O   1 
HETATM 1184 O O   . HOH   E 4 .   ? 2.84303   -15.56466 -0.18619  1.000 20.48000 ? 356 HOH   A O   1 
HETATM 1185 O O   . HOH   E 4 .   ? 5.51850   10.42935  17.00248  1.000 25.15000 ? 357 HOH   A O   1 
HETATM 1186 O O   . HOH   E 4 .   ? -12.08753 -0.27247  3.12979   1.000 20.29000 ? 358 HOH   A O   1 
HETATM 1187 O O   . HOH   E 4 .   ? 3.42505   2.85986   -8.78738  1.000 11.39000 ? 359 HOH   A O   1 
HETATM 1188 O O   . HOH   E 4 .   ? -4.34042  -6.18189  8.08367   1.000 30.00000 ? 360 HOH   A O   1 
HETATM 1189 O O   . HOH   E 4 .   ? 10.77492  -14.26180 7.10770   1.000 24.86000 ? 361 HOH   A O   1 
HETATM 1190 O O   . HOH   E 4 .   ? 9.34006   -13.40368 -6.09860  1.000 29.81000 ? 362 HOH   A O   1 
HETATM 1191 O O   . HOH   E 4 .   ? -4.77672  -12.35465 9.74008   1.000 29.44000 ? 363 HOH   A O   1 
HETATM 1192 O O   . HOH   E 4 .   ? -2.76893  10.69182  -7.94810  1.000 8.69000  ? 364 HOH   A O   1 
HETATM 1193 O O   . HOH   E 4 .   ? -4.80259  14.95040  2.85855   1.000 16.30000 ? 365 HOH   A O   1 
HETATM 1194 O O   . HOH   E 4 .   ? 15.46763  -5.90724  3.87046   1.000 29.50000 ? 366 HOH   A O   1 
HETATM 1195 O O   . HOH   E 4 .   ? -6.41480  -3.02854  -11.18210 1.000 8.22000  ? 367 HOH   A O   1 
HETATM 1196 O O   . HOH   E 4 .   ? 6.30897   0.57691   15.90298  1.000 19.17000 ? 368 HOH   A O   1 
HETATM 1197 O O   . HOH   E 4 .   ? 4.91205   2.95616   -6.49814  1.000 12.11000 ? 369 HOH   A O   1 
HETATM 1198 O O   . HOH   E 4 .   ? -11.58175 -5.90364  9.35976   1.000 26.36000 ? 370 HOH   A O   1 
HETATM 1199 O O   . HOH   E 4 .   ? 12.31779  6.91860   8.06835   1.000 22.71000 ? 371 HOH   A O   1 
HETATM 1200 O O   . HOH   E 4 .   ? -6.60242  12.75366  -6.79690  1.000 11.90000 ? 372 HOH   A O   1 
HETATM 1201 O O   . HOH   E 4 .   ? -0.29136  -0.55895  -12.82952 1.000 11.68000 ? 373 HOH   A O   1 
HETATM 1202 O O   . HOH   E 4 .   ? 10.64252  10.93256  7.04336   1.000 28.15000 ? 374 HOH   A O   1 
HETATM 1203 O O   . HOH   E 4 .   ? 4.78576   -17.16620 -2.96574  1.000 23.23000 ? 375 HOH   A O   1 
HETATM 1204 O O   . HOH   E 4 .   ? -10.80757 5.36355   -18.26625 1.000 28.26000 ? 376 HOH   A O   1 
HETATM 1205 O O   . HOH   E 4 .   ? -8.02348  4.98450   3.95599   1.000 30.00000 ? 377 HOH   A O   1 
HETATM 1206 O O   . HOH   E 4 .   ? -3.79042  -14.94217 5.87198   1.000 27.76000 ? 378 HOH   A O   1 
HETATM 1207 O O   . HOH   E 4 .   ? -0.50481  1.95379   19.34022  1.000 13.06000 ? 379 HOH   A O   1 
HETATM 1208 O O   . HOH   E 4 .   ? -10.81885 2.54457   -1.61271  1.000 21.69000 ? 380 HOH   A O   1 
HETATM 1209 O O   . HOH   E 4 .   ? 4.02593   -14.01679 14.35125  1.000 32.86000 ? 381 HOH   A O   1 
HETATM 1210 O O   . HOH   E 4 .   ? 3.76141   19.07854  -9.60685  1.000 23.73000 ? 382 HOH   A O   1 
HETATM 1211 O O   . HOH   E 4 .   ? -1.36341  10.87053  -11.06683 1.000 14.76000 ? 383 HOH   A O   1 
HETATM 1212 O O   . HOH   E 4 .   ? -10.12601 14.07761  -5.39582  1.000 17.70000 ? 384 HOH   A O   1 
HETATM 1213 O O   . HOH   E 4 .   ? -10.09624 -3.80904  -10.39737 1.000 8.93000  ? 385 HOH   A O   1 
HETATM 1214 O O   . HOH   E 4 .   ? 12.60520  15.89090  -5.69329  1.000 30.11000 ? 386 HOH   A O   1 
HETATM 1215 O O   . HOH   E 4 .   ? 6.52735   1.93653   11.70994  1.000 19.64000 ? 387 HOH   A O   1 
HETATM 1216 O O   . HOH   E 4 .   ? -8.06511  3.45409   16.40482  1.000 35.28000 ? 388 HOH   A O   1 
HETATM 1217 O O   . HOH   E 4 .   ? 14.35411  -10.76953 2.04285   1.000 14.69000 ? 389 HOH   A O   1 
HETATM 1218 O O   . HOH   E 4 .   ? 15.50350  -2.24875  6.88504   1.000 17.19000 ? 390 HOH   A O   1 
HETATM 1219 O O   . HOH   E 4 .   ? 12.85497  5.84817   1.67330   1.000 26.86000 ? 391 HOH   A O   1 
HETATM 1220 O O   . HOH   E 4 .   ? 6.96277   14.66930  2.52488   1.000 20.57000 ? 392 HOH   A O   1 
HETATM 1221 O O   . HOH   E 4 .   ? 11.77756  9.37324   -0.39630  1.000 16.55000 ? 393 HOH   A O   1 
HETATM 1222 O O   . HOH   E 4 .   ? -10.92054 -12.29799 -12.07558 1.000 27.43000 ? 394 HOH   A O   1 
HETATM 1223 O O   . HOH   E 4 .   ? -2.05215  19.35412  5.38080   1.000 22.39000 ? 395 HOH   A O   1 
HETATM 1224 O O   . HOH   E 4 .   ? 0.06352   8.77196   -9.99111  1.000 13.51000 ? 396 HOH   A O   1 
HETATM 1225 O O   . HOH   E 4 .   ? -5.62320  -18.64664 -3.52212  1.000 26.27000 ? 397 HOH   A O   1 
HETATM 1226 O O   . HOH   E 4 .   ? 7.18568   0.37078   -12.08969 1.000 26.60000 ? 398 HOH   A O   1 
HETATM 1227 O O   . HOH   E 4 .   ? -10.12868 11.25235  6.69875   1.000 20.13000 ? 399 HOH   A O   1 
HETATM 1228 O O   . HOH   E 4 .   ? -8.18386  -8.74004  -15.85791 1.000 18.30000 ? 400 HOH   A O   1 
HETATM 1229 O O   . HOH   E 4 .   ? 4.94381   -6.83413  13.36098  1.000 19.32000 ? 401 HOH   A O   1 
HETATM 1230 O O   . HOH   E 4 .   ? -0.66199  14.38300  -11.02357 1.000 24.69000 ? 402 HOH   A O   1 
HETATM 1231 O O   . HOH   E 4 .   ? -13.58681 -1.52506  -12.06803 1.000 21.44000 ? 403 HOH   A O   1 
HETATM 1232 O O   . HOH   E 4 .   ? -1.07098  19.67090  9.49288   1.000 18.71000 ? 404 HOH   A O   1 
HETATM 1233 O O   . HOH   E 4 .   ? 0.40602   5.94185   -2.45436  1.000 14.42000 ? 405 HOH   A O   1 
HETATM 1234 O O   . HOH   E 4 .   ? 8.93436   8.20282   8.60026   1.000 12.96000 ? 406 HOH   A O   1 
HETATM 1235 O O   . HOH   E 4 .   ? 14.81702  -8.07687  5.17341   1.000 21.80000 ? 407 HOH   A O   1 
HETATM 1236 O O   . HOH   E 4 .   ? -2.79933  -12.15770 -11.27907 1.000 18.99000 ? 408 HOH   A O   1 
HETATM 1237 O O   . HOH   E 4 .   ? 2.30181   15.26695  -6.31682  1.000 17.48000 ? 409 HOH   A O   1 
HETATM 1238 O O   . HOH   E 4 .   ? -8.38052  10.68852  -11.22196 1.000 26.45000 ? 410 HOH   A O   1 
HETATM 1239 O O   . HOH   E 4 .   ? -8.96335  -14.36557 -11.56707 1.000 22.14000 ? 411 HOH   A O   1 
HETATM 1240 O O   . HOH   E 4 .   ? -5.91199  13.30436  4.92652   1.000 16.21000 ? 412 HOH   A O   1 
HETATM 1241 O O   . HOH   E 4 .   ? 8.37262   4.21400   14.11365  1.000 21.90000 ? 413 HOH   A O   1 
HETATM 1242 O O   . HOH   E 4 .   ? -4.48354  3.94652   -1.13610  1.000 20.70000 ? 414 HOH   A O   1 
HETATM 1243 O O   . HOH   E 4 .   ? 2.67684   10.85953  -12.17899 1.000 14.74000 ? 415 HOH   A O   1 
HETATM 1244 O O   . HOH   E 4 .   ? -2.92854  18.02111  -10.44284 1.000 30.00000 ? 416 HOH   A O   1 
HETATM 1245 O O   . HOH   E 4 .   ? -11.22262 -8.69695  -5.65975  1.000 18.70000 ? 417 HOH   A O   1 
HETATM 1246 O O   . HOH   E 4 .   ? 10.87675  12.73200  4.42559   1.000 27.22000 ? 418 HOH   A O   1 
HETATM 1247 O O   . HOH   E 4 .   ? 2.88933   5.50075   -9.25278  1.000 15.35000 ? 419 HOH   A O   1 
HETATM 1248 O O   . HOH   E 4 .   ? -2.83321  -16.15527 8.05834   1.000 22.81000 ? 420 HOH   A O   1 
HETATM 1249 O O   . HOH   E 4 .   ? 2.50188   -6.72367  12.36947  1.000 21.36000 ? 421 HOH   A O   1 
HETATM 1250 O O   . HOH   E 4 .   ? -9.36181  -7.09477  2.88086   1.000 21.54000 ? 422 HOH   A O   1 
HETATM 1251 O O   . HOH   E 4 .   ? 6.97947   16.17465  -1.18615  1.000 36.05000 ? 423 HOH   A O   1 
HETATM 1252 O O   . HOH   E 4 .   ? -12.51423 -1.88053  -2.61872  1.000 30.00000 ? 424 HOH   A O   1 
HETATM 1253 O O   . HOH   E 4 .   ? 11.15992  -8.30689  -11.12812 1.000 30.00000 ? 425 HOH   A O   1 
HETATM 1254 O O   . HOH   E 4 .   ? 10.79493  -0.63983  -0.77003  1.000 23.65000 ? 426 HOH   A O   1 
HETATM 1255 O O   . HOH   E 4 .   ? 5.83710   -12.07229 -17.29549 1.000 28.30000 ? 427 HOH   A O   1 
HETATM 1256 O O   . HOH   E 4 .   ? 8.75654   5.39397   8.82968   1.000 11.90000 ? 428 HOH   A O   1 
HETATM 1257 O O   . HOH   E 4 .   ? -11.87078 -2.71357  -7.92020  1.000 29.73000 ? 429 HOH   A O   1 
HETATM 1258 O O   . HOH   E 4 .   ? 0.30477   -15.95304 6.56622   1.000 18.47000 ? 430 HOH   A O   1 
HETATM 1259 O O   . HOH   E 4 .   ? -12.18888 8.27138   -9.05118  1.000 28.25000 ? 431 HOH   A O   1 
HETATM 1260 O O   . HOH   E 4 .   ? -5.72404  18.00042  13.05642  1.000 34.15000 ? 432 HOH   A O   1 
HETATM 1261 O O   . HOH   E 4 .   ? -4.12818  11.71212  -5.77247  1.000 9.82000  ? 433 HOH   A O   1 
HETATM 1262 O O   . HOH   E 4 .   ? 9.33109   10.32595  10.60353  1.000 27.69000 ? 434 HOH   A O   1 
HETATM 1263 O O   . HOH   E 4 .   ? -12.19457 -14.26422 -6.25390  1.000 42.42000 ? 435 HOH   A O   1 
HETATM 1264 O O   . HOH   E 4 .   ? -7.48893  -9.11810  2.95446   1.000 15.94000 ? 436 HOH   A O   1 
HETATM 1265 O O   . HOH   E 4 .   ? -10.55661 1.51341   2.85367   1.000 26.52000 ? 437 HOH   A O   1 
HETATM 1266 O O   . HOH   E 4 .   ? -3.07038  18.38589  12.99697  1.000 16.44000 ? 438 HOH   A O   1 
HETATM 1267 O O   . HOH   E 4 .   ? -5.45030  14.49913  7.42659   1.000 20.22000 ? 439 HOH   A O   1 
HETATM 1268 O O   . HOH   E 4 .   ? 8.15124   -8.15754  13.44441  1.000 30.37000 ? 440 HOH   A O   1 
HETATM 1269 O O   . HOH   E 4 .   ? -8.38255  13.19977  -9.71982  1.000 29.96000 ? 441 HOH   A O   1 
HETATM 1270 O O   . HOH   E 4 .   ? 9.35603   4.75148   -7.32042  1.000 27.38000 ? 442 HOH   A O   1 
HETATM 1271 O O   . HOH   E 4 .   ? -5.99554  4.40827   17.95401  0.50  17.82000 ? 443 HOH   A O   1 
HETATM 1272 O O   . HOH   E 4 .   ? -1.33477  -10.19314 13.00704  1.000 29.65000 ? 444 HOH   A O   1 
HETATM 1273 O O   . HOH   E 4 .   ? 4.00278   -13.74325 -17.18999 1.000 33.98000 ? 445 HOH   A O   1 
HETATM 1274 O O   . HOH   E 4 .   ? 11.61946  -2.19710  1.23498   1.000 18.19000 ? 446 HOH   A O   1 
HETATM 1275 O O   . HOH   E 4 .   ? 2.94673   14.95184  -3.45442  1.000 19.00000 ? 447 HOH   A O   1 
HETATM 1276 O O   . HOH   E 4 .   ? -14.40316 2.51330   -12.71390 1.000 30.00000 ? 448 HOH   A O   1 
HETATM 1277 O O   . HOH   E 4 .   ? 12.69926  11.57396  1.35161   1.000 32.11000 ? 449 HOH   A O   1 
HETATM 1278 O O   . HOH   E 4 .   ? -12.57056 10.19768  6.37207   1.000 19.16000 ? 450 HOH   A O   1 
HETATM 1279 O O   . HOH   E 4 .   ? 7.98518   -15.78070 -10.70049 1.000 42.74000 ? 451 HOH   A O   1 
HETATM 1280 O O   . HOH   E 4 .   ? -7.70682  -21.22006 -5.62221  1.000 19.76000 ? 452 HOH   A O   1 
HETATM 1281 O O   . HOH   E 4 .   ? 0.22614   -14.60509 -16.04448 1.000 26.85000 ? 453 HOH   A O   1 
HETATM 1282 O O   . HOH   E 4 .   ? -2.31084  -15.73128 12.31234  1.000 27.56000 ? 454 HOH   A O   1 
HETATM 1283 O O   . HOH   E 4 .   ? 16.37792  4.18550   -5.01778  1.000 33.20000 ? 455 HOH   A O   1 
HETATM 1284 O O   . HOH   E 4 .   ? -6.31575  12.57601  8.67042   1.000 29.26000 ? 456 HOH   A O   1 
HETATM 1285 O O   . HOH   E 4 .   ? 5.11912   11.43947  -13.52424 1.000 33.76000 ? 457 HOH   A O   1 
HETATM 1286 O O   . HOH   E 4 .   ? -15.33292 5.89894   -7.17301  1.000 25.56000 ? 458 HOH   A O   1 
HETATM 1287 O O   . HOH   E 4 .   ? -16.70517 10.24186  -2.28626  1.000 30.00000 ? 459 HOH   A O   1 
HETATM 1288 O O   . HOH   E 4 .   ? -3.00255  -3.84270  13.33988  1.000 30.31000 ? 460 HOH   A O   1 
HETATM 1289 O O   . HOH   E 4 .   ? 10.94745  9.40942   -5.65941  1.000 28.09000 ? 461 HOH   A O   1 
HETATM 1290 O O   . HOH   E 4 .   ? 11.53545  -14.00140 -5.34077  1.000 23.96000 ? 462 HOH   A O   1 
HETATM 1291 O O   . HOH   E 4 .   ? -12.85573 -3.43717  0.07429   1.000 28.62000 ? 463 HOH   A O   1 
HETATM 1292 O O   . HOH   E 4 .   ? 5.85337   6.14362   -8.93868  1.000 19.49000 ? 464 HOH   A O   1 
HETATM 1293 O O   . HOH   E 4 .   ? 11.74749  -18.18332 2.30562   1.000 35.29000 ? 465 HOH   A O   1 
HETATM 1294 O O   . HOH   E 4 .   ? -0.40805  -3.44026  15.41184  1.000 20.99000 ? 466 HOH   A O   1 
HETATM 1295 O O   . HOH   E 4 .   ? -10.77099 9.24335   -18.04888 1.000 36.42000 ? 467 HOH   A O   1 
HETATM 1296 O O   . HOH   E 4 .   ? 3.70761   16.95839  -2.06608  1.000 26.99000 ? 468 HOH   A O   1 
HETATM 1297 O O   . HOH   E 4 .   ? -16.46330 11.79526  -7.99108  1.000 29.57000 ? 469 HOH   A O   1 
HETATM 1298 O O   . HOH   E 4 .   ? 9.83446   13.41050  -8.58969  1.000 35.25000 ? 470 HOH   A O   1 
HETATM 1299 O O   . HOH   E 4 .   ? 7.36849   -13.43696 -12.95082 1.000 27.74000 ? 471 HOH   A O   1 
HETATM 1300 O O   . HOH   E 4 .   ? 4.04385   2.05104   -13.51449 1.000 23.94000 ? 472 HOH   A O   1 
HETATM 1301 O O   . HOH   E 4 .   ? -14.01913 8.14206   -7.50572  1.000 29.71000 ? 473 HOH   A O   1 
HETATM 1302 O O   . HOH   E 4 .   ? -8.85266  -15.67449 3.77450   1.000 37.00000 ? 474 HOH   A O   1 
HETATM 1303 O O   . HOH   E 4 .   ? -4.61436  -3.54000  15.95690  1.000 26.24000 ? 475 HOH   A O   1 
HETATM 1304 O O   . HOH   E 4 .   ? -16.52927 13.89325  -6.00955  1.000 38.80000 ? 476 HOH   A O   1 
HETATM 1305 O O   . HOH   E 4 .   ? -13.33590 -5.32982  -7.11097  1.000 34.49000 ? 477 HOH   A O   1 
HETATM 1306 O O   . HOH   E 4 .   ? -14.86932 14.29791  -2.43669  1.000 37.77000 ? 478 HOH   A O   1 
HETATM 1307 O O   . HOH   E 4 .   ? 6.75760   4.28490   -10.54132 1.000 26.55000 ? 479 HOH   A O   1 
HETATM 1308 O O   . HOH   E 4 .   ? -12.08655 0.84923   -3.84267  1.000 27.02000 ? 480 HOH   A O   1 
HETATM 1309 O O   . HOH   E 4 .   ? 8.51395   -8.55341  -17.78528 1.000 34.45000 ? 481 HOH   A O   1 
HETATM 1310 O O   . HOH   E 4 .   ? 1.49246   0.79414   -14.45810 1.000 19.42000 ? 482 HOH   A O   1 
HETATM 1311 O O   . HOH   E 4 .   ? 11.47494  11.77991  -7.07533  1.000 32.44000 ? 483 HOH   A O   1 
HETATM 1312 O O   . HOH   E 4 .   ? 15.59979  -9.73606  8.24073   1.000 28.15000 ? 484 HOH   A O   1 
HETATM 1313 O O   . HOH   E 4 .   ? 8.93109   14.48517  4.48516   1.000 28.72000 ? 485 HOH   A O   1 
HETATM 1314 O O   . HOH   E 4 .   ? 4.63753   -16.13516 -12.37196 1.000 30.00000 ? 486 HOH   A O   1 
HETATM 1315 O O   . HOH   E 4 .   ? -6.58743  -2.40663  16.70247  1.000 36.26000 ? 487 HOH   A O   1 
HETATM 1316 O O   . HOH   E 4 .   ? 1.15627   18.50313  -9.09566  1.000 21.55000 ? 488 HOH   A O   1 
HETATM 1317 O O   . HOH   E 4 .   ? 13.74261  13.32506  -5.02449  1.000 30.00000 ? 489 HOH   A O   1 
HETATM 1318 O O   . HOH   E 4 .   ? 7.86287   7.30899   -7.40268  1.000 21.33000 ? 490 HOH   A O   1 
HETATM 1319 O O   . HOH   E 4 .   ? 1.49751   8.23268   -12.26834 1.000 18.10000 ? 491 HOH   A O   1 
HETATM 1320 O O   . HOH   E 4 .   ? -7.34277  -4.56516  13.05947  1.000 38.81000 ? 492 HOH   A O   1 
HETATM 1321 O O   . HOH   E 4 .   ? 5.60517   -16.13959 0.64198   1.000 24.21000 ? 493 HOH   A O   1 
HETATM 1322 O O   . HOH   E 4 .   ? -1.19967  4.72880   19.58765  1.000 14.83000 ? 494 HOH   A O   1 
HETATM 1323 O O   . HOH   E 4 .   ? -1.55176  -13.07034 -14.85179 1.000 23.40000 ? 495 HOH   A O   1 
HETATM 1324 O O   . HOH   E 4 .   ? -6.91581  -14.41719 7.04973   1.000 28.76000 ? 496 HOH   A O   1 
HETATM 1325 O O   . HOH   E 4 .   ? 9.50808   7.93400   -9.41679  1.000 39.31000 ? 497 HOH   A O   1 
HETATM 1326 O O   . HOH   E 4 .   ? 0.66244   12.71903  -12.82662 1.000 27.68000 ? 498 HOH   A O   1 
HETATM 1327 O O   . HOH   E 4 .   ? 7.25657   -17.07571 -1.33040  1.000 27.95000 ? 499 HOH   A O   1 
HETATM 1328 O O   . HOH   E 4 .   ? 5.12651   2.48418   -11.03985 1.000 17.84000 ? 500 HOH   A O   1 
HETATM 1329 O O   . HOH   E 4 .   ? -7.06572  -12.38376 9.07348   1.000 36.51000 ? 501 HOH   A O   1 
HETATM 1330 O O   . HOH   E 4 .   ? -7.72002  9.15646   10.92840  1.000 26.11000 ? 502 HOH   A O   1 
HETATM 1331 O O   . HOH   E 4 .   ? 0.61089   5.59295   23.14255  1.000 21.72000 ? 503 HOH   A O   1 
HETATM 1332 O O   . HOH   E 4 .   ? -8.41168  -11.22319 3.98044   1.000 31.35000 ? 504 HOH   A O   1 
HETATM 1333 O O   . HOH   E 4 .   ? 7.60073   6.45705   -12.79907 1.000 38.73000 ? 505 HOH   A O   1 
HETATM 1334 O O   . HOH   E 4 .   ? -12.64897 -3.38430  -9.96579  1.000 33.94000 ? 506 HOH   A O   1 
HETATM 1335 O O   . HOH   E 4 .   ? -4.08207  -10.36073 11.32678  1.000 32.86000 ? 507 HOH   A O   1 
HETATM 1336 O O   . HOH   E 4 .   ? -7.18849  -13.76022 4.60790   1.000 37.30000 ? 508 HOH   A O   1 
HETATM 1337 O O   . HOH   E 4 .   ? 13.76705  6.02159   9.55796   1.000 36.21000 ? 509 HOH   A O   1 
HETATM 1338 O O   . HOH   E 4 .   ? 3.37890   6.44030   -11.77098 1.000 17.15000 ? 510 HOH   A O   1 
HETATM 1339 O O   . HOH   E 4 .   ? 13.79135  -1.70520  3.01630   1.000 20.21000 ? 511 HOH   A O   1 
HETATM 1340 O O   . HOH   E 4 .   ? -7.93961  -10.00518 8.53293   1.000 34.03000 ? 512 HOH   A O   1 
HETATM 1341 O O   . HOH   E 4 .   ? 3.35768   4.92732   -14.03985 1.000 24.97000 ? 513 HOH   A O   1 
HETATM 1342 O O   . HOH   E 4 .   ? 1.78145   4.79470   -15.96541 1.000 37.75000 ? 514 HOH   A O   1 
# 
